data_2E5H
#
_entry.id   2E5H
#
_entity_poly.entity_id   1
_entity_poly.type   'polypeptide(L)'
_entity_poly.pdbx_seq_one_letter_code
;GSSGSSGMSGGLAPSKSTVYVSNLPFSLTNNDLYRIFSKYGKVVKVTIMKDKDTRKSKGVAFILFLDKDSAQNCTRAINN
KQLFGRVIKASIAI
;
_entity_poly.pdbx_strand_id   A
#
# COMPACT_ATOMS: atom_id res chain seq x y z
N GLY A 1 1.23 -29.25 3.49
CA GLY A 1 -0.14 -29.73 3.63
C GLY A 1 -1.15 -28.79 3.00
N SER A 2 -2.25 -28.56 3.71
CA SER A 2 -3.30 -27.68 3.21
C SER A 2 -3.23 -26.31 3.90
N SER A 3 -2.92 -25.28 3.13
CA SER A 3 -2.82 -23.93 3.65
C SER A 3 -4.19 -23.41 4.10
N GLY A 4 -5.18 -23.55 3.21
CA GLY A 4 -6.52 -23.10 3.54
C GLY A 4 -7.04 -22.08 2.54
N SER A 5 -6.29 -20.99 2.36
CA SER A 5 -6.68 -19.94 1.42
C SER A 5 -8.21 -19.77 1.41
N SER A 6 -8.81 -19.83 2.59
CA SER A 6 -10.26 -19.69 2.70
C SER A 6 -10.74 -18.41 2.03
N GLY A 7 -10.02 -17.31 2.26
CA GLY A 7 -10.38 -16.04 1.66
C GLY A 7 -11.84 -15.69 1.91
N MET A 8 -12.58 -15.45 0.84
CA MET A 8 -13.99 -15.10 0.94
C MET A 8 -14.18 -13.90 1.88
N SER A 9 -13.26 -12.94 1.80
CA SER A 9 -13.32 -11.76 2.65
C SER A 9 -13.35 -10.50 1.79
N GLY A 10 -14.08 -10.56 0.68
CA GLY A 10 -14.18 -9.40 -0.20
C GLY A 10 -14.71 -8.18 0.50
N GLY A 11 -14.78 -7.06 -0.22
CA GLY A 11 -15.28 -5.82 0.36
C GLY A 11 -14.21 -5.10 1.15
N LEU A 12 -13.01 -5.02 0.61
CA LEU A 12 -11.90 -4.34 1.27
C LEU A 12 -12.35 -3.00 1.84
N ALA A 13 -11.60 -2.48 2.81
CA ALA A 13 -11.91 -1.21 3.43
C ALA A 13 -10.66 -0.52 3.95
N PRO A 14 -10.74 0.79 4.16
CA PRO A 14 -9.62 1.59 4.68
C PRO A 14 -9.30 1.27 6.14
N SER A 15 -10.00 0.30 6.70
CA SER A 15 -9.80 -0.10 8.08
C SER A 15 -8.33 0.06 8.48
N LYS A 16 -8.09 0.36 9.75
CA LYS A 16 -6.75 0.54 10.26
C LYS A 16 -5.77 -0.42 9.58
N SER A 17 -6.07 -1.71 9.65
CA SER A 17 -5.24 -2.73 9.05
C SER A 17 -4.60 -2.22 7.75
N THR A 18 -5.44 -1.90 6.77
CA THR A 18 -4.97 -1.41 5.49
C THR A 18 -3.74 -0.54 5.67
N VAL A 19 -2.81 -0.64 4.71
CA VAL A 19 -1.59 0.15 4.75
C VAL A 19 -1.42 0.99 3.50
N TYR A 20 -1.38 2.30 3.67
CA TYR A 20 -1.23 3.21 2.54
C TYR A 20 0.21 3.25 2.06
N VAL A 21 0.47 2.62 0.91
CA VAL A 21 1.81 2.59 0.34
C VAL A 21 1.86 3.32 -0.99
N SER A 22 2.84 4.20 -1.14
CA SER A 22 3.00 4.98 -2.36
C SER A 22 4.40 4.80 -2.93
N ASN A 23 4.59 5.26 -4.17
CA ASN A 23 5.89 5.14 -4.84
C ASN A 23 6.28 3.68 -5.03
N LEU A 24 5.28 2.83 -5.25
CA LEU A 24 5.51 1.40 -5.45
C LEU A 24 5.77 1.10 -6.92
N PRO A 25 6.64 0.12 -7.19
CA PRO A 25 6.98 -0.30 -8.54
C PRO A 25 5.82 -1.01 -9.25
N PHE A 26 4.93 -0.22 -9.83
CA PHE A 26 3.78 -0.77 -10.54
C PHE A 26 4.20 -1.91 -11.46
N SER A 27 5.44 -1.86 -11.93
CA SER A 27 5.96 -2.88 -12.83
C SER A 27 5.60 -4.27 -12.34
N LEU A 28 5.46 -4.41 -11.02
CA LEU A 28 5.12 -5.69 -10.42
C LEU A 28 3.62 -5.97 -10.55
N THR A 29 3.18 -7.08 -9.95
CA THR A 29 1.77 -7.45 -10.00
C THR A 29 1.23 -7.74 -8.60
N ASN A 30 -0.08 -7.68 -8.45
CA ASN A 30 -0.72 -7.94 -7.16
C ASN A 30 0.03 -9.03 -6.38
N ASN A 31 0.31 -10.15 -7.05
CA ASN A 31 1.01 -11.25 -6.43
C ASN A 31 2.33 -10.77 -5.81
N ASP A 32 3.14 -10.09 -6.61
CA ASP A 32 4.42 -9.58 -6.14
C ASP A 32 4.26 -8.86 -4.80
N LEU A 33 3.50 -7.79 -4.80
CA LEU A 33 3.27 -7.02 -3.58
C LEU A 33 2.81 -7.92 -2.44
N TYR A 34 1.77 -8.70 -2.70
CA TYR A 34 1.23 -9.61 -1.69
C TYR A 34 2.35 -10.28 -0.91
N ARG A 35 3.39 -10.71 -1.61
CA ARG A 35 4.53 -11.37 -0.98
C ARG A 35 5.49 -10.32 -0.39
N ILE A 36 5.87 -9.35 -1.21
CA ILE A 36 6.78 -8.30 -0.77
C ILE A 36 6.38 -7.77 0.61
N PHE A 37 5.08 -7.69 0.85
CA PHE A 37 4.56 -7.20 2.12
C PHE A 37 4.37 -8.34 3.12
N SER A 38 4.35 -9.57 2.60
CA SER A 38 4.17 -10.75 3.43
C SER A 38 5.37 -10.96 4.35
N LYS A 39 6.46 -10.25 4.05
CA LYS A 39 7.67 -10.35 4.85
C LYS A 39 7.48 -9.76 6.25
N TYR A 40 6.50 -8.86 6.36
CA TYR A 40 6.20 -8.22 7.64
C TYR A 40 5.00 -8.88 8.31
N GLY A 41 3.89 -8.96 7.58
CA GLY A 41 2.68 -9.57 8.13
C GLY A 41 1.87 -10.28 7.07
N LYS A 42 0.95 -11.14 7.51
CA LYS A 42 0.10 -11.88 6.59
C LYS A 42 -0.83 -10.95 5.84
N VAL A 43 -0.95 -11.17 4.53
CA VAL A 43 -1.82 -10.34 3.69
C VAL A 43 -3.07 -11.10 3.28
N VAL A 44 -4.21 -10.43 3.31
CA VAL A 44 -5.48 -11.04 2.94
C VAL A 44 -5.92 -10.60 1.55
N LYS A 45 -5.79 -9.30 1.28
CA LYS A 45 -6.17 -8.75 -0.02
C LYS A 45 -5.24 -7.61 -0.41
N VAL A 46 -4.99 -7.48 -1.71
CA VAL A 46 -4.12 -6.42 -2.22
C VAL A 46 -4.91 -5.43 -3.05
N THR A 47 -4.95 -4.18 -2.58
CA THR A 47 -5.67 -3.12 -3.27
C THR A 47 -4.70 -2.15 -3.95
N ILE A 48 -5.10 -1.66 -5.12
CA ILE A 48 -4.26 -0.71 -5.86
C ILE A 48 -5.10 0.43 -6.42
N MET A 49 -4.55 1.64 -6.35
CA MET A 49 -5.24 2.82 -6.85
C MET A 49 -5.03 2.98 -8.35
N LYS A 50 -5.93 3.72 -9.00
CA LYS A 50 -5.82 3.95 -10.44
C LYS A 50 -6.33 5.35 -10.80
N ASP A 51 -5.66 5.99 -11.75
CA ASP A 51 -6.03 7.32 -12.18
C ASP A 51 -7.18 7.25 -13.20
N LYS A 52 -7.71 8.42 -13.55
CA LYS A 52 -8.81 8.49 -14.51
C LYS A 52 -8.28 8.72 -15.92
N ASP A 53 -7.45 9.74 -16.08
CA ASP A 53 -6.87 10.06 -17.38
C ASP A 53 -5.79 9.06 -17.76
N THR A 54 -4.63 9.17 -17.10
CA THR A 54 -3.51 8.27 -17.37
C THR A 54 -3.94 6.81 -17.25
N ARG A 55 -4.73 6.51 -16.22
CA ARG A 55 -5.21 5.16 -16.00
C ARG A 55 -4.06 4.25 -15.56
N LYS A 56 -3.25 4.73 -14.63
CA LYS A 56 -2.11 3.97 -14.13
C LYS A 56 -2.14 3.88 -12.61
N SER A 57 -1.38 2.94 -12.05
CA SER A 57 -1.32 2.76 -10.61
C SER A 57 -0.63 3.95 -9.94
N LYS A 58 0.50 4.36 -10.51
CA LYS A 58 1.26 5.48 -9.97
C LYS A 58 1.88 5.12 -8.62
N GLY A 59 2.09 3.83 -8.39
CA GLY A 59 2.66 3.38 -7.13
C GLY A 59 1.65 3.33 -6.01
N VAL A 60 0.74 4.30 -5.99
CA VAL A 60 -0.30 4.37 -4.96
C VAL A 60 -1.05 3.05 -4.87
N ALA A 61 -0.72 2.26 -3.85
CA ALA A 61 -1.38 0.97 -3.63
C ALA A 61 -1.70 0.75 -2.17
N PHE A 62 -2.83 0.11 -1.90
CA PHE A 62 -3.26 -0.16 -0.53
C PHE A 62 -3.11 -1.64 -0.19
N ILE A 63 -2.41 -1.93 0.89
CA ILE A 63 -2.20 -3.31 1.32
C ILE A 63 -3.08 -3.65 2.52
N LEU A 64 -3.92 -4.68 2.37
CA LEU A 64 -4.80 -5.11 3.43
C LEU A 64 -4.17 -6.22 4.26
N PHE A 65 -3.96 -5.96 5.55
CA PHE A 65 -3.35 -6.93 6.44
C PHE A 65 -4.42 -7.62 7.29
N LEU A 66 -4.01 -8.64 8.03
CA LEU A 66 -4.92 -9.38 8.89
C LEU A 66 -5.05 -8.73 10.25
N ASP A 67 -3.91 -8.38 10.85
CA ASP A 67 -3.90 -7.74 12.16
C ASP A 67 -3.18 -6.40 12.09
N LYS A 68 -3.88 -5.34 12.50
CA LYS A 68 -3.31 -4.00 12.49
C LYS A 68 -1.89 -4.00 13.04
N ASP A 69 -1.70 -4.65 14.19
CA ASP A 69 -0.39 -4.73 14.81
C ASP A 69 0.68 -5.14 13.79
N SER A 70 0.34 -6.09 12.93
CA SER A 70 1.26 -6.56 11.92
C SER A 70 1.50 -5.50 10.85
N ALA A 71 0.44 -4.78 10.50
CA ALA A 71 0.54 -3.73 9.49
C ALA A 71 1.52 -2.65 9.92
N GLN A 72 1.34 -2.14 11.14
CA GLN A 72 2.21 -1.10 11.67
C GLN A 72 3.67 -1.40 11.37
N ASN A 73 4.12 -2.58 11.80
CA ASN A 73 5.50 -2.99 11.59
C ASN A 73 5.96 -2.63 10.17
N CYS A 74 5.13 -2.95 9.19
CA CYS A 74 5.44 -2.66 7.80
C CYS A 74 5.43 -1.16 7.54
N THR A 75 4.43 -0.48 8.09
CA THR A 75 4.31 0.97 7.91
C THR A 75 5.50 1.70 8.51
N ARG A 76 6.32 0.97 9.26
CA ARG A 76 7.50 1.55 9.89
C ARG A 76 8.78 0.91 9.35
N ALA A 77 8.64 -0.26 8.76
CA ALA A 77 9.78 -0.98 8.19
C ALA A 77 10.17 -0.39 6.84
N ILE A 78 9.19 -0.21 5.97
CA ILE A 78 9.43 0.34 4.64
C ILE A 78 9.33 1.86 4.65
N ASN A 79 8.57 2.39 5.58
CA ASN A 79 8.39 3.84 5.69
C ASN A 79 9.74 4.55 5.76
N ASN A 80 9.88 5.60 4.96
CA ASN A 80 11.13 6.37 4.92
C ASN A 80 12.30 5.49 4.47
N LYS A 81 12.13 4.84 3.33
CA LYS A 81 13.17 3.96 2.79
C LYS A 81 13.16 4.00 1.26
N GLN A 82 14.11 3.29 0.66
CA GLN A 82 14.22 3.23 -0.79
C GLN A 82 14.08 1.81 -1.30
N LEU A 83 13.14 1.59 -2.21
CA LEU A 83 12.91 0.27 -2.77
C LEU A 83 12.82 0.32 -4.29
N PHE A 84 13.22 -0.77 -4.94
CA PHE A 84 13.19 -0.84 -6.40
C PHE A 84 13.67 0.47 -7.03
N GLY A 85 14.53 1.18 -6.29
CA GLY A 85 15.05 2.45 -6.79
C GLY A 85 14.01 3.55 -6.77
N ARG A 86 13.25 3.63 -5.67
CA ARG A 86 12.22 4.65 -5.54
C ARG A 86 11.77 4.75 -4.08
N VAL A 87 11.92 5.94 -3.50
CA VAL A 87 11.52 6.18 -2.11
C VAL A 87 10.05 5.83 -1.90
N ILE A 88 9.80 4.82 -1.08
CA ILE A 88 8.44 4.38 -0.79
C ILE A 88 7.96 4.96 0.53
N LYS A 89 6.72 5.44 0.55
CA LYS A 89 6.13 6.00 1.76
C LYS A 89 4.97 5.15 2.25
N ALA A 90 5.00 4.81 3.54
CA ALA A 90 3.96 4.00 4.14
C ALA A 90 3.23 4.76 5.25
N SER A 91 1.92 4.58 5.32
CA SER A 91 1.12 5.26 6.33
C SER A 91 -0.23 4.57 6.50
N ILE A 92 -0.66 4.41 7.76
CA ILE A 92 -1.93 3.77 8.05
C ILE A 92 -3.09 4.55 7.45
N ALA A 93 -3.75 3.95 6.45
CA ALA A 93 -4.88 4.59 5.80
C ALA A 93 -6.08 4.71 6.74
N ILE A 94 -6.15 5.83 7.45
CA ILE A 94 -7.24 6.07 8.38
C ILE A 94 -7.57 7.56 8.49
N GLY A 1 -13.46 23.58 11.47
CA GLY A 1 -14.40 22.54 11.06
C GLY A 1 -14.42 21.36 12.01
N SER A 2 -15.60 21.05 12.53
CA SER A 2 -15.76 19.95 13.47
C SER A 2 -16.48 18.78 12.82
N SER A 3 -17.62 19.06 12.19
CA SER A 3 -18.42 18.03 11.53
C SER A 3 -17.64 17.43 10.36
N GLY A 4 -16.76 16.49 10.65
CA GLY A 4 -15.97 15.85 9.62
C GLY A 4 -14.52 16.30 9.63
N SER A 5 -13.63 15.39 10.02
CA SER A 5 -12.21 15.71 10.08
C SER A 5 -11.39 14.66 9.33
N SER A 6 -11.62 13.39 9.66
CA SER A 6 -10.90 12.29 9.03
C SER A 6 -11.00 12.38 7.51
N GLY A 7 -12.23 12.46 7.01
CA GLY A 7 -12.44 12.56 5.58
C GLY A 7 -11.88 11.36 4.83
N MET A 8 -11.67 11.53 3.53
CA MET A 8 -11.13 10.46 2.70
C MET A 8 -10.46 11.02 1.45
N SER A 9 -9.24 10.57 1.18
CA SER A 9 -8.50 11.04 0.01
C SER A 9 -8.71 10.10 -1.17
N GLY A 10 -9.96 9.67 -1.37
CA GLY A 10 -10.27 8.78 -2.46
C GLY A 10 -10.68 7.40 -1.99
N GLY A 11 -9.80 6.74 -1.26
CA GLY A 11 -10.09 5.40 -0.76
C GLY A 11 -11.38 5.36 0.04
N LEU A 12 -12.23 4.38 -0.25
CA LEU A 12 -13.49 4.23 0.45
C LEU A 12 -13.41 3.11 1.48
N ALA A 13 -13.75 3.44 2.73
CA ALA A 13 -13.72 2.47 3.81
C ALA A 13 -12.30 2.16 4.24
N PRO A 14 -11.51 3.22 4.48
CA PRO A 14 -10.11 3.08 4.90
C PRO A 14 -9.98 2.54 6.31
N SER A 15 -9.66 1.24 6.42
CA SER A 15 -9.50 0.59 7.71
C SER A 15 -8.07 0.71 8.21
N LYS A 16 -7.83 0.25 9.44
CA LYS A 16 -6.50 0.30 10.03
C LYS A 16 -5.56 -0.68 9.35
N SER A 17 -5.97 -1.95 9.29
CA SER A 17 -5.16 -2.99 8.67
C SER A 17 -4.52 -2.48 7.38
N THR A 18 -5.32 -1.84 6.54
CA THR A 18 -4.83 -1.30 5.28
C THR A 18 -3.61 -0.41 5.50
N VAL A 19 -2.64 -0.51 4.60
CA VAL A 19 -1.42 0.29 4.70
C VAL A 19 -1.24 1.16 3.47
N TYR A 20 -1.34 2.47 3.65
CA TYR A 20 -1.19 3.41 2.55
C TYR A 20 0.25 3.45 2.06
N VAL A 21 0.52 2.73 0.97
CA VAL A 21 1.85 2.67 0.40
C VAL A 21 1.89 3.32 -0.98
N SER A 22 2.81 4.27 -1.16
CA SER A 22 2.94 4.98 -2.42
C SER A 22 4.34 4.78 -3.01
N ASN A 23 4.52 5.23 -4.24
CA ASN A 23 5.81 5.10 -4.92
C ASN A 23 6.18 3.65 -5.13
N LEU A 24 5.16 2.80 -5.33
CA LEU A 24 5.38 1.38 -5.53
C LEU A 24 5.62 1.07 -7.01
N PRO A 25 6.53 0.12 -7.28
CA PRO A 25 6.88 -0.28 -8.64
C PRO A 25 5.75 -1.03 -9.33
N PHE A 26 4.77 -0.28 -9.84
CA PHE A 26 3.62 -0.88 -10.52
C PHE A 26 4.06 -2.06 -11.38
N SER A 27 5.30 -2.02 -11.85
CA SER A 27 5.83 -3.09 -12.69
C SER A 27 5.38 -4.45 -12.18
N LEU A 28 5.43 -4.63 -10.86
CA LEU A 28 5.03 -5.89 -10.25
C LEU A 28 3.53 -6.10 -10.38
N THR A 29 3.03 -7.19 -9.80
CA THR A 29 1.61 -7.51 -9.85
C THR A 29 1.06 -7.80 -8.46
N ASN A 30 -0.25 -7.71 -8.32
CA ASN A 30 -0.90 -7.96 -7.03
C ASN A 30 -0.17 -9.05 -6.26
N ASN A 31 0.05 -10.19 -6.90
CA ASN A 31 0.73 -11.31 -6.28
C ASN A 31 2.06 -10.86 -5.67
N ASP A 32 2.89 -10.22 -6.48
CA ASP A 32 4.19 -9.73 -6.03
C ASP A 32 4.05 -8.96 -4.72
N LEU A 33 3.32 -7.86 -4.76
CA LEU A 33 3.11 -7.03 -3.58
C LEU A 33 2.75 -7.89 -2.37
N TYR A 34 1.76 -8.76 -2.55
CA TYR A 34 1.30 -9.64 -1.47
C TYR A 34 2.49 -10.28 -0.76
N ARG A 35 3.38 -10.89 -1.54
CA ARG A 35 4.56 -11.55 -0.98
C ARG A 35 5.52 -10.52 -0.40
N ILE A 36 5.95 -9.58 -1.24
CA ILE A 36 6.88 -8.54 -0.81
C ILE A 36 6.54 -8.05 0.60
N PHE A 37 5.28 -7.69 0.81
CA PHE A 37 4.82 -7.21 2.11
C PHE A 37 4.73 -8.36 3.11
N SER A 38 4.54 -9.56 2.60
CA SER A 38 4.43 -10.75 3.45
C SER A 38 5.60 -10.82 4.42
N LYS A 39 6.78 -10.39 3.97
CA LYS A 39 7.96 -10.41 4.80
C LYS A 39 7.68 -9.82 6.19
N TYR A 40 6.61 -9.04 6.28
CA TYR A 40 6.23 -8.42 7.53
C TYR A 40 5.07 -9.16 8.19
N GLY A 41 3.95 -9.23 7.48
CA GLY A 41 2.78 -9.92 8.01
C GLY A 41 1.92 -10.52 6.91
N LYS A 42 1.30 -11.65 7.21
CA LYS A 42 0.45 -12.33 6.24
C LYS A 42 -0.53 -11.35 5.59
N VAL A 43 -0.68 -11.45 4.28
CA VAL A 43 -1.58 -10.58 3.54
C VAL A 43 -2.91 -11.28 3.24
N VAL A 44 -4.00 -10.55 3.35
CA VAL A 44 -5.33 -11.09 3.08
C VAL A 44 -5.86 -10.62 1.73
N LYS A 45 -5.68 -9.33 1.45
CA LYS A 45 -6.14 -8.75 0.20
C LYS A 45 -5.26 -7.58 -0.21
N VAL A 46 -5.02 -7.46 -1.51
CA VAL A 46 -4.19 -6.38 -2.04
C VAL A 46 -5.04 -5.31 -2.71
N THR A 47 -4.69 -4.05 -2.46
CA THR A 47 -5.42 -2.92 -3.04
C THR A 47 -4.48 -1.98 -3.77
N ILE A 48 -4.94 -1.47 -4.92
CA ILE A 48 -4.14 -0.56 -5.71
C ILE A 48 -5.00 0.58 -6.27
N MET A 49 -4.44 1.78 -6.29
CA MET A 49 -5.16 2.94 -6.80
C MET A 49 -5.22 2.92 -8.33
N LYS A 50 -6.11 3.73 -8.89
CA LYS A 50 -6.26 3.80 -10.34
C LYS A 50 -6.71 5.19 -10.77
N ASP A 51 -5.83 5.92 -11.45
CA ASP A 51 -6.13 7.26 -11.91
C ASP A 51 -7.44 7.27 -12.72
N LYS A 52 -7.86 8.46 -13.14
CA LYS A 52 -9.08 8.60 -13.92
C LYS A 52 -8.76 8.70 -15.41
N ASP A 53 -8.02 9.74 -15.79
CA ASP A 53 -7.64 9.94 -17.19
C ASP A 53 -6.72 8.82 -17.67
N THR A 54 -5.48 8.84 -17.18
CA THR A 54 -4.50 7.83 -17.57
C THR A 54 -4.89 6.45 -17.07
N ARG A 55 -5.65 6.42 -15.96
CA ARG A 55 -6.10 5.17 -15.38
C ARG A 55 -4.91 4.28 -15.01
N LYS A 56 -3.93 4.87 -14.33
CA LYS A 56 -2.74 4.15 -13.91
C LYS A 56 -2.61 4.13 -12.39
N SER A 57 -1.90 3.13 -11.87
CA SER A 57 -1.70 3.01 -10.43
C SER A 57 -0.91 4.19 -9.89
N LYS A 58 0.07 4.65 -10.66
CA LYS A 58 0.90 5.78 -10.26
C LYS A 58 1.69 5.45 -9.00
N GLY A 59 1.92 4.16 -8.77
CA GLY A 59 2.67 3.74 -7.60
C GLY A 59 1.80 3.68 -6.35
N VAL A 60 0.84 4.59 -6.25
CA VAL A 60 -0.06 4.64 -5.11
C VAL A 60 -0.87 3.34 -4.99
N ALA A 61 -0.72 2.67 -3.85
CA ALA A 61 -1.45 1.43 -3.61
C ALA A 61 -1.65 1.19 -2.12
N PHE A 62 -2.58 0.31 -1.79
CA PHE A 62 -2.87 -0.01 -0.40
C PHE A 62 -2.81 -1.51 -0.15
N ILE A 63 -2.14 -1.89 0.93
CA ILE A 63 -1.99 -3.30 1.28
C ILE A 63 -2.79 -3.65 2.52
N LEU A 64 -3.61 -4.69 2.44
CA LEU A 64 -4.42 -5.12 3.57
C LEU A 64 -3.76 -6.28 4.30
N PHE A 65 -3.51 -6.09 5.60
CA PHE A 65 -2.88 -7.12 6.42
C PHE A 65 -3.92 -7.83 7.28
N LEU A 66 -3.63 -9.08 7.64
CA LEU A 66 -4.54 -9.87 8.46
C LEU A 66 -4.90 -9.13 9.74
N ASP A 67 -3.88 -8.75 10.51
CA ASP A 67 -4.10 -8.03 11.76
C ASP A 67 -3.43 -6.65 11.71
N LYS A 68 -4.17 -5.64 12.15
CA LYS A 68 -3.65 -4.27 12.15
C LYS A 68 -2.23 -4.22 12.68
N ASP A 69 -1.99 -4.94 13.77
CA ASP A 69 -0.66 -4.98 14.38
C ASP A 69 0.42 -5.05 13.31
N SER A 70 0.40 -6.12 12.52
CA SER A 70 1.38 -6.30 11.46
C SER A 70 1.51 -5.05 10.60
N ALA A 71 0.37 -4.54 10.14
CA ALA A 71 0.35 -3.34 9.31
C ALA A 71 1.22 -2.24 9.91
N GLN A 72 0.89 -1.83 11.14
CA GLN A 72 1.65 -0.79 11.82
C GLN A 72 3.15 -1.02 11.66
N ASN A 73 3.59 -2.23 11.99
CA ASN A 73 5.01 -2.58 11.89
C ASN A 73 5.56 -2.22 10.51
N CYS A 74 5.01 -2.87 9.49
CA CYS A 74 5.45 -2.63 8.11
C CYS A 74 5.42 -1.14 7.78
N THR A 75 4.37 -0.46 8.22
CA THR A 75 4.22 0.96 7.98
C THR A 75 5.45 1.73 8.44
N ARG A 76 6.28 1.08 9.26
CA ARG A 76 7.48 1.71 9.77
C ARG A 76 8.73 1.04 9.19
N ALA A 77 8.60 -0.22 8.81
CA ALA A 77 9.71 -0.97 8.25
C ALA A 77 10.06 -0.45 6.85
N ILE A 78 9.05 -0.25 6.02
CA ILE A 78 9.25 0.24 4.66
C ILE A 78 9.26 1.76 4.63
N ASN A 79 8.50 2.37 5.52
CA ASN A 79 8.41 3.83 5.60
C ASN A 79 9.81 4.45 5.63
N ASN A 80 9.97 5.55 4.91
CA ASN A 80 11.26 6.24 4.86
C ASN A 80 12.37 5.30 4.41
N LYS A 81 12.09 4.53 3.36
CA LYS A 81 13.06 3.59 2.82
C LYS A 81 12.98 3.53 1.31
N GLN A 82 14.10 3.20 0.66
CA GLN A 82 14.15 3.11 -0.79
C GLN A 82 14.00 1.66 -1.25
N LEU A 83 13.00 1.41 -2.08
CA LEU A 83 12.76 0.07 -2.60
C LEU A 83 12.61 0.08 -4.12
N PHE A 84 13.36 -0.78 -4.79
CA PHE A 84 13.31 -0.87 -6.24
C PHE A 84 13.66 0.47 -6.87
N GLY A 85 14.61 1.18 -6.26
CA GLY A 85 15.02 2.47 -6.79
C GLY A 85 13.88 3.47 -6.81
N ARG A 86 13.23 3.66 -5.67
CA ARG A 86 12.12 4.59 -5.57
C ARG A 86 11.65 4.72 -4.12
N VAL A 87 11.84 5.90 -3.55
CA VAL A 87 11.45 6.16 -2.16
C VAL A 87 9.97 5.85 -1.96
N ILE A 88 9.69 4.87 -1.09
CA ILE A 88 8.31 4.49 -0.80
C ILE A 88 7.83 5.10 0.50
N LYS A 89 6.58 5.57 0.50
CA LYS A 89 6.00 6.19 1.69
C LYS A 89 4.89 5.31 2.27
N ALA A 90 4.97 5.05 3.57
CA ALA A 90 3.97 4.22 4.25
C ALA A 90 3.28 5.00 5.36
N SER A 91 1.95 4.96 5.38
CA SER A 91 1.17 5.66 6.38
C SER A 91 -0.17 4.97 6.61
N ILE A 92 -0.59 4.92 7.88
CA ILE A 92 -1.85 4.29 8.23
C ILE A 92 -3.04 5.02 7.60
N ALA A 93 -3.79 4.31 6.77
CA ALA A 93 -4.96 4.90 6.11
C ALA A 93 -6.18 4.85 7.01
N ILE A 94 -6.57 6.01 7.54
CA ILE A 94 -7.72 6.10 8.41
C ILE A 94 -8.49 7.39 8.16
N GLY A 1 3.18 -24.06 -17.27
CA GLY A 1 2.03 -23.21 -17.48
C GLY A 1 1.91 -22.13 -16.43
N SER A 2 1.04 -21.16 -16.67
CA SER A 2 0.84 -20.05 -15.74
C SER A 2 -0.64 -19.90 -15.40
N SER A 3 -0.93 -19.00 -14.47
CA SER A 3 -2.31 -18.75 -14.05
C SER A 3 -2.39 -17.51 -13.15
N GLY A 4 -3.39 -16.67 -13.42
CA GLY A 4 -3.56 -15.45 -12.63
C GLY A 4 -5.01 -15.22 -12.24
N SER A 5 -5.22 -14.89 -10.97
CA SER A 5 -6.57 -14.65 -10.47
C SER A 5 -7.00 -13.21 -10.75
N SER A 6 -8.11 -13.06 -11.47
CA SER A 6 -8.63 -11.74 -11.81
C SER A 6 -10.12 -11.64 -11.49
N GLY A 7 -10.43 -10.93 -10.41
CA GLY A 7 -11.81 -10.76 -10.01
C GLY A 7 -11.95 -10.43 -8.53
N MET A 8 -11.57 -9.20 -8.17
CA MET A 8 -11.65 -8.75 -6.79
C MET A 8 -11.96 -7.26 -6.72
N SER A 9 -12.73 -6.86 -5.70
CA SER A 9 -13.10 -5.47 -5.52
C SER A 9 -12.00 -4.70 -4.79
N GLY A 10 -11.46 -3.69 -5.45
CA GLY A 10 -10.40 -2.88 -4.85
C GLY A 10 -10.74 -2.44 -3.44
N GLY A 11 -11.90 -1.82 -3.29
CA GLY A 11 -12.33 -1.34 -1.98
C GLY A 11 -11.90 0.08 -1.72
N LEU A 12 -12.87 0.98 -1.57
CA LEU A 12 -12.58 2.38 -1.31
C LEU A 12 -12.73 2.69 0.18
N ALA A 13 -12.98 1.67 0.98
CA ALA A 13 -13.14 1.84 2.41
C ALA A 13 -11.92 1.32 3.17
N PRO A 14 -10.95 2.22 3.43
CA PRO A 14 -9.72 1.87 4.14
C PRO A 14 -9.97 1.57 5.62
N SER A 15 -9.06 0.79 6.21
CA SER A 15 -9.19 0.43 7.62
C SER A 15 -7.82 0.37 8.29
N LYS A 16 -7.82 0.41 9.62
CA LYS A 16 -6.58 0.35 10.38
C LYS A 16 -5.55 -0.54 9.71
N SER A 17 -5.87 -1.83 9.63
CA SER A 17 -4.98 -2.80 9.00
C SER A 17 -4.41 -2.26 7.69
N THR A 18 -5.31 -1.88 6.79
CA THR A 18 -4.91 -1.36 5.49
C THR A 18 -3.71 -0.42 5.63
N VAL A 19 -2.73 -0.58 4.75
CA VAL A 19 -1.53 0.24 4.77
C VAL A 19 -1.41 1.08 3.50
N TYR A 20 -1.36 2.39 3.68
CA TYR A 20 -1.25 3.31 2.54
C TYR A 20 0.19 3.38 2.04
N VAL A 21 0.45 2.68 0.94
CA VAL A 21 1.78 2.66 0.35
C VAL A 21 1.80 3.38 -0.99
N SER A 22 2.92 4.05 -1.29
CA SER A 22 3.06 4.79 -2.54
C SER A 22 4.46 4.62 -3.11
N ASN A 23 4.66 5.11 -4.32
CA ASN A 23 5.96 5.03 -4.98
C ASN A 23 6.35 3.57 -5.22
N LEU A 24 5.33 2.70 -5.31
CA LEU A 24 5.57 1.28 -5.53
C LEU A 24 5.78 0.99 -7.01
N PRO A 25 6.65 0.02 -7.31
CA PRO A 25 6.95 -0.38 -8.69
C PRO A 25 5.78 -1.09 -9.36
N PHE A 26 4.87 -0.30 -9.93
CA PHE A 26 3.70 -0.85 -10.61
C PHE A 26 4.09 -2.04 -11.50
N SER A 27 5.31 -2.00 -12.03
CA SER A 27 5.81 -3.06 -12.89
C SER A 27 5.40 -4.43 -12.35
N LEU A 28 5.39 -4.57 -11.03
CA LEU A 28 5.02 -5.82 -10.39
C LEU A 28 3.52 -6.05 -10.48
N THR A 29 3.06 -7.18 -9.92
CA THR A 29 1.64 -7.51 -9.95
C THR A 29 1.13 -7.79 -8.54
N ASN A 30 -0.19 -7.73 -8.37
CA ASN A 30 -0.80 -7.97 -7.07
C ASN A 30 -0.06 -9.07 -6.31
N ASN A 31 0.14 -10.20 -6.98
CA ASN A 31 0.84 -11.32 -6.37
C ASN A 31 2.17 -10.88 -5.75
N ASP A 32 2.99 -10.23 -6.56
CA ASP A 32 4.29 -9.74 -6.09
C ASP A 32 4.13 -8.95 -4.80
N LEU A 33 3.32 -7.90 -4.84
CA LEU A 33 3.09 -7.05 -3.68
C LEU A 33 2.71 -7.89 -2.47
N TYR A 34 1.70 -8.74 -2.64
CA TYR A 34 1.24 -9.60 -1.55
C TYR A 34 2.42 -10.16 -0.75
N ARG A 35 3.32 -10.83 -1.45
CA ARG A 35 4.50 -11.41 -0.82
C ARG A 35 5.45 -10.33 -0.32
N ILE A 36 5.77 -9.38 -1.19
CA ILE A 36 6.67 -8.29 -0.84
C ILE A 36 6.32 -7.71 0.53
N PHE A 37 5.02 -7.52 0.76
CA PHE A 37 4.56 -6.97 2.03
C PHE A 37 4.35 -8.08 3.06
N SER A 38 4.30 -9.32 2.58
CA SER A 38 4.10 -10.47 3.47
C SER A 38 5.29 -10.63 4.41
N LYS A 39 6.46 -10.20 3.95
CA LYS A 39 7.68 -10.31 4.76
C LYS A 39 7.46 -9.71 6.14
N TYR A 40 6.48 -8.83 6.26
CA TYR A 40 6.16 -8.18 7.53
C TYR A 40 4.93 -8.80 8.17
N GLY A 41 3.83 -8.84 7.40
CA GLY A 41 2.60 -9.40 7.90
C GLY A 41 1.79 -10.08 6.82
N LYS A 42 1.04 -11.11 7.19
CA LYS A 42 0.22 -11.85 6.25
C LYS A 42 -0.80 -10.93 5.58
N VAL A 43 -0.94 -11.06 4.27
CA VAL A 43 -1.88 -10.25 3.52
C VAL A 43 -3.15 -11.03 3.19
N VAL A 44 -4.30 -10.39 3.37
CA VAL A 44 -5.58 -11.02 3.10
C VAL A 44 -6.14 -10.58 1.74
N LYS A 45 -5.84 -9.34 1.36
CA LYS A 45 -6.30 -8.80 0.09
C LYS A 45 -5.42 -7.63 -0.35
N VAL A 46 -5.22 -7.52 -1.66
CA VAL A 46 -4.40 -6.44 -2.21
C VAL A 46 -5.27 -5.39 -2.90
N THR A 47 -4.78 -4.16 -2.92
CA THR A 47 -5.51 -3.06 -3.55
C THR A 47 -4.55 -2.05 -4.17
N ILE A 48 -4.93 -1.55 -5.35
CA ILE A 48 -4.09 -0.58 -6.05
C ILE A 48 -4.93 0.62 -6.50
N MET A 49 -4.32 1.80 -6.46
CA MET A 49 -5.01 3.02 -6.88
C MET A 49 -4.95 3.19 -8.39
N LYS A 50 -5.82 4.05 -8.92
CA LYS A 50 -5.86 4.30 -10.35
C LYS A 50 -6.44 5.69 -10.64
N ASP A 51 -5.64 6.54 -11.26
CA ASP A 51 -6.08 7.89 -11.59
C ASP A 51 -7.32 7.85 -12.48
N LYS A 52 -7.84 9.03 -12.82
CA LYS A 52 -9.02 9.14 -13.66
C LYS A 52 -8.65 9.52 -15.08
N ASP A 53 -7.69 10.43 -15.22
CA ASP A 53 -7.24 10.88 -16.53
C ASP A 53 -6.20 9.91 -17.10
N THR A 54 -5.02 9.89 -16.50
CA THR A 54 -3.94 9.02 -16.94
C THR A 54 -4.30 7.55 -16.75
N ARG A 55 -5.13 7.28 -15.75
CA ARG A 55 -5.55 5.91 -15.45
C ARG A 55 -4.35 5.02 -15.16
N LYS A 56 -3.45 5.51 -14.31
CA LYS A 56 -2.26 4.75 -13.94
C LYS A 56 -2.18 4.56 -12.44
N SER A 57 -1.48 3.52 -12.01
CA SER A 57 -1.33 3.22 -10.59
C SER A 57 -0.53 4.30 -9.89
N LYS A 58 0.49 4.81 -10.57
CA LYS A 58 1.34 5.85 -10.01
C LYS A 58 2.01 5.39 -8.72
N GLY A 59 2.17 4.07 -8.59
CA GLY A 59 2.79 3.51 -7.41
C GLY A 59 1.84 3.41 -6.23
N VAL A 60 0.97 4.41 -6.09
CA VAL A 60 0.00 4.43 -5.01
C VAL A 60 -0.80 3.13 -4.96
N ALA A 61 -0.58 2.36 -3.90
CA ALA A 61 -1.28 1.09 -3.73
C ALA A 61 -1.61 0.84 -2.26
N PHE A 62 -2.73 0.17 -2.01
CA PHE A 62 -3.16 -0.13 -0.65
C PHE A 62 -3.01 -1.62 -0.36
N ILE A 63 -2.42 -1.94 0.79
CA ILE A 63 -2.22 -3.33 1.20
C ILE A 63 -3.04 -3.66 2.43
N LEU A 64 -3.86 -4.71 2.32
CA LEU A 64 -4.71 -5.14 3.43
C LEU A 64 -4.03 -6.24 4.23
N PHE A 65 -3.87 -6.02 5.53
CA PHE A 65 -3.25 -7.01 6.41
C PHE A 65 -4.28 -7.68 7.29
N LEU A 66 -3.95 -8.88 7.77
CA LEU A 66 -4.85 -9.64 8.63
C LEU A 66 -4.93 -9.02 10.01
N ASP A 67 -3.79 -8.59 10.53
CA ASP A 67 -3.73 -7.96 11.85
C ASP A 67 -3.05 -6.60 11.78
N LYS A 68 -3.60 -5.64 12.53
CA LYS A 68 -3.06 -4.29 12.55
C LYS A 68 -1.63 -4.28 13.12
N ASP A 69 -1.45 -4.94 14.26
CA ASP A 69 -0.14 -5.02 14.90
C ASP A 69 0.93 -5.42 13.90
N SER A 70 0.52 -6.15 12.86
CA SER A 70 1.45 -6.60 11.84
C SER A 70 1.66 -5.53 10.77
N ALA A 71 0.62 -4.73 10.54
CA ALA A 71 0.68 -3.67 9.55
C ALA A 71 1.57 -2.53 10.02
N GLN A 72 1.43 -2.16 11.29
CA GLN A 72 2.22 -1.07 11.86
C GLN A 72 3.70 -1.27 11.56
N ASN A 73 4.22 -2.45 11.92
CA ASN A 73 5.63 -2.75 11.68
C ASN A 73 6.04 -2.38 10.26
N CYS A 74 5.27 -2.84 9.28
CA CYS A 74 5.56 -2.56 7.88
C CYS A 74 5.49 -1.06 7.61
N THR A 75 4.55 -0.38 8.26
CA THR A 75 4.39 1.05 8.09
C THR A 75 5.61 1.81 8.57
N ARG A 76 6.45 1.14 9.36
CA ARG A 76 7.66 1.75 9.89
C ARG A 76 8.90 1.13 9.26
N ALA A 77 8.75 -0.07 8.69
CA ALA A 77 9.85 -0.76 8.06
C ALA A 77 10.17 -0.15 6.70
N ILE A 78 9.17 -0.10 5.83
CA ILE A 78 9.34 0.46 4.49
C ILE A 78 9.31 1.98 4.52
N ASN A 79 8.54 2.53 5.46
CA ASN A 79 8.42 3.98 5.59
C ASN A 79 9.80 4.63 5.64
N ASN A 80 9.94 5.77 4.95
CA ASN A 80 11.21 6.49 4.92
C ASN A 80 12.33 5.58 4.46
N LYS A 81 12.02 4.68 3.53
CA LYS A 81 13.02 3.76 3.00
C LYS A 81 12.96 3.70 1.47
N GLN A 82 14.10 3.44 0.85
CA GLN A 82 14.18 3.37 -0.60
C GLN A 82 14.15 1.92 -1.07
N LEU A 83 13.07 1.53 -1.74
CA LEU A 83 12.92 0.18 -2.25
C LEU A 83 12.73 0.17 -3.76
N PHE A 84 13.29 -0.84 -4.42
CA PHE A 84 13.17 -0.95 -5.87
C PHE A 84 13.64 0.33 -6.56
N GLY A 85 14.52 1.06 -5.89
CA GLY A 85 15.03 2.30 -6.46
C GLY A 85 13.96 3.38 -6.54
N ARG A 86 13.16 3.51 -5.49
CA ARG A 86 12.10 4.50 -5.45
C ARG A 86 11.56 4.67 -4.04
N VAL A 87 11.86 5.82 -3.43
CA VAL A 87 11.41 6.11 -2.07
C VAL A 87 9.94 5.75 -1.90
N ILE A 88 9.68 4.76 -1.05
CA ILE A 88 8.30 4.32 -0.80
C ILE A 88 7.78 4.91 0.51
N LYS A 89 6.58 5.47 0.44
CA LYS A 89 5.95 6.08 1.62
C LYS A 89 4.86 5.17 2.18
N ALA A 90 4.86 5.00 3.50
CA ALA A 90 3.86 4.17 4.16
C ALA A 90 3.13 4.94 5.26
N SER A 91 1.82 4.77 5.33
CA SER A 91 1.02 5.45 6.34
C SER A 91 -0.32 4.73 6.54
N ILE A 92 -0.67 4.50 7.81
CA ILE A 92 -1.92 3.83 8.14
C ILE A 92 -3.11 4.53 7.49
N ALA A 93 -3.93 3.77 6.79
CA ALA A 93 -5.11 4.30 6.13
C ALA A 93 -6.37 4.08 6.96
N ILE A 94 -6.82 5.12 7.65
CA ILE A 94 -8.01 5.03 8.49
C ILE A 94 -9.18 5.78 7.86
N GLY A 1 11.14 22.10 0.23
CA GLY A 1 10.11 21.92 -0.79
C GLY A 1 9.56 20.51 -0.82
N SER A 2 9.77 19.83 -1.93
CA SER A 2 9.27 18.46 -2.10
C SER A 2 7.81 18.36 -1.67
N SER A 3 7.01 19.34 -2.07
CA SER A 3 5.60 19.36 -1.72
C SER A 3 4.76 18.75 -2.84
N GLY A 4 3.60 18.22 -2.48
CA GLY A 4 2.72 17.60 -3.46
C GLY A 4 1.62 18.53 -3.92
N SER A 5 0.55 17.95 -4.46
CA SER A 5 -0.58 18.74 -4.94
C SER A 5 -1.88 18.31 -4.25
N SER A 6 -1.74 17.73 -3.06
CA SER A 6 -2.90 17.27 -2.30
C SER A 6 -2.48 16.78 -0.92
N GLY A 7 -2.78 17.58 0.09
CA GLY A 7 -2.43 17.21 1.46
C GLY A 7 -3.11 15.92 1.91
N MET A 8 -4.25 16.07 2.57
CA MET A 8 -5.00 14.91 3.05
C MET A 8 -6.34 14.79 2.32
N SER A 9 -7.03 13.68 2.56
CA SER A 9 -8.33 13.44 1.93
C SER A 9 -9.02 12.24 2.55
N GLY A 10 -10.29 12.05 2.22
CA GLY A 10 -11.05 10.93 2.75
C GLY A 10 -10.40 9.60 2.44
N GLY A 11 -10.48 9.18 1.19
CA GLY A 11 -9.88 7.91 0.80
C GLY A 11 -10.90 6.95 0.19
N LEU A 12 -10.62 5.66 0.29
CA LEU A 12 -11.52 4.65 -0.25
C LEU A 12 -12.08 3.77 0.86
N ALA A 13 -12.62 4.41 1.90
CA ALA A 13 -13.19 3.69 3.03
C ALA A 13 -12.24 2.62 3.55
N PRO A 14 -10.96 2.99 3.71
CA PRO A 14 -9.93 2.07 4.19
C PRO A 14 -10.12 1.72 5.66
N SER A 15 -9.35 0.73 6.13
CA SER A 15 -9.43 0.29 7.51
C SER A 15 -8.09 0.45 8.22
N LYS A 16 -8.07 0.17 9.52
CA LYS A 16 -6.86 0.28 10.30
C LYS A 16 -5.76 -0.63 9.74
N SER A 17 -6.08 -1.91 9.60
CA SER A 17 -5.13 -2.89 9.08
C SER A 17 -4.50 -2.38 7.78
N THR A 18 -5.34 -1.95 6.85
CA THR A 18 -4.87 -1.45 5.57
C THR A 18 -3.63 -0.57 5.74
N VAL A 19 -2.75 -0.58 4.74
CA VAL A 19 -1.53 0.20 4.78
C VAL A 19 -1.36 1.02 3.50
N TYR A 20 -1.35 2.34 3.65
CA TYR A 20 -1.20 3.23 2.51
C TYR A 20 0.24 3.26 2.03
N VAL A 21 0.51 2.56 0.93
CA VAL A 21 1.85 2.51 0.37
C VAL A 21 1.90 3.17 -1.01
N SER A 22 2.86 4.08 -1.19
CA SER A 22 3.01 4.79 -2.46
C SER A 22 4.40 4.57 -3.04
N ASN A 23 4.66 5.19 -4.18
CA ASN A 23 5.97 5.08 -4.84
C ASN A 23 6.33 3.61 -5.05
N LEU A 24 5.32 2.77 -5.21
CA LEU A 24 5.53 1.34 -5.42
C LEU A 24 5.78 1.05 -6.90
N PRO A 25 6.65 0.06 -7.16
CA PRO A 25 6.99 -0.35 -8.53
C PRO A 25 5.84 -1.04 -9.23
N PHE A 26 4.98 -0.26 -9.86
CA PHE A 26 3.82 -0.80 -10.58
C PHE A 26 4.24 -1.95 -11.49
N SER A 27 5.51 -1.95 -11.90
CA SER A 27 6.03 -2.98 -12.79
C SER A 27 5.66 -4.37 -12.27
N LEU A 28 5.46 -4.47 -10.96
CA LEU A 28 5.11 -5.74 -10.33
C LEU A 28 3.61 -6.00 -10.45
N THR A 29 3.17 -7.15 -9.94
CA THR A 29 1.77 -7.53 -9.99
C THR A 29 1.22 -7.76 -8.58
N ASN A 30 -0.11 -7.77 -8.47
CA ASN A 30 -0.76 -7.99 -7.18
C ASN A 30 -0.03 -9.05 -6.37
N ASN A 31 0.19 -10.21 -6.99
CA ASN A 31 0.87 -11.31 -6.33
C ASN A 31 2.19 -10.84 -5.70
N ASP A 32 3.03 -10.20 -6.52
CA ASP A 32 4.31 -9.69 -6.05
C ASP A 32 4.14 -8.92 -4.74
N LEU A 33 3.42 -7.82 -4.80
CA LEU A 33 3.18 -6.99 -3.62
C LEU A 33 2.76 -7.84 -2.43
N TYR A 34 1.73 -8.66 -2.64
CA TYR A 34 1.23 -9.53 -1.58
C TYR A 34 2.37 -10.16 -0.79
N ARG A 35 3.26 -10.86 -1.50
CA ARG A 35 4.40 -11.50 -0.87
C ARG A 35 5.33 -10.47 -0.25
N ILE A 36 5.75 -9.50 -1.05
CA ILE A 36 6.64 -8.44 -0.57
C ILE A 36 6.22 -7.94 0.81
N PHE A 37 4.94 -7.64 0.96
CA PHE A 37 4.41 -7.15 2.22
C PHE A 37 4.24 -8.30 3.22
N SER A 38 4.23 -9.53 2.70
CA SER A 38 4.07 -10.71 3.54
C SER A 38 5.27 -10.89 4.46
N LYS A 39 6.42 -10.37 4.03
CA LYS A 39 7.64 -10.48 4.81
C LYS A 39 7.46 -9.86 6.20
N TYR A 40 6.40 -9.07 6.36
CA TYR A 40 6.10 -8.42 7.62
C TYR A 40 4.90 -9.05 8.30
N GLY A 41 3.83 -9.23 7.54
CA GLY A 41 2.62 -9.82 8.08
C GLY A 41 1.75 -10.47 7.01
N LYS A 42 1.02 -11.50 7.38
CA LYS A 42 0.15 -12.20 6.44
C LYS A 42 -0.81 -11.23 5.77
N VAL A 43 -0.93 -11.34 4.45
CA VAL A 43 -1.82 -10.47 3.69
C VAL A 43 -3.13 -11.18 3.36
N VAL A 44 -4.22 -10.42 3.37
CA VAL A 44 -5.54 -10.97 3.07
C VAL A 44 -6.01 -10.55 1.69
N LYS A 45 -5.77 -9.29 1.34
CA LYS A 45 -6.17 -8.76 0.05
C LYS A 45 -5.25 -7.62 -0.38
N VAL A 46 -5.08 -7.47 -1.70
CA VAL A 46 -4.22 -6.41 -2.23
C VAL A 46 -5.04 -5.40 -3.03
N THR A 47 -4.88 -4.13 -2.70
CA THR A 47 -5.60 -3.06 -3.38
C THR A 47 -4.63 -2.07 -4.03
N ILE A 48 -5.02 -1.55 -5.19
CA ILE A 48 -4.19 -0.59 -5.91
C ILE A 48 -5.00 0.61 -6.35
N MET A 49 -4.45 1.81 -6.14
CA MET A 49 -5.13 3.04 -6.52
C MET A 49 -4.95 3.33 -8.01
N LYS A 50 -5.75 4.23 -8.54
CA LYS A 50 -5.69 4.60 -9.95
C LYS A 50 -6.18 6.02 -10.17
N ASP A 51 -5.68 6.66 -11.22
CA ASP A 51 -6.09 8.03 -11.55
C ASP A 51 -7.40 8.04 -12.32
N LYS A 52 -7.80 9.22 -12.78
CA LYS A 52 -9.04 9.37 -13.53
C LYS A 52 -8.76 9.79 -14.96
N ASP A 53 -7.67 10.53 -15.16
CA ASP A 53 -7.29 10.99 -16.49
C ASP A 53 -6.21 10.09 -17.09
N THR A 54 -5.20 9.76 -16.29
CA THR A 54 -4.11 8.91 -16.74
C THR A 54 -4.49 7.44 -16.65
N ARG A 55 -5.36 7.11 -15.69
CA ARG A 55 -5.80 5.74 -15.49
C ARG A 55 -4.60 4.81 -15.26
N LYS A 56 -3.75 5.19 -14.32
CA LYS A 56 -2.57 4.39 -14.00
C LYS A 56 -2.42 4.22 -12.49
N SER A 57 -1.79 3.13 -12.09
CA SER A 57 -1.58 2.85 -10.66
C SER A 57 -0.90 4.02 -9.98
N LYS A 58 0.09 4.61 -10.67
CA LYS A 58 0.83 5.74 -10.12
C LYS A 58 1.57 5.34 -8.85
N GLY A 59 1.88 4.05 -8.73
CA GLY A 59 2.59 3.56 -7.55
C GLY A 59 1.70 3.47 -6.34
N VAL A 60 0.80 4.43 -6.18
CA VAL A 60 -0.12 4.45 -5.04
C VAL A 60 -0.92 3.15 -4.97
N ALA A 61 -0.64 2.33 -3.96
CA ALA A 61 -1.34 1.08 -3.78
C ALA A 61 -1.65 0.82 -2.31
N PHE A 62 -2.80 0.22 -2.03
CA PHE A 62 -3.21 -0.07 -0.67
C PHE A 62 -3.04 -1.55 -0.36
N ILE A 63 -2.49 -1.85 0.83
CA ILE A 63 -2.27 -3.23 1.24
C ILE A 63 -3.10 -3.57 2.47
N LEU A 64 -3.89 -4.65 2.36
CA LEU A 64 -4.74 -5.07 3.46
C LEU A 64 -4.06 -6.19 4.27
N PHE A 65 -3.85 -5.93 5.55
CA PHE A 65 -3.22 -6.90 6.43
C PHE A 65 -4.25 -7.59 7.32
N LEU A 66 -3.93 -8.79 7.78
CA LEU A 66 -4.82 -9.56 8.63
C LEU A 66 -5.01 -8.87 9.98
N ASP A 67 -3.90 -8.49 10.61
CA ASP A 67 -3.95 -7.82 11.90
C ASP A 67 -3.22 -6.48 11.85
N LYS A 68 -3.88 -5.43 12.31
CA LYS A 68 -3.29 -4.09 12.32
C LYS A 68 -1.89 -4.12 12.91
N ASP A 69 -1.75 -4.78 14.06
CA ASP A 69 -0.45 -4.87 14.73
C ASP A 69 0.65 -5.23 13.74
N SER A 70 0.30 -6.07 12.76
CA SER A 70 1.27 -6.49 11.75
C SER A 70 1.51 -5.38 10.74
N ALA A 71 0.45 -4.66 10.38
CA ALA A 71 0.54 -3.57 9.43
C ALA A 71 1.50 -2.49 9.91
N GLN A 72 1.33 -2.08 11.16
CA GLN A 72 2.19 -1.04 11.74
C GLN A 72 3.66 -1.32 11.43
N ASN A 73 4.11 -2.53 11.74
CA ASN A 73 5.49 -2.91 11.50
C ASN A 73 5.95 -2.43 10.12
N CYS A 74 5.21 -2.83 9.09
CA CYS A 74 5.54 -2.45 7.72
C CYS A 74 5.56 -0.93 7.56
N THR A 75 4.58 -0.27 8.18
CA THR A 75 4.48 1.18 8.11
C THR A 75 5.70 1.85 8.76
N ARG A 76 6.51 1.04 9.43
CA ARG A 76 7.71 1.56 10.10
C ARG A 76 8.96 0.88 9.56
N ALA A 77 8.77 -0.08 8.66
CA ALA A 77 9.88 -0.81 8.06
C ALA A 77 10.23 -0.26 6.69
N ILE A 78 9.21 0.03 5.89
CA ILE A 78 9.41 0.57 4.55
C ILE A 78 9.28 2.09 4.55
N ASN A 79 8.56 2.63 5.52
CA ASN A 79 8.36 4.07 5.63
C ASN A 79 9.70 4.79 5.63
N ASN A 80 9.85 5.76 4.73
CA ASN A 80 11.07 6.53 4.63
C ASN A 80 12.24 5.64 4.21
N LYS A 81 12.03 4.86 3.17
CA LYS A 81 13.07 3.96 2.67
C LYS A 81 13.06 3.91 1.15
N GLN A 82 14.23 3.64 0.55
CA GLN A 82 14.35 3.57 -0.90
C GLN A 82 14.29 2.12 -1.38
N LEU A 83 13.19 1.76 -2.03
CA LEU A 83 13.02 0.40 -2.53
C LEU A 83 12.85 0.41 -4.06
N PHE A 84 13.24 -0.69 -4.68
CA PHE A 84 13.14 -0.81 -6.14
C PHE A 84 13.58 0.48 -6.83
N GLY A 85 14.43 1.24 -6.16
CA GLY A 85 14.90 2.49 -6.71
C GLY A 85 13.84 3.56 -6.74
N ARG A 86 13.10 3.69 -5.64
CA ARG A 86 12.04 4.68 -5.55
C ARG A 86 11.57 4.84 -4.10
N VAL A 87 11.88 5.98 -3.50
CA VAL A 87 11.50 6.26 -2.13
C VAL A 87 10.04 5.85 -1.87
N ILE A 88 9.86 4.74 -1.18
CA ILE A 88 8.53 4.25 -0.88
C ILE A 88 8.04 4.78 0.47
N LYS A 89 6.80 5.24 0.50
CA LYS A 89 6.22 5.77 1.72
C LYS A 89 5.09 4.86 2.24
N ALA A 90 4.98 4.77 3.56
CA ALA A 90 3.94 3.94 4.17
C ALA A 90 3.26 4.68 5.31
N SER A 91 1.94 4.52 5.41
CA SER A 91 1.17 5.18 6.46
C SER A 91 -0.19 4.50 6.62
N ILE A 92 -0.67 4.47 7.86
CA ILE A 92 -1.96 3.85 8.16
C ILE A 92 -3.10 4.58 7.44
N ALA A 93 -3.95 3.82 6.77
CA ALA A 93 -5.08 4.39 6.05
C ALA A 93 -6.38 4.21 6.83
N ILE A 94 -6.85 5.29 7.44
CA ILE A 94 -8.08 5.26 8.22
C ILE A 94 -9.15 6.16 7.61
N GLY A 1 6.81 15.40 -4.46
CA GLY A 1 5.85 14.38 -4.13
C GLY A 1 4.43 14.92 -4.07
N SER A 2 4.14 15.69 -3.03
CA SER A 2 2.81 16.26 -2.85
C SER A 2 2.84 17.43 -1.86
N SER A 3 2.65 18.64 -2.37
CA SER A 3 2.67 19.83 -1.54
C SER A 3 1.26 20.35 -1.32
N GLY A 4 0.57 19.79 -0.32
CA GLY A 4 -0.78 20.22 -0.01
C GLY A 4 -1.82 19.31 -0.64
N SER A 5 -2.96 19.89 -1.03
CA SER A 5 -4.03 19.12 -1.64
C SER A 5 -3.86 19.06 -3.15
N SER A 6 -3.83 17.84 -3.68
CA SER A 6 -3.67 17.63 -5.12
C SER A 6 -4.74 16.70 -5.65
N GLY A 7 -5.96 16.83 -5.12
CA GLY A 7 -7.06 15.98 -5.57
C GLY A 7 -7.01 14.60 -4.93
N MET A 8 -8.15 14.16 -4.41
CA MET A 8 -8.25 12.85 -3.77
C MET A 8 -7.02 12.57 -2.92
N SER A 9 -6.49 13.63 -2.29
CA SER A 9 -5.31 13.50 -1.45
C SER A 9 -5.32 12.17 -0.69
N GLY A 10 -6.48 11.84 -0.13
CA GLY A 10 -6.60 10.60 0.61
C GLY A 10 -7.20 9.48 -0.21
N GLY A 11 -7.05 8.24 0.26
CA GLY A 11 -7.59 7.10 -0.45
C GLY A 11 -9.10 7.04 -0.39
N LEU A 12 -9.65 5.88 -0.76
CA LEU A 12 -11.10 5.70 -0.74
C LEU A 12 -11.49 4.51 0.14
N ALA A 13 -10.54 3.59 0.33
CA ALA A 13 -10.78 2.41 1.16
C ALA A 13 -9.87 2.40 2.38
N PRO A 14 -9.90 3.49 3.16
CA PRO A 14 -9.08 3.63 4.36
C PRO A 14 -9.53 2.70 5.48
N SER A 15 -8.57 2.03 6.11
CA SER A 15 -8.86 1.11 7.20
C SER A 15 -7.70 1.03 8.18
N LYS A 16 -7.93 0.36 9.31
CA LYS A 16 -6.90 0.21 10.33
C LYS A 16 -5.73 -0.62 9.81
N SER A 17 -6.00 -1.88 9.48
CA SER A 17 -4.96 -2.77 8.96
C SER A 17 -4.37 -2.23 7.67
N THR A 18 -5.22 -1.99 6.68
CA THR A 18 -4.78 -1.48 5.39
C THR A 18 -3.65 -0.47 5.57
N VAL A 19 -2.60 -0.64 4.77
CA VAL A 19 -1.44 0.25 4.83
C VAL A 19 -1.30 1.06 3.54
N TYR A 20 -1.35 2.38 3.66
CA TYR A 20 -1.23 3.26 2.51
C TYR A 20 0.22 3.37 2.06
N VAL A 21 0.55 2.68 0.97
CA VAL A 21 1.91 2.71 0.43
C VAL A 21 1.96 3.42 -0.92
N SER A 22 2.97 4.26 -1.10
CA SER A 22 3.12 4.99 -2.35
C SER A 22 4.50 4.76 -2.95
N ASN A 23 4.68 5.22 -4.19
CA ASN A 23 5.96 5.05 -4.88
C ASN A 23 6.29 3.58 -5.09
N LEU A 24 5.25 2.77 -5.23
CA LEU A 24 5.43 1.33 -5.44
C LEU A 24 5.69 1.01 -6.90
N PRO A 25 6.57 0.02 -7.15
CA PRO A 25 6.93 -0.40 -8.50
C PRO A 25 5.78 -1.10 -9.22
N PHE A 26 4.84 -0.33 -9.74
CA PHE A 26 3.69 -0.88 -10.44
C PHE A 26 4.10 -2.05 -11.33
N SER A 27 5.35 -2.02 -11.79
CA SER A 27 5.87 -3.07 -12.65
C SER A 27 5.43 -4.44 -12.16
N LEU A 28 5.33 -4.59 -10.85
CA LEU A 28 4.90 -5.85 -10.24
C LEU A 28 3.40 -6.06 -10.38
N THR A 29 2.90 -7.14 -9.80
CA THR A 29 1.47 -7.45 -9.87
C THR A 29 0.92 -7.72 -8.47
N ASN A 30 -0.40 -7.59 -8.34
CA ASN A 30 -1.06 -7.82 -7.06
C ASN A 30 -0.38 -8.95 -6.28
N ASN A 31 -0.16 -10.07 -6.96
CA ASN A 31 0.48 -11.22 -6.34
C ASN A 31 1.82 -10.83 -5.71
N ASP A 32 2.64 -10.13 -6.49
CA ASP A 32 3.94 -9.69 -6.00
C ASP A 32 3.82 -8.95 -4.67
N LEU A 33 3.18 -7.79 -4.70
CA LEU A 33 3.00 -6.99 -3.50
C LEU A 33 2.56 -7.87 -2.33
N TYR A 34 1.55 -8.70 -2.56
CA TYR A 34 1.04 -9.59 -1.53
C TYR A 34 2.18 -10.34 -0.84
N ARG A 35 3.08 -10.91 -1.64
CA ARG A 35 4.21 -11.65 -1.11
C ARG A 35 5.26 -10.70 -0.53
N ILE A 36 5.74 -9.79 -1.36
CA ILE A 36 6.75 -8.82 -0.94
C ILE A 36 6.45 -8.30 0.47
N PHE A 37 5.26 -7.75 0.65
CA PHE A 37 4.85 -7.23 1.94
C PHE A 37 4.74 -8.33 2.98
N SER A 38 4.55 -9.57 2.51
CA SER A 38 4.43 -10.71 3.38
C SER A 38 5.60 -10.78 4.35
N LYS A 39 6.70 -10.12 4.01
CA LYS A 39 7.89 -10.11 4.84
C LYS A 39 7.60 -9.49 6.20
N TYR A 40 6.53 -8.69 6.27
CA TYR A 40 6.14 -8.03 7.51
C TYR A 40 5.00 -8.79 8.19
N GLY A 41 3.90 -8.95 7.47
CA GLY A 41 2.75 -9.65 8.02
C GLY A 41 1.91 -10.31 6.94
N LYS A 42 1.24 -11.40 7.31
CA LYS A 42 0.41 -12.13 6.36
C LYS A 42 -0.55 -11.19 5.63
N VAL A 43 -0.62 -11.33 4.31
CA VAL A 43 -1.49 -10.49 3.50
C VAL A 43 -2.76 -11.23 3.11
N VAL A 44 -3.88 -10.51 3.11
CA VAL A 44 -5.17 -11.11 2.75
C VAL A 44 -5.64 -10.60 1.39
N LYS A 45 -5.55 -9.29 1.19
CA LYS A 45 -5.99 -8.67 -0.06
C LYS A 45 -5.01 -7.57 -0.47
N VAL A 46 -4.87 -7.37 -1.78
CA VAL A 46 -3.98 -6.35 -2.31
C VAL A 46 -4.74 -5.34 -3.17
N THR A 47 -4.92 -4.13 -2.65
CA THR A 47 -5.62 -3.08 -3.37
C THR A 47 -4.65 -2.12 -4.04
N ILE A 48 -5.07 -1.57 -5.18
CA ILE A 48 -4.24 -0.63 -5.92
C ILE A 48 -5.08 0.49 -6.53
N MET A 49 -4.55 1.71 -6.47
CA MET A 49 -5.25 2.86 -7.02
C MET A 49 -5.08 2.93 -8.54
N LYS A 50 -5.99 3.65 -9.19
CA LYS A 50 -5.94 3.80 -10.65
C LYS A 50 -6.44 5.17 -11.07
N ASP A 51 -5.55 5.97 -11.65
CA ASP A 51 -5.91 7.32 -12.10
C ASP A 51 -7.08 7.26 -13.09
N LYS A 52 -7.55 8.44 -13.50
CA LYS A 52 -8.66 8.52 -14.44
C LYS A 52 -8.16 8.89 -15.84
N ASP A 53 -7.27 9.87 -15.90
CA ASP A 53 -6.71 10.31 -17.17
C ASP A 53 -5.61 9.37 -17.64
N THR A 54 -4.59 9.20 -16.81
CA THR A 54 -3.48 8.33 -17.14
C THR A 54 -3.85 6.86 -16.95
N ARG A 55 -4.80 6.60 -16.07
CA ARG A 55 -5.25 5.25 -15.79
C ARG A 55 -4.08 4.37 -15.36
N LYS A 56 -3.26 4.89 -14.45
CA LYS A 56 -2.10 4.14 -13.95
C LYS A 56 -2.11 4.08 -12.43
N SER A 57 -1.35 3.14 -11.88
CA SER A 57 -1.27 2.97 -10.43
C SER A 57 -0.53 4.15 -9.79
N LYS A 58 0.55 4.57 -10.43
CA LYS A 58 1.35 5.69 -9.91
C LYS A 58 1.98 5.34 -8.57
N GLY A 59 2.17 4.04 -8.32
CA GLY A 59 2.76 3.60 -7.07
C GLY A 59 1.76 3.57 -5.94
N VAL A 60 0.78 4.47 -5.99
CA VAL A 60 -0.24 4.55 -4.95
C VAL A 60 -1.04 3.25 -4.88
N ALA A 61 -0.81 2.48 -3.82
CA ALA A 61 -1.52 1.22 -3.64
C ALA A 61 -1.82 0.98 -2.16
N PHE A 62 -2.78 0.09 -1.89
CA PHE A 62 -3.17 -0.23 -0.53
C PHE A 62 -2.94 -1.71 -0.23
N ILE A 63 -2.26 -1.97 0.89
CA ILE A 63 -1.97 -3.35 1.29
C ILE A 63 -2.77 -3.73 2.53
N LEU A 64 -3.65 -4.70 2.36
CA LEU A 64 -4.48 -5.18 3.47
C LEU A 64 -3.79 -6.29 4.24
N PHE A 65 -3.58 -6.08 5.54
CA PHE A 65 -2.92 -7.07 6.37
C PHE A 65 -3.95 -7.84 7.20
N LEU A 66 -3.59 -9.06 7.59
CA LEU A 66 -4.48 -9.90 8.39
C LEU A 66 -4.70 -9.31 9.78
N ASP A 67 -3.64 -8.75 10.35
CA ASP A 67 -3.72 -8.15 11.68
C ASP A 67 -3.19 -6.71 11.65
N LYS A 68 -3.99 -5.79 12.17
CA LYS A 68 -3.61 -4.38 12.20
C LYS A 68 -2.24 -4.21 12.87
N ASP A 69 -2.07 -4.83 14.02
CA ASP A 69 -0.81 -4.75 14.76
C ASP A 69 0.38 -5.00 13.82
N SER A 70 0.20 -5.93 12.89
CA SER A 70 1.26 -6.26 11.95
C SER A 70 1.49 -5.12 10.97
N ALA A 71 0.41 -4.55 10.45
CA ALA A 71 0.50 -3.45 9.51
C ALA A 71 1.49 -2.39 9.99
N GLN A 72 1.25 -1.87 11.19
CA GLN A 72 2.12 -0.84 11.75
C GLN A 72 3.59 -1.20 11.53
N ASN A 73 4.00 -2.37 12.00
CA ASN A 73 5.37 -2.83 11.86
C ASN A 73 5.90 -2.50 10.47
N CYS A 74 5.09 -2.76 9.45
CA CYS A 74 5.47 -2.50 8.07
C CYS A 74 5.49 -1.00 7.79
N THR A 75 4.52 -0.28 8.34
CA THR A 75 4.43 1.16 8.14
C THR A 75 5.66 1.86 8.68
N ARG A 76 6.52 1.12 9.38
CA ARG A 76 7.73 1.68 9.95
C ARG A 76 8.97 1.02 9.34
N ALA A 77 8.77 -0.12 8.69
CA ALA A 77 9.87 -0.85 8.06
C ALA A 77 10.14 -0.32 6.65
N ILE A 78 9.06 -0.05 5.91
CA ILE A 78 9.18 0.46 4.55
C ILE A 78 9.16 1.98 4.54
N ASN A 79 8.53 2.57 5.54
CA ASN A 79 8.45 4.03 5.64
C ASN A 79 9.84 4.65 5.68
N ASN A 80 10.02 5.72 4.91
CA ASN A 80 11.31 6.41 4.85
C ASN A 80 12.42 5.46 4.43
N LYS A 81 12.19 4.71 3.36
CA LYS A 81 13.17 3.77 2.86
C LYS A 81 13.09 3.66 1.34
N GLN A 82 14.22 3.33 0.71
CA GLN A 82 14.27 3.18 -0.74
C GLN A 82 14.08 1.73 -1.15
N LEU A 83 13.04 1.47 -1.95
CA LEU A 83 12.75 0.12 -2.41
C LEU A 83 12.62 0.09 -3.93
N PHE A 84 13.27 -0.87 -4.56
CA PHE A 84 13.22 -1.02 -6.02
C PHE A 84 13.62 0.28 -6.70
N GLY A 85 14.49 1.05 -6.05
CA GLY A 85 14.93 2.31 -6.60
C GLY A 85 13.84 3.35 -6.64
N ARG A 86 13.15 3.52 -5.52
CA ARG A 86 12.05 4.50 -5.43
C ARG A 86 11.60 4.67 -3.99
N VAL A 87 11.92 5.81 -3.40
CA VAL A 87 11.54 6.10 -2.02
C VAL A 87 10.07 5.80 -1.79
N ILE A 88 9.79 4.72 -1.07
CA ILE A 88 8.43 4.32 -0.77
C ILE A 88 7.96 4.93 0.54
N LYS A 89 6.74 5.46 0.54
CA LYS A 89 6.16 6.07 1.73
C LYS A 89 4.97 5.26 2.24
N ALA A 90 4.90 5.09 3.55
CA ALA A 90 3.81 4.34 4.18
C ALA A 90 3.07 5.19 5.21
N SER A 91 1.79 4.92 5.37
CA SER A 91 0.96 5.66 6.33
C SER A 91 -0.38 4.98 6.53
N ILE A 92 -0.75 4.76 7.80
CA ILE A 92 -2.01 4.12 8.13
C ILE A 92 -3.18 4.81 7.43
N ALA A 93 -3.85 4.09 6.56
CA ALA A 93 -4.99 4.63 5.83
C ALA A 93 -6.19 4.83 6.75
N ILE A 94 -6.51 6.09 7.02
CA ILE A 94 -7.64 6.42 7.89
C ILE A 94 -8.41 7.61 7.35
N GLY A 1 -7.80 14.29 -10.51
CA GLY A 1 -8.46 15.37 -9.80
C GLY A 1 -8.19 15.34 -8.31
N SER A 2 -8.88 16.20 -7.56
CA SER A 2 -8.70 16.27 -6.12
C SER A 2 -8.55 14.87 -5.53
N SER A 3 -7.52 14.70 -4.70
CA SER A 3 -7.26 13.41 -4.06
C SER A 3 -8.27 13.12 -2.97
N GLY A 4 -8.42 14.08 -2.04
CA GLY A 4 -9.36 13.90 -0.95
C GLY A 4 -10.79 13.72 -1.44
N SER A 5 -11.54 14.81 -1.50
CA SER A 5 -12.93 14.76 -1.95
C SER A 5 -13.05 13.98 -3.25
N SER A 6 -13.44 12.71 -3.14
CA SER A 6 -13.59 11.85 -4.32
C SER A 6 -14.55 10.71 -4.02
N GLY A 7 -15.12 10.14 -5.08
CA GLY A 7 -16.06 9.04 -4.92
C GLY A 7 -17.09 8.98 -6.04
N MET A 8 -17.02 7.94 -6.86
CA MET A 8 -17.95 7.77 -7.95
C MET A 8 -18.89 6.58 -7.71
N SER A 9 -18.32 5.45 -7.31
CA SER A 9 -19.09 4.26 -7.04
C SER A 9 -19.90 4.41 -5.76
N GLY A 10 -19.28 4.98 -4.74
CA GLY A 10 -19.97 5.18 -3.47
C GLY A 10 -20.07 3.90 -2.67
N GLY A 11 -18.95 3.20 -2.51
CA GLY A 11 -18.95 1.97 -1.75
C GLY A 11 -17.56 1.56 -1.31
N LEU A 12 -17.08 2.16 -0.23
CA LEU A 12 -15.76 1.87 0.30
C LEU A 12 -15.56 2.52 1.66
N ALA A 13 -14.54 2.07 2.39
CA ALA A 13 -14.23 2.62 3.70
C ALA A 13 -12.83 2.21 4.15
N PRO A 14 -12.06 3.19 4.67
CA PRO A 14 -10.70 2.96 5.15
C PRO A 14 -10.67 2.11 6.42
N SER A 15 -9.49 1.59 6.74
CA SER A 15 -9.32 0.76 7.93
C SER A 15 -7.87 0.74 8.38
N LYS A 16 -7.66 0.53 9.68
CA LYS A 16 -6.32 0.49 10.25
C LYS A 16 -5.49 -0.63 9.62
N SER A 17 -6.09 -1.81 9.53
CA SER A 17 -5.41 -2.97 8.95
C SER A 17 -4.73 -2.60 7.64
N THR A 18 -5.41 -1.80 6.82
CA THR A 18 -4.86 -1.36 5.54
C THR A 18 -3.59 -0.54 5.73
N VAL A 19 -2.78 -0.45 4.68
CA VAL A 19 -1.54 0.32 4.74
C VAL A 19 -1.33 1.09 3.45
N TYR A 20 -1.42 2.42 3.55
CA TYR A 20 -1.23 3.29 2.39
C TYR A 20 0.22 3.27 1.92
N VAL A 21 0.47 2.57 0.82
CA VAL A 21 1.81 2.48 0.27
C VAL A 21 1.88 3.09 -1.13
N SER A 22 2.68 4.13 -1.28
CA SER A 22 2.83 4.81 -2.56
C SER A 22 4.25 4.63 -3.12
N ASN A 23 4.52 5.29 -4.24
CA ASN A 23 5.84 5.20 -4.86
C ASN A 23 6.24 3.75 -5.10
N LEU A 24 5.23 2.89 -5.26
CA LEU A 24 5.48 1.46 -5.49
C LEU A 24 5.71 1.20 -6.97
N PRO A 25 6.63 0.26 -7.27
CA PRO A 25 6.96 -0.11 -8.65
C PRO A 25 5.83 -0.86 -9.34
N PHE A 26 4.90 -0.12 -9.92
CA PHE A 26 3.76 -0.71 -10.62
C PHE A 26 4.21 -1.87 -11.51
N SER A 27 5.47 -1.82 -11.95
CA SER A 27 6.03 -2.85 -12.81
C SER A 27 5.69 -4.24 -12.28
N LEU A 28 5.49 -4.33 -10.96
CA LEU A 28 5.16 -5.60 -10.32
C LEU A 28 3.67 -5.91 -10.48
N THR A 29 3.24 -7.01 -9.87
CA THR A 29 1.85 -7.43 -9.93
C THR A 29 1.30 -7.73 -8.55
N ASN A 30 -0.03 -7.64 -8.41
CA ASN A 30 -0.68 -7.90 -7.13
C ASN A 30 0.04 -9.02 -6.36
N ASN A 31 0.34 -10.10 -7.06
CA ASN A 31 1.03 -11.24 -6.46
C ASN A 31 2.34 -10.80 -5.80
N ASP A 32 3.16 -10.08 -6.56
CA ASP A 32 4.43 -9.59 -6.05
C ASP A 32 4.25 -8.88 -4.71
N LEU A 33 3.51 -7.78 -4.72
CA LEU A 33 3.25 -7.01 -3.51
C LEU A 33 2.83 -7.92 -2.36
N TYR A 34 1.79 -8.71 -2.60
CA TYR A 34 1.28 -9.63 -1.58
C TYR A 34 2.43 -10.21 -0.75
N ARG A 35 3.42 -10.77 -1.44
CA ARG A 35 4.57 -11.36 -0.76
C ARG A 35 5.49 -10.27 -0.21
N ILE A 36 5.83 -9.31 -1.05
CA ILE A 36 6.71 -8.21 -0.64
C ILE A 36 6.31 -7.68 0.73
N PHE A 37 5.00 -7.54 0.95
CA PHE A 37 4.49 -7.03 2.22
C PHE A 37 4.31 -8.17 3.22
N SER A 38 4.22 -9.39 2.71
CA SER A 38 4.04 -10.56 3.56
C SER A 38 5.23 -10.75 4.49
N LYS A 39 6.38 -10.23 4.08
CA LYS A 39 7.60 -10.35 4.88
C LYS A 39 7.41 -9.72 6.25
N TYR A 40 6.44 -8.82 6.36
CA TYR A 40 6.15 -8.15 7.62
C TYR A 40 4.94 -8.78 8.30
N GLY A 41 3.83 -8.87 7.56
CA GLY A 41 2.62 -9.45 8.11
C GLY A 41 1.79 -10.15 7.06
N LYS A 42 1.07 -11.19 7.48
CA LYS A 42 0.22 -11.95 6.55
C LYS A 42 -0.74 -11.02 5.82
N VAL A 43 -0.85 -11.21 4.51
CA VAL A 43 -1.74 -10.39 3.68
C VAL A 43 -3.01 -11.16 3.34
N VAL A 44 -4.14 -10.46 3.37
CA VAL A 44 -5.42 -11.06 3.07
C VAL A 44 -5.95 -10.58 1.72
N LYS A 45 -5.70 -9.31 1.40
CA LYS A 45 -6.14 -8.74 0.14
C LYS A 45 -5.20 -7.62 -0.30
N VAL A 46 -5.13 -7.40 -1.61
CA VAL A 46 -4.27 -6.37 -2.17
C VAL A 46 -5.08 -5.35 -2.97
N THR A 47 -5.03 -4.09 -2.54
CA THR A 47 -5.75 -3.02 -3.20
C THR A 47 -4.80 -2.06 -3.91
N ILE A 48 -5.19 -1.63 -5.10
CA ILE A 48 -4.37 -0.70 -5.88
C ILE A 48 -5.20 0.45 -6.42
N MET A 49 -4.64 1.66 -6.37
CA MET A 49 -5.32 2.85 -6.86
C MET A 49 -5.24 2.94 -8.37
N LYS A 50 -6.12 3.74 -8.97
CA LYS A 50 -6.14 3.92 -10.42
C LYS A 50 -6.75 5.26 -10.78
N ASP A 51 -5.93 6.15 -11.34
CA ASP A 51 -6.39 7.47 -11.75
C ASP A 51 -7.66 7.37 -12.58
N LYS A 52 -8.20 8.53 -12.98
CA LYS A 52 -9.41 8.56 -13.79
C LYS A 52 -9.09 9.00 -15.22
N ASP A 53 -7.93 9.64 -15.39
CA ASP A 53 -7.51 10.10 -16.72
C ASP A 53 -6.51 9.13 -17.33
N THR A 54 -5.31 9.09 -16.77
CA THR A 54 -4.26 8.21 -17.26
C THR A 54 -4.58 6.75 -16.95
N ARG A 55 -5.48 6.53 -16.01
CA ARG A 55 -5.87 5.19 -15.61
C ARG A 55 -4.65 4.35 -15.25
N LYS A 56 -3.73 4.95 -14.48
CA LYS A 56 -2.51 4.27 -14.06
C LYS A 56 -2.47 4.12 -12.54
N SER A 57 -1.77 3.10 -12.07
CA SER A 57 -1.65 2.85 -10.63
C SER A 57 -0.88 3.97 -9.96
N LYS A 58 0.15 4.49 -10.63
CA LYS A 58 0.95 5.58 -10.09
C LYS A 58 1.63 5.15 -8.79
N GLY A 59 1.82 3.85 -8.62
CA GLY A 59 2.46 3.34 -7.42
C GLY A 59 1.52 3.28 -6.24
N VAL A 60 0.65 4.28 -6.12
CA VAL A 60 -0.31 4.34 -5.03
C VAL A 60 -1.10 3.03 -4.93
N ALA A 61 -0.83 2.27 -3.87
CA ALA A 61 -1.51 1.00 -3.66
C ALA A 61 -1.78 0.77 -2.17
N PHE A 62 -2.95 0.20 -1.87
CA PHE A 62 -3.32 -0.06 -0.48
C PHE A 62 -3.19 -1.55 -0.17
N ILE A 63 -2.42 -1.86 0.88
CA ILE A 63 -2.21 -3.25 1.28
C ILE A 63 -3.05 -3.59 2.51
N LEU A 64 -3.84 -4.66 2.40
CA LEU A 64 -4.70 -5.09 3.49
C LEU A 64 -4.02 -6.19 4.30
N PHE A 65 -3.95 -6.01 5.61
CA PHE A 65 -3.33 -6.98 6.49
C PHE A 65 -4.37 -7.66 7.38
N LEU A 66 -4.04 -8.84 7.89
CA LEU A 66 -4.94 -9.58 8.75
C LEU A 66 -5.12 -8.88 10.10
N ASP A 67 -4.00 -8.64 10.78
CA ASP A 67 -4.03 -7.97 12.08
C ASP A 67 -3.35 -6.61 12.01
N LYS A 68 -4.06 -5.58 12.42
CA LYS A 68 -3.53 -4.21 12.40
C LYS A 68 -2.13 -4.18 12.99
N ASP A 69 -1.95 -4.88 14.11
CA ASP A 69 -0.65 -4.92 14.77
C ASP A 69 0.48 -5.13 13.77
N SER A 70 0.32 -6.12 12.90
CA SER A 70 1.31 -6.43 11.89
C SER A 70 1.52 -5.25 10.95
N ALA A 71 0.43 -4.80 10.34
CA ALA A 71 0.49 -3.67 9.41
C ALA A 71 1.46 -2.61 9.91
N GLN A 72 1.21 -2.09 11.11
CA GLN A 72 2.07 -1.06 11.70
C GLN A 72 3.53 -1.32 11.36
N ASN A 73 4.08 -2.38 11.94
CA ASN A 73 5.48 -2.73 11.71
C ASN A 73 5.89 -2.41 10.27
N CYS A 74 5.12 -2.92 9.32
CA CYS A 74 5.42 -2.68 7.91
C CYS A 74 5.46 -1.19 7.60
N THR A 75 4.52 -0.44 8.18
CA THR A 75 4.46 1.00 7.97
C THR A 75 5.68 1.70 8.54
N ARG A 76 6.52 0.93 9.25
CA ARG A 76 7.72 1.48 9.86
C ARG A 76 8.97 0.79 9.30
N ALA A 77 8.76 -0.29 8.56
CA ALA A 77 9.86 -1.05 7.97
C ALA A 77 10.22 -0.51 6.59
N ILE A 78 9.19 -0.19 5.80
CA ILE A 78 9.40 0.34 4.46
C ILE A 78 9.31 1.87 4.45
N ASN A 79 8.61 2.41 5.43
CA ASN A 79 8.44 3.86 5.53
C ASN A 79 9.80 4.56 5.61
N ASN A 80 9.97 5.59 4.78
CA ASN A 80 11.21 6.34 4.74
C ASN A 80 12.37 5.45 4.32
N LYS A 81 12.13 4.59 3.35
CA LYS A 81 13.14 3.68 2.84
C LYS A 81 13.11 3.61 1.32
N GLN A 82 14.26 3.28 0.72
CA GLN A 82 14.36 3.18 -0.73
C GLN A 82 14.16 1.74 -1.19
N LEU A 83 13.32 1.56 -2.21
CA LEU A 83 13.05 0.24 -2.74
C LEU A 83 12.90 0.28 -4.27
N PHE A 84 13.55 -0.65 -4.94
CA PHE A 84 13.49 -0.73 -6.40
C PHE A 84 13.90 0.61 -7.02
N GLY A 85 14.69 1.38 -6.29
CA GLY A 85 15.13 2.67 -6.78
C GLY A 85 14.03 3.70 -6.78
N ARG A 86 13.26 3.75 -5.70
CA ARG A 86 12.16 4.70 -5.58
C ARG A 86 11.69 4.81 -4.13
N VAL A 87 11.96 5.96 -3.50
CA VAL A 87 11.57 6.18 -2.12
C VAL A 87 10.11 5.80 -1.89
N ILE A 88 9.90 4.71 -1.18
CA ILE A 88 8.55 4.24 -0.89
C ILE A 88 8.07 4.73 0.47
N LYS A 89 6.86 5.28 0.50
CA LYS A 89 6.29 5.80 1.74
C LYS A 89 5.11 4.94 2.18
N ALA A 90 5.03 4.68 3.49
CA ALA A 90 3.95 3.88 4.04
C ALA A 90 3.26 4.61 5.20
N SER A 91 1.95 4.45 5.30
CA SER A 91 1.18 5.09 6.35
C SER A 91 -0.16 4.39 6.55
N ILE A 92 -0.63 4.35 7.79
CA ILE A 92 -1.90 3.71 8.11
C ILE A 92 -3.07 4.50 7.53
N ALA A 93 -3.82 3.86 6.64
CA ALA A 93 -4.98 4.49 6.02
C ALA A 93 -6.24 4.31 6.86
N ILE A 94 -6.62 5.35 7.59
CA ILE A 94 -7.80 5.29 8.44
C ILE A 94 -8.95 6.12 7.84
N GLY A 1 -13.69 11.15 4.01
CA GLY A 1 -14.96 10.97 3.35
C GLY A 1 -14.81 10.59 1.89
N SER A 2 -14.89 9.29 1.62
CA SER A 2 -14.76 8.79 0.26
C SER A 2 -15.93 7.89 -0.11
N SER A 3 -16.20 7.78 -1.41
CA SER A 3 -17.30 6.96 -1.90
C SER A 3 -16.78 5.72 -2.64
N GLY A 4 -15.75 5.11 -2.08
CA GLY A 4 -15.17 3.93 -2.69
C GLY A 4 -14.48 4.23 -4.01
N SER A 5 -13.16 4.24 -4.00
CA SER A 5 -12.39 4.54 -5.21
C SER A 5 -12.54 3.41 -6.23
N SER A 6 -12.43 3.76 -7.50
CA SER A 6 -12.56 2.79 -8.58
C SER A 6 -11.36 1.84 -8.60
N GLY A 7 -11.49 0.76 -9.36
CA GLY A 7 -10.42 -0.21 -9.46
C GLY A 7 -10.92 -1.63 -9.65
N MET A 8 -10.28 -2.59 -9.01
CA MET A 8 -10.67 -3.98 -9.11
C MET A 8 -10.80 -4.62 -7.73
N SER A 9 -11.99 -4.49 -7.13
CA SER A 9 -12.24 -5.04 -5.81
C SER A 9 -13.74 -5.15 -5.56
N GLY A 10 -14.10 -5.90 -4.51
CA GLY A 10 -15.50 -6.08 -4.19
C GLY A 10 -15.73 -6.19 -2.69
N GLY A 11 -15.12 -5.29 -1.92
CA GLY A 11 -15.28 -5.32 -0.48
C GLY A 11 -13.99 -4.95 0.24
N LEU A 12 -13.25 -3.98 -0.31
CA LEU A 12 -12.00 -3.55 0.30
C LEU A 12 -12.25 -2.44 1.31
N ALA A 13 -12.05 -2.75 2.58
CA ALA A 13 -12.24 -1.78 3.65
C ALA A 13 -10.94 -1.08 4.00
N PRO A 14 -10.95 0.26 3.94
CA PRO A 14 -9.78 1.08 4.25
C PRO A 14 -9.42 1.05 5.73
N SER A 15 -10.16 0.25 6.50
CA SER A 15 -9.92 0.13 7.93
C SER A 15 -8.43 0.27 8.25
N LYS A 16 -8.12 0.78 9.44
CA LYS A 16 -6.74 0.96 9.86
C LYS A 16 -5.85 -0.13 9.29
N SER A 17 -6.27 -1.38 9.45
CA SER A 17 -5.51 -2.51 8.94
C SER A 17 -4.78 -2.15 7.65
N THR A 18 -5.55 -1.73 6.65
CA THR A 18 -4.98 -1.35 5.36
C THR A 18 -3.74 -0.47 5.54
N VAL A 19 -2.78 -0.64 4.64
CA VAL A 19 -1.54 0.13 4.69
C VAL A 19 -1.40 1.04 3.48
N TYR A 20 -1.42 2.35 3.71
CA TYR A 20 -1.30 3.32 2.63
C TYR A 20 0.14 3.41 2.15
N VAL A 21 0.43 2.73 1.04
CA VAL A 21 1.78 2.74 0.48
C VAL A 21 1.79 3.45 -0.87
N SER A 22 2.89 4.16 -1.15
CA SER A 22 3.03 4.90 -2.39
C SER A 22 4.43 4.72 -2.97
N ASN A 23 4.62 5.19 -4.20
CA ASN A 23 5.92 5.08 -4.86
C ASN A 23 6.29 3.62 -5.10
N LEU A 24 5.28 2.76 -5.17
CA LEU A 24 5.50 1.33 -5.38
C LEU A 24 5.73 1.04 -6.86
N PRO A 25 6.58 0.03 -7.14
CA PRO A 25 6.91 -0.37 -8.51
C PRO A 25 5.72 -1.04 -9.21
N PHE A 26 4.84 -0.24 -9.78
CA PHE A 26 3.67 -0.75 -10.49
C PHE A 26 4.05 -1.90 -11.40
N SER A 27 5.31 -1.90 -11.85
CA SER A 27 5.79 -2.95 -12.74
C SER A 27 5.41 -4.34 -12.23
N LEU A 28 5.39 -4.48 -10.90
CA LEU A 28 5.04 -5.75 -10.28
C LEU A 28 3.54 -6.01 -10.38
N THR A 29 3.10 -7.12 -9.80
CA THR A 29 1.69 -7.48 -9.82
C THR A 29 1.17 -7.78 -8.41
N ASN A 30 -0.14 -7.73 -8.25
CA ASN A 30 -0.75 -7.99 -6.95
C ASN A 30 -0.01 -9.09 -6.20
N ASN A 31 0.26 -10.20 -6.90
CA ASN A 31 0.97 -11.31 -6.29
C ASN A 31 2.29 -10.85 -5.68
N ASP A 32 3.06 -10.10 -6.45
CA ASP A 32 4.35 -9.58 -5.98
C ASP A 32 4.19 -8.82 -4.67
N LEU A 33 3.38 -7.78 -4.70
CA LEU A 33 3.13 -6.95 -3.51
C LEU A 33 2.74 -7.83 -2.32
N TYR A 34 1.79 -8.73 -2.54
CA TYR A 34 1.32 -9.61 -1.49
C TYR A 34 2.50 -10.20 -0.71
N ARG A 35 3.48 -10.73 -1.43
CA ARG A 35 4.67 -11.31 -0.81
C ARG A 35 5.56 -10.22 -0.21
N ILE A 36 5.89 -9.23 -1.01
CA ILE A 36 6.73 -8.13 -0.56
C ILE A 36 6.27 -7.61 0.80
N PHE A 37 4.96 -7.49 0.96
CA PHE A 37 4.40 -7.00 2.22
C PHE A 37 4.19 -8.14 3.20
N SER A 38 4.29 -9.38 2.70
CA SER A 38 4.12 -10.55 3.53
C SER A 38 5.30 -10.74 4.48
N LYS A 39 6.47 -10.30 4.04
CA LYS A 39 7.68 -10.41 4.83
C LYS A 39 7.45 -9.90 6.26
N TYR A 40 6.44 -9.05 6.41
CA TYR A 40 6.12 -8.48 7.72
C TYR A 40 4.92 -9.20 8.34
N GLY A 41 3.79 -9.18 7.63
CA GLY A 41 2.60 -9.84 8.12
C GLY A 41 1.77 -10.45 7.01
N LYS A 42 1.08 -11.55 7.32
CA LYS A 42 0.25 -12.23 6.35
C LYS A 42 -0.72 -11.27 5.68
N VAL A 43 -0.86 -11.39 4.36
CA VAL A 43 -1.76 -10.52 3.60
C VAL A 43 -3.06 -11.24 3.27
N VAL A 44 -4.16 -10.49 3.30
CA VAL A 44 -5.47 -11.06 3.01
C VAL A 44 -5.93 -10.67 1.60
N LYS A 45 -5.65 -9.43 1.22
CA LYS A 45 -6.03 -8.93 -0.10
C LYS A 45 -5.21 -7.71 -0.47
N VAL A 46 -4.86 -7.60 -1.75
CA VAL A 46 -4.08 -6.47 -2.24
C VAL A 46 -4.96 -5.43 -2.92
N THR A 47 -4.48 -4.20 -2.99
CA THR A 47 -5.23 -3.11 -3.61
C THR A 47 -4.29 -2.09 -4.23
N ILE A 48 -4.72 -1.51 -5.35
CA ILE A 48 -3.92 -0.50 -6.04
C ILE A 48 -4.79 0.65 -6.53
N MET A 49 -4.27 1.87 -6.40
CA MET A 49 -4.99 3.06 -6.84
C MET A 49 -4.88 3.24 -8.35
N LYS A 50 -5.80 4.01 -8.92
CA LYS A 50 -5.81 4.27 -10.35
C LYS A 50 -6.27 5.70 -10.64
N ASP A 51 -5.35 6.53 -11.13
CA ASP A 51 -5.67 7.91 -11.45
C ASP A 51 -6.90 7.99 -12.33
N LYS A 52 -7.31 9.22 -12.65
CA LYS A 52 -8.50 9.44 -13.49
C LYS A 52 -8.08 9.77 -14.92
N ASP A 53 -7.42 10.91 -15.09
CA ASP A 53 -6.97 11.33 -16.41
C ASP A 53 -5.92 10.37 -16.97
N THR A 54 -4.79 10.28 -16.28
CA THR A 54 -3.70 9.41 -16.70
C THR A 54 -4.10 7.94 -16.57
N ARG A 55 -4.88 7.64 -15.54
CA ARG A 55 -5.33 6.28 -15.29
C ARG A 55 -4.15 5.36 -15.01
N LYS A 56 -3.28 5.77 -14.09
CA LYS A 56 -2.11 4.99 -13.73
C LYS A 56 -2.05 4.78 -12.22
N SER A 57 -1.29 3.77 -11.80
CA SER A 57 -1.15 3.45 -10.39
C SER A 57 -0.34 4.52 -9.67
N LYS A 58 0.70 5.02 -10.33
CA LYS A 58 1.55 6.05 -9.75
C LYS A 58 2.18 5.57 -8.45
N GLY A 59 2.31 4.25 -8.30
CA GLY A 59 2.89 3.69 -7.10
C GLY A 59 1.90 3.60 -5.96
N VAL A 60 0.99 4.57 -5.89
CA VAL A 60 -0.02 4.59 -4.84
C VAL A 60 -0.81 3.29 -4.81
N ALA A 61 -0.55 2.46 -3.81
CA ALA A 61 -1.25 1.19 -3.67
C ALA A 61 -1.59 0.90 -2.21
N PHE A 62 -2.72 0.23 -2.00
CA PHE A 62 -3.15 -0.11 -0.64
C PHE A 62 -2.96 -1.60 -0.37
N ILE A 63 -2.47 -1.91 0.82
CA ILE A 63 -2.24 -3.30 1.22
C ILE A 63 -3.10 -3.68 2.42
N LEU A 64 -3.89 -4.72 2.27
CA LEU A 64 -4.76 -5.20 3.35
C LEU A 64 -4.08 -6.30 4.16
N PHE A 65 -3.93 -6.06 5.45
CA PHE A 65 -3.30 -7.03 6.33
C PHE A 65 -4.35 -7.78 7.16
N LEU A 66 -3.89 -8.73 7.98
CA LEU A 66 -4.78 -9.51 8.82
C LEU A 66 -4.94 -8.88 10.19
N ASP A 67 -3.82 -8.50 10.79
CA ASP A 67 -3.83 -7.87 12.10
C ASP A 67 -3.26 -6.46 12.05
N LYS A 68 -3.95 -5.52 12.68
CA LYS A 68 -3.50 -4.13 12.69
C LYS A 68 -2.02 -4.03 13.06
N ASP A 69 -1.63 -4.74 14.12
CA ASP A 69 -0.25 -4.73 14.58
C ASP A 69 0.70 -5.08 13.43
N SER A 70 0.34 -6.10 12.66
CA SER A 70 1.15 -6.54 11.54
C SER A 70 1.38 -5.40 10.55
N ALA A 71 0.33 -4.63 10.30
CA ALA A 71 0.41 -3.50 9.38
C ALA A 71 1.34 -2.42 9.91
N GLN A 72 1.13 -2.02 11.16
CA GLN A 72 1.95 -0.99 11.78
C GLN A 72 3.44 -1.28 11.58
N ASN A 73 3.85 -2.51 11.87
CA ASN A 73 5.24 -2.91 11.72
C ASN A 73 5.77 -2.51 10.34
N CYS A 74 5.17 -3.08 9.30
CA CYS A 74 5.58 -2.79 7.93
C CYS A 74 5.59 -1.28 7.68
N THR A 75 4.55 -0.60 8.16
CA THR A 75 4.44 0.84 7.98
C THR A 75 5.63 1.56 8.59
N ARG A 76 6.42 0.84 9.37
CA ARG A 76 7.60 1.41 10.02
C ARG A 76 8.88 0.80 9.46
N ALA A 77 8.72 -0.23 8.62
CA ALA A 77 9.87 -0.91 8.02
C ALA A 77 10.21 -0.28 6.67
N ILE A 78 9.21 -0.11 5.83
CA ILE A 78 9.41 0.47 4.50
C ILE A 78 9.35 2.00 4.56
N ASN A 79 8.56 2.53 5.49
CA ASN A 79 8.42 3.96 5.64
C ASN A 79 9.78 4.65 5.60
N ASN A 80 9.88 5.69 4.77
CA ASN A 80 11.12 6.44 4.63
C ASN A 80 12.25 5.53 4.15
N LYS A 81 11.92 4.62 3.24
CA LYS A 81 12.90 3.68 2.70
C LYS A 81 12.87 3.68 1.17
N GLN A 82 14.01 3.39 0.55
CA GLN A 82 14.10 3.36 -0.90
C GLN A 82 14.03 1.92 -1.41
N LEU A 83 12.97 1.62 -2.16
CA LEU A 83 12.79 0.28 -2.72
C LEU A 83 12.69 0.33 -4.23
N PHE A 84 13.12 -0.75 -4.89
CA PHE A 84 13.09 -0.83 -6.33
C PHE A 84 13.51 0.48 -6.97
N GLY A 85 14.38 1.22 -6.26
CA GLY A 85 14.85 2.50 -6.77
C GLY A 85 13.76 3.54 -6.80
N ARG A 86 12.98 3.62 -5.74
CA ARG A 86 11.89 4.59 -5.65
C ARG A 86 11.44 4.78 -4.21
N VAL A 87 11.79 5.91 -3.62
CA VAL A 87 11.42 6.20 -2.24
C VAL A 87 9.97 5.82 -1.97
N ILE A 88 9.77 4.76 -1.19
CA ILE A 88 8.43 4.29 -0.86
C ILE A 88 7.95 4.88 0.45
N LYS A 89 6.73 5.40 0.46
CA LYS A 89 6.15 6.00 1.66
C LYS A 89 5.05 5.11 2.23
N ALA A 90 5.07 4.94 3.56
CA ALA A 90 4.08 4.11 4.23
C ALA A 90 3.36 4.90 5.32
N SER A 91 2.06 4.70 5.44
CA SER A 91 1.26 5.41 6.44
C SER A 91 -0.07 4.68 6.67
N ILE A 92 -0.53 4.70 7.92
CA ILE A 92 -1.78 4.04 8.28
C ILE A 92 -2.95 4.67 7.53
N ALA A 93 -3.56 3.89 6.65
CA ALA A 93 -4.70 4.36 5.87
C ALA A 93 -6.01 4.17 6.63
N ILE A 94 -6.73 5.27 6.85
CA ILE A 94 -7.99 5.22 7.57
C ILE A 94 -9.03 6.14 6.92
N GLY A 1 5.24 17.58 -2.74
CA GLY A 1 4.62 16.98 -3.90
C GLY A 1 3.84 17.99 -4.73
N SER A 2 2.64 18.31 -4.28
CA SER A 2 1.78 19.25 -4.98
C SER A 2 0.79 19.91 -4.03
N SER A 3 0.02 20.86 -4.56
CA SER A 3 -0.97 21.57 -3.75
C SER A 3 -2.38 21.24 -4.22
N GLY A 4 -3.33 21.23 -3.27
CA GLY A 4 -4.71 20.94 -3.61
C GLY A 4 -5.20 19.67 -2.94
N SER A 5 -5.18 19.66 -1.61
CA SER A 5 -5.63 18.50 -0.85
C SER A 5 -7.15 18.32 -0.98
N SER A 6 -7.56 17.37 -1.81
CA SER A 6 -8.97 17.10 -2.02
C SER A 6 -9.48 16.05 -1.03
N GLY A 7 -8.74 14.95 -0.92
CA GLY A 7 -9.13 13.89 -0.01
C GLY A 7 -10.46 13.25 -0.39
N MET A 8 -10.41 12.05 -0.95
CA MET A 8 -11.62 11.34 -1.35
C MET A 8 -12.14 10.46 -0.22
N SER A 9 -12.93 11.05 0.67
CA SER A 9 -13.48 10.33 1.80
C SER A 9 -12.40 9.57 2.55
N GLY A 10 -11.19 10.12 2.54
CA GLY A 10 -10.08 9.49 3.23
C GLY A 10 -9.90 8.03 2.83
N GLY A 11 -9.90 7.77 1.53
CA GLY A 11 -9.74 6.42 1.04
C GLY A 11 -11.06 5.68 0.93
N LEU A 12 -11.06 4.57 0.20
CA LEU A 12 -12.27 3.78 0.02
C LEU A 12 -12.37 2.67 1.06
N ALA A 13 -13.45 2.68 1.84
CA ALA A 13 -13.66 1.68 2.88
C ALA A 13 -12.33 1.21 3.46
N PRO A 14 -11.51 2.17 3.91
CA PRO A 14 -10.20 1.88 4.51
C PRO A 14 -10.31 1.20 5.86
N SER A 15 -9.18 0.85 6.44
CA SER A 15 -9.16 0.19 7.75
C SER A 15 -7.81 0.41 8.44
N LYS A 16 -7.80 0.27 9.76
CA LYS A 16 -6.58 0.45 10.54
C LYS A 16 -5.45 -0.39 9.98
N SER A 17 -5.72 -1.68 9.76
CA SER A 17 -4.72 -2.59 9.23
C SER A 17 -4.17 -2.08 7.90
N THR A 18 -5.07 -1.73 6.99
CA THR A 18 -4.68 -1.24 5.67
C THR A 18 -3.45 -0.34 5.77
N VAL A 19 -2.52 -0.52 4.84
CA VAL A 19 -1.30 0.28 4.83
C VAL A 19 -1.17 1.05 3.52
N TYR A 20 -1.13 2.38 3.62
CA TYR A 20 -1.02 3.24 2.45
C TYR A 20 0.43 3.27 1.94
N VAL A 21 0.68 2.55 0.85
CA VAL A 21 2.01 2.50 0.27
C VAL A 21 2.02 3.12 -1.12
N SER A 22 2.92 4.08 -1.34
CA SER A 22 3.04 4.75 -2.61
C SER A 22 4.43 4.58 -3.21
N ASN A 23 4.66 5.17 -4.37
CA ASN A 23 5.95 5.08 -5.04
C ASN A 23 6.34 3.62 -5.28
N LEU A 24 5.33 2.77 -5.47
CA LEU A 24 5.57 1.35 -5.71
C LEU A 24 5.74 1.07 -7.20
N PRO A 25 6.64 0.13 -7.53
CA PRO A 25 6.91 -0.26 -8.91
C PRO A 25 5.75 -1.00 -9.55
N PHE A 26 4.75 -0.25 -10.01
CA PHE A 26 3.59 -0.83 -10.65
C PHE A 26 3.98 -2.00 -11.53
N SER A 27 5.20 -1.96 -12.06
CA SER A 27 5.70 -3.01 -12.94
C SER A 27 5.30 -4.39 -12.41
N LEU A 28 5.35 -4.54 -11.09
CA LEU A 28 5.01 -5.81 -10.45
C LEU A 28 3.50 -6.07 -10.54
N THR A 29 3.06 -7.14 -9.90
CA THR A 29 1.64 -7.50 -9.91
C THR A 29 1.15 -7.82 -8.50
N ASN A 30 -0.17 -7.77 -8.32
CA ASN A 30 -0.76 -8.05 -7.02
C ASN A 30 0.03 -9.13 -6.27
N ASN A 31 0.28 -10.25 -6.94
CA ASN A 31 1.03 -11.35 -6.35
C ASN A 31 2.33 -10.85 -5.75
N ASP A 32 3.13 -10.17 -6.56
CA ASP A 32 4.40 -9.63 -6.11
C ASP A 32 4.25 -8.90 -4.77
N LEU A 33 3.45 -7.85 -4.76
CA LEU A 33 3.22 -7.07 -3.55
C LEU A 33 2.88 -7.98 -2.38
N TYR A 34 1.82 -8.75 -2.52
CA TYR A 34 1.39 -9.68 -1.48
C TYR A 34 2.59 -10.23 -0.73
N ARG A 35 3.50 -10.86 -1.46
CA ARG A 35 4.69 -11.44 -0.85
C ARG A 35 5.60 -10.35 -0.27
N ILE A 36 6.01 -9.42 -1.12
CA ILE A 36 6.88 -8.33 -0.69
C ILE A 36 6.48 -7.81 0.69
N PHE A 37 5.18 -7.61 0.88
CA PHE A 37 4.66 -7.12 2.15
C PHE A 37 4.54 -8.25 3.16
N SER A 38 4.36 -9.47 2.65
CA SER A 38 4.23 -10.64 3.51
C SER A 38 5.40 -10.75 4.48
N LYS A 39 6.58 -10.38 4.00
CA LYS A 39 7.79 -10.42 4.83
C LYS A 39 7.52 -9.85 6.22
N TYR A 40 6.52 -8.97 6.31
CA TYR A 40 6.17 -8.35 7.58
C TYR A 40 4.94 -9.03 8.19
N GLY A 41 3.85 -9.07 7.43
CA GLY A 41 2.63 -9.69 7.91
C GLY A 41 1.81 -10.30 6.79
N LYS A 42 1.05 -11.33 7.11
CA LYS A 42 0.21 -12.01 6.12
C LYS A 42 -0.74 -11.03 5.46
N VAL A 43 -0.87 -11.12 4.15
CA VAL A 43 -1.76 -10.23 3.40
C VAL A 43 -3.07 -10.95 3.06
N VAL A 44 -4.18 -10.24 3.24
CA VAL A 44 -5.49 -10.79 2.96
C VAL A 44 -6.02 -10.29 1.62
N LYS A 45 -5.85 -8.99 1.38
CA LYS A 45 -6.31 -8.39 0.13
C LYS A 45 -5.34 -7.29 -0.32
N VAL A 46 -4.98 -7.32 -1.60
CA VAL A 46 -4.07 -6.33 -2.16
C VAL A 46 -4.83 -5.27 -2.96
N THR A 47 -5.07 -4.12 -2.33
CA THR A 47 -5.78 -3.03 -2.97
C THR A 47 -4.82 -2.11 -3.71
N ILE A 48 -5.21 -1.69 -4.91
CA ILE A 48 -4.37 -0.80 -5.71
C ILE A 48 -5.21 0.32 -6.32
N MET A 49 -4.62 1.51 -6.39
CA MET A 49 -5.31 2.67 -6.95
C MET A 49 -5.27 2.65 -8.47
N LYS A 50 -6.13 3.44 -9.09
CA LYS A 50 -6.20 3.51 -10.55
C LYS A 50 -6.73 4.86 -11.01
N ASP A 51 -5.92 5.59 -11.76
CA ASP A 51 -6.31 6.90 -12.27
C ASP A 51 -7.40 6.78 -13.32
N LYS A 52 -7.96 7.91 -13.74
CA LYS A 52 -9.01 7.92 -14.74
C LYS A 52 -8.47 8.38 -16.10
N ASP A 53 -7.53 9.31 -16.06
CA ASP A 53 -6.92 9.83 -17.29
C ASP A 53 -5.87 8.86 -17.83
N THR A 54 -4.97 8.43 -16.95
CA THR A 54 -3.92 7.50 -17.34
C THR A 54 -4.36 6.05 -17.15
N ARG A 55 -5.13 5.79 -16.09
CA ARG A 55 -5.61 4.45 -15.81
C ARG A 55 -4.47 3.55 -15.34
N LYS A 56 -3.60 4.09 -14.50
CA LYS A 56 -2.46 3.33 -13.99
C LYS A 56 -2.46 3.33 -12.46
N SER A 57 -1.66 2.45 -11.88
CA SER A 57 -1.55 2.35 -10.43
C SER A 57 -0.80 3.55 -9.85
N LYS A 58 0.18 4.04 -10.60
CA LYS A 58 0.98 5.18 -10.17
C LYS A 58 1.69 4.88 -8.85
N GLY A 59 1.92 3.60 -8.59
CA GLY A 59 2.59 3.20 -7.36
C GLY A 59 1.66 3.19 -6.17
N VAL A 60 0.75 4.15 -6.12
CA VAL A 60 -0.21 4.24 -5.03
C VAL A 60 -1.02 2.96 -4.89
N ALA A 61 -0.76 2.20 -3.84
CA ALA A 61 -1.47 0.95 -3.61
C ALA A 61 -1.70 0.73 -2.11
N PHE A 62 -2.88 0.22 -1.77
CA PHE A 62 -3.21 -0.05 -0.37
C PHE A 62 -3.14 -1.54 -0.06
N ILE A 63 -2.32 -1.89 0.92
CA ILE A 63 -2.16 -3.28 1.31
C ILE A 63 -2.94 -3.60 2.57
N LEU A 64 -3.82 -4.58 2.49
CA LEU A 64 -4.64 -4.98 3.64
C LEU A 64 -4.01 -6.15 4.37
N PHE A 65 -3.72 -5.95 5.65
CA PHE A 65 -3.11 -6.99 6.48
C PHE A 65 -4.15 -7.66 7.36
N LEU A 66 -3.94 -8.94 7.63
CA LEU A 66 -4.87 -9.71 8.47
C LEU A 66 -5.18 -8.96 9.77
N ASP A 67 -4.13 -8.57 10.48
CA ASP A 67 -4.28 -7.84 11.74
C ASP A 67 -3.70 -6.43 11.62
N LYS A 68 -3.99 -5.60 12.62
CA LYS A 68 -3.50 -4.23 12.63
C LYS A 68 -2.03 -4.19 13.04
N ASP A 69 -1.70 -4.88 14.12
CA ASP A 69 -0.32 -4.92 14.60
C ASP A 69 0.66 -5.11 13.46
N SER A 70 0.47 -6.18 12.70
CA SER A 70 1.34 -6.49 11.56
C SER A 70 1.56 -5.25 10.70
N ALA A 71 0.47 -4.55 10.38
CA ALA A 71 0.54 -3.36 9.56
C ALA A 71 1.54 -2.36 10.15
N GLN A 72 1.18 -1.77 11.28
CA GLN A 72 2.05 -0.79 11.93
C GLN A 72 3.52 -1.15 11.74
N ASN A 73 3.86 -2.41 11.99
CA ASN A 73 5.23 -2.88 11.84
C ASN A 73 5.78 -2.53 10.46
N CYS A 74 5.09 -2.98 9.43
CA CYS A 74 5.50 -2.71 8.05
C CYS A 74 5.48 -1.21 7.76
N THR A 75 4.38 -0.56 8.12
CA THR A 75 4.22 0.86 7.89
C THR A 75 5.40 1.64 8.47
N ARG A 76 6.16 0.99 9.34
CA ARG A 76 7.31 1.62 9.97
C ARG A 76 8.62 1.02 9.45
N ALA A 77 8.55 -0.23 8.99
CA ALA A 77 9.71 -0.93 8.47
C ALA A 77 10.10 -0.37 7.09
N ILE A 78 9.14 -0.31 6.20
CA ILE A 78 9.38 0.19 4.85
C ILE A 78 9.38 1.71 4.82
N ASN A 79 8.58 2.32 5.70
CA ASN A 79 8.50 3.77 5.77
C ASN A 79 9.88 4.40 5.81
N ASN A 80 10.04 5.52 5.12
CA ASN A 80 11.31 6.22 5.08
C ASN A 80 12.39 5.34 4.46
N LYS A 81 11.98 4.45 3.56
CA LYS A 81 12.92 3.56 2.89
C LYS A 81 12.65 3.51 1.39
N GLN A 82 13.71 3.37 0.61
CA GLN A 82 13.60 3.32 -0.84
C GLN A 82 13.67 1.89 -1.35
N LEU A 83 12.73 1.51 -2.20
CA LEU A 83 12.69 0.16 -2.76
C LEU A 83 12.61 0.20 -4.28
N PHE A 84 13.48 -0.58 -4.93
CA PHE A 84 13.50 -0.63 -6.39
C PHE A 84 13.84 0.74 -6.98
N GLY A 85 14.66 1.50 -6.25
CA GLY A 85 15.04 2.82 -6.72
C GLY A 85 13.89 3.81 -6.69
N ARG A 86 13.27 3.94 -5.52
CA ARG A 86 12.15 4.85 -5.36
C ARG A 86 11.72 4.94 -3.89
N VAL A 87 11.92 6.10 -3.28
CA VAL A 87 11.55 6.31 -1.89
C VAL A 87 10.09 5.96 -1.65
N ILE A 88 9.85 4.74 -1.18
CA ILE A 88 8.49 4.29 -0.91
C ILE A 88 7.97 4.86 0.40
N LYS A 89 6.78 5.45 0.35
CA LYS A 89 6.16 6.04 1.54
C LYS A 89 5.13 5.09 2.14
N ALA A 90 5.11 5.03 3.47
CA ALA A 90 4.16 4.17 4.18
C ALA A 90 3.43 4.93 5.27
N SER A 91 2.10 4.85 5.26
CA SER A 91 1.28 5.53 6.25
C SER A 91 -0.04 4.81 6.46
N ILE A 92 -0.52 4.79 7.70
CA ILE A 92 -1.78 4.14 8.03
C ILE A 92 -2.93 4.74 7.25
N ALA A 93 -3.76 3.88 6.67
CA ALA A 93 -4.91 4.33 5.89
C ALA A 93 -6.22 3.98 6.60
N ILE A 94 -6.70 4.89 7.44
CA ILE A 94 -7.93 4.68 8.17
C ILE A 94 -9.12 5.31 7.45
N GLY A 1 4.24 14.15 -3.28
CA GLY A 1 3.13 13.36 -2.81
C GLY A 1 2.48 12.54 -3.89
N SER A 2 1.23 12.16 -3.68
CA SER A 2 0.48 11.37 -4.65
C SER A 2 -0.65 12.19 -5.27
N SER A 3 -1.41 12.86 -4.43
CA SER A 3 -2.53 13.69 -4.89
C SER A 3 -3.49 12.86 -5.72
N GLY A 4 -3.92 11.72 -5.17
CA GLY A 4 -4.84 10.86 -5.88
C GLY A 4 -6.28 11.34 -5.79
N SER A 5 -6.93 11.48 -6.95
CA SER A 5 -8.32 11.94 -6.99
C SER A 5 -9.12 11.35 -5.83
N SER A 6 -9.82 12.21 -5.10
CA SER A 6 -10.63 11.76 -3.97
C SER A 6 -11.97 11.22 -4.44
N GLY A 7 -12.10 9.89 -4.43
CA GLY A 7 -13.32 9.26 -4.85
C GLY A 7 -13.08 7.94 -5.57
N MET A 8 -12.64 6.94 -4.81
CA MET A 8 -12.36 5.63 -5.39
C MET A 8 -13.64 4.78 -5.44
N SER A 9 -13.73 3.92 -6.44
CA SER A 9 -14.89 3.06 -6.61
C SER A 9 -14.50 1.59 -6.52
N GLY A 10 -14.95 0.92 -5.47
CA GLY A 10 -14.63 -0.48 -5.28
C GLY A 10 -15.15 -1.02 -3.96
N GLY A 11 -15.24 -2.34 -3.86
CA GLY A 11 -15.73 -2.96 -2.64
C GLY A 11 -14.64 -3.09 -1.58
N LEU A 12 -14.43 -2.02 -0.83
CA LEU A 12 -13.41 -2.02 0.22
C LEU A 12 -13.59 -0.81 1.14
N ALA A 13 -12.88 -0.82 2.26
CA ALA A 13 -12.95 0.27 3.23
C ALA A 13 -11.59 0.53 3.87
N PRO A 14 -11.20 1.82 3.92
CA PRO A 14 -9.92 2.22 4.50
C PRO A 14 -9.89 2.04 6.01
N SER A 15 -9.23 0.98 6.47
CA SER A 15 -9.12 0.70 7.90
C SER A 15 -7.66 0.57 8.32
N LYS A 16 -7.44 0.51 9.63
CA LYS A 16 -6.08 0.37 10.17
C LYS A 16 -5.35 -0.79 9.51
N SER A 17 -6.02 -1.93 9.42
CA SER A 17 -5.43 -3.12 8.82
C SER A 17 -4.74 -2.77 7.51
N THR A 18 -5.36 -1.90 6.73
CA THR A 18 -4.79 -1.48 5.45
C THR A 18 -3.57 -0.60 5.64
N VAL A 19 -2.68 -0.62 4.67
CA VAL A 19 -1.45 0.19 4.73
C VAL A 19 -1.30 1.06 3.49
N TYR A 20 -1.29 2.37 3.70
CA TYR A 20 -1.15 3.32 2.60
C TYR A 20 0.29 3.35 2.08
N VAL A 21 0.53 2.67 0.97
CA VAL A 21 1.86 2.63 0.38
C VAL A 21 1.88 3.32 -0.98
N SER A 22 2.92 4.11 -1.23
CA SER A 22 3.05 4.84 -2.48
C SER A 22 4.46 4.69 -3.05
N ASN A 23 4.65 5.15 -4.28
CA ASN A 23 5.94 5.05 -4.95
C ASN A 23 6.35 3.60 -5.16
N LEU A 24 5.35 2.72 -5.24
CA LEU A 24 5.60 1.30 -5.44
C LEU A 24 5.84 1.00 -6.92
N PRO A 25 6.72 0.01 -7.18
CA PRO A 25 7.06 -0.40 -8.55
C PRO A 25 5.91 -1.11 -9.24
N PHE A 26 4.99 -0.33 -9.80
CA PHE A 26 3.84 -0.89 -10.49
C PHE A 26 4.25 -2.03 -11.41
N SER A 27 5.52 -2.03 -11.81
CA SER A 27 6.05 -3.06 -12.70
C SER A 27 5.65 -4.45 -12.20
N LEU A 28 5.45 -4.58 -10.89
CA LEU A 28 5.07 -5.85 -10.29
C LEU A 28 3.57 -6.09 -10.43
N THR A 29 3.12 -7.25 -9.97
CA THR A 29 1.71 -7.60 -10.03
C THR A 29 1.11 -7.79 -8.64
N ASN A 30 -0.21 -7.80 -8.57
CA ASN A 30 -0.90 -7.98 -7.29
C ASN A 30 -0.21 -9.04 -6.45
N ASN A 31 0.03 -10.20 -7.06
CA ASN A 31 0.69 -11.31 -6.35
C ASN A 31 1.99 -10.85 -5.70
N ASP A 32 2.83 -10.20 -6.49
CA ASP A 32 4.11 -9.70 -5.99
C ASP A 32 3.94 -8.97 -4.66
N LEU A 33 3.26 -7.83 -4.71
CA LEU A 33 3.01 -7.03 -3.51
C LEU A 33 2.60 -7.93 -2.35
N TYR A 34 1.54 -8.70 -2.54
CA TYR A 34 1.04 -9.59 -1.50
C TYR A 34 2.18 -10.30 -0.80
N ARG A 35 3.02 -10.98 -1.57
CA ARG A 35 4.15 -11.71 -1.02
C ARG A 35 5.18 -10.74 -0.43
N ILE A 36 5.70 -9.85 -1.27
CA ILE A 36 6.69 -8.87 -0.82
C ILE A 36 6.34 -8.34 0.57
N PHE A 37 5.14 -7.79 0.71
CA PHE A 37 4.69 -7.25 1.99
C PHE A 37 4.49 -8.36 3.01
N SER A 38 4.30 -9.57 2.52
CA SER A 38 4.10 -10.73 3.40
C SER A 38 5.30 -10.92 4.32
N LYS A 39 6.40 -10.24 4.01
CA LYS A 39 7.61 -10.34 4.81
C LYS A 39 7.41 -9.69 6.18
N TYR A 40 6.44 -8.79 6.27
CA TYR A 40 6.15 -8.09 7.51
C TYR A 40 4.94 -8.71 8.22
N GLY A 41 3.88 -8.94 7.45
CA GLY A 41 2.68 -9.52 8.01
C GLY A 41 1.83 -10.21 6.97
N LYS A 42 1.18 -11.31 7.36
CA LYS A 42 0.33 -12.06 6.45
C LYS A 42 -0.65 -11.14 5.74
N VAL A 43 -0.76 -11.31 4.43
CA VAL A 43 -1.68 -10.50 3.62
C VAL A 43 -2.97 -11.24 3.32
N VAL A 44 -4.09 -10.54 3.39
CA VAL A 44 -5.38 -11.14 3.13
C VAL A 44 -5.96 -10.64 1.82
N LYS A 45 -5.77 -9.36 1.54
CA LYS A 45 -6.27 -8.74 0.32
C LYS A 45 -5.36 -7.61 -0.13
N VAL A 46 -5.24 -7.42 -1.45
CA VAL A 46 -4.41 -6.37 -2.00
C VAL A 46 -5.26 -5.33 -2.72
N THR A 47 -4.76 -4.09 -2.76
CA THR A 47 -5.47 -3.00 -3.41
C THR A 47 -4.49 -2.04 -4.09
N ILE A 48 -4.91 -1.48 -5.22
CA ILE A 48 -4.07 -0.54 -5.96
C ILE A 48 -4.88 0.65 -6.43
N MET A 49 -4.36 1.86 -6.17
CA MET A 49 -5.03 3.08 -6.57
C MET A 49 -4.83 3.35 -8.06
N LYS A 50 -5.60 4.29 -8.60
CA LYS A 50 -5.51 4.64 -10.00
C LYS A 50 -5.94 6.09 -10.24
N ASP A 51 -5.22 6.78 -11.11
CA ASP A 51 -5.54 8.18 -11.42
C ASP A 51 -6.75 8.27 -12.33
N LYS A 52 -7.32 9.47 -12.43
CA LYS A 52 -8.49 9.69 -13.27
C LYS A 52 -8.10 10.31 -14.60
N ASP A 53 -6.84 10.72 -14.71
CA ASP A 53 -6.32 11.33 -15.94
C ASP A 53 -5.46 10.35 -16.71
N THR A 54 -4.34 9.94 -16.11
CA THR A 54 -3.43 9.01 -16.75
C THR A 54 -3.87 7.57 -16.51
N ARG A 55 -4.78 7.38 -15.57
CA ARG A 55 -5.29 6.05 -15.26
C ARG A 55 -4.15 5.09 -14.93
N LYS A 56 -3.16 5.59 -14.20
CA LYS A 56 -2.00 4.78 -13.81
C LYS A 56 -1.96 4.57 -12.31
N SER A 57 -1.41 3.44 -11.89
CA SER A 57 -1.31 3.12 -10.47
C SER A 57 -0.41 4.14 -9.74
N LYS A 58 0.67 4.52 -10.41
CA LYS A 58 1.61 5.48 -9.84
C LYS A 58 2.19 4.96 -8.51
N GLY A 59 2.19 3.63 -8.36
CA GLY A 59 2.72 3.04 -7.15
C GLY A 59 1.72 3.06 -6.01
N VAL A 60 0.95 4.15 -5.92
CA VAL A 60 -0.04 4.30 -4.87
C VAL A 60 -0.91 3.05 -4.75
N ALA A 61 -0.55 2.19 -3.80
CA ALA A 61 -1.30 0.95 -3.59
C ALA A 61 -1.58 0.73 -2.09
N PHE A 62 -2.66 0.02 -1.80
CA PHE A 62 -3.05 -0.25 -0.43
C PHE A 62 -2.92 -1.74 -0.11
N ILE A 63 -2.27 -2.04 1.01
CA ILE A 63 -2.08 -3.43 1.42
C ILE A 63 -2.89 -3.74 2.68
N LEU A 64 -3.66 -4.82 2.62
CA LEU A 64 -4.48 -5.23 3.75
C LEU A 64 -3.86 -6.43 4.47
N PHE A 65 -3.71 -6.31 5.78
CA PHE A 65 -3.12 -7.38 6.58
C PHE A 65 -4.17 -8.02 7.49
N LEU A 66 -3.93 -9.26 7.89
CA LEU A 66 -4.86 -9.98 8.76
C LEU A 66 -5.15 -9.18 10.03
N ASP A 67 -4.10 -8.65 10.64
CA ASP A 67 -4.24 -7.87 11.85
C ASP A 67 -3.46 -6.56 11.75
N LYS A 68 -4.12 -5.46 12.09
CA LYS A 68 -3.50 -4.13 12.02
C LYS A 68 -2.12 -4.16 12.68
N ASP A 69 -2.02 -4.82 13.82
CA ASP A 69 -0.75 -4.92 14.54
C ASP A 69 0.40 -5.16 13.58
N SER A 70 0.17 -6.04 12.60
CA SER A 70 1.19 -6.36 11.62
C SER A 70 1.37 -5.23 10.61
N ALA A 71 0.25 -4.72 10.11
CA ALA A 71 0.28 -3.63 9.14
C ALA A 71 1.18 -2.49 9.62
N GLN A 72 0.96 -2.05 10.85
CA GLN A 72 1.75 -0.97 11.43
C GLN A 72 3.24 -1.23 11.25
N ASN A 73 3.72 -2.34 11.77
CA ASN A 73 5.12 -2.70 11.67
C ASN A 73 5.67 -2.34 10.30
N CYS A 74 5.05 -2.87 9.26
CA CYS A 74 5.48 -2.59 7.88
C CYS A 74 5.54 -1.10 7.62
N THR A 75 4.65 -0.34 8.26
CA THR A 75 4.61 1.11 8.10
C THR A 75 5.84 1.76 8.72
N ARG A 76 6.70 0.95 9.32
CA ARG A 76 7.91 1.45 9.95
C ARG A 76 9.16 0.89 9.27
N ALA A 77 8.98 -0.21 8.55
CA ALA A 77 10.09 -0.85 7.84
C ALA A 77 10.38 -0.15 6.53
N ILE A 78 9.34 0.03 5.71
CA ILE A 78 9.49 0.69 4.42
C ILE A 78 9.41 2.21 4.57
N ASN A 79 8.56 2.66 5.49
CA ASN A 79 8.38 4.09 5.73
C ASN A 79 9.74 4.80 5.76
N ASN A 80 9.90 5.77 4.87
CA ASN A 80 11.15 6.53 4.79
C ASN A 80 12.30 5.64 4.34
N LYS A 81 12.03 4.77 3.37
CA LYS A 81 13.05 3.87 2.85
C LYS A 81 13.00 3.82 1.32
N GLN A 82 14.14 3.53 0.71
CA GLN A 82 14.23 3.46 -0.74
C GLN A 82 14.11 2.01 -1.22
N LEU A 83 13.10 1.76 -2.06
CA LEU A 83 12.87 0.42 -2.59
C LEU A 83 12.75 0.45 -4.11
N PHE A 84 13.36 -0.54 -4.76
CA PHE A 84 13.32 -0.63 -6.22
C PHE A 84 13.74 0.70 -6.85
N GLY A 85 14.66 1.40 -6.21
CA GLY A 85 15.13 2.67 -6.72
C GLY A 85 14.05 3.72 -6.75
N ARG A 86 13.24 3.77 -5.69
CA ARG A 86 12.15 4.73 -5.60
C ARG A 86 11.66 4.87 -4.16
N VAL A 87 11.91 6.02 -3.56
CA VAL A 87 11.50 6.27 -2.19
C VAL A 87 10.03 5.92 -1.98
N ILE A 88 9.78 4.95 -1.11
CA ILE A 88 8.42 4.51 -0.81
C ILE A 88 7.90 5.17 0.45
N LYS A 89 6.61 5.52 0.45
CA LYS A 89 5.98 6.16 1.59
C LYS A 89 4.92 5.25 2.20
N ALA A 90 4.97 5.08 3.52
CA ALA A 90 4.02 4.24 4.22
C ALA A 90 3.31 5.01 5.32
N SER A 91 1.98 4.89 5.38
CA SER A 91 1.19 5.58 6.39
C SER A 91 -0.13 4.86 6.62
N ILE A 92 -0.48 4.67 7.89
CA ILE A 92 -1.72 4.00 8.25
C ILE A 92 -2.92 4.70 7.63
N ALA A 93 -3.72 3.94 6.88
CA ALA A 93 -4.90 4.47 6.23
C ALA A 93 -6.12 4.40 7.15
N ILE A 94 -6.56 5.55 7.64
CA ILE A 94 -7.71 5.61 8.53
C ILE A 94 -8.75 6.60 8.02
N GLY A 1 -27.17 -15.70 12.73
CA GLY A 1 -26.17 -16.00 11.73
C GLY A 1 -25.33 -14.79 11.35
N SER A 2 -25.02 -14.67 10.06
CA SER A 2 -24.23 -13.55 9.58
C SER A 2 -24.41 -13.37 8.07
N SER A 3 -24.66 -12.13 7.67
CA SER A 3 -24.87 -11.82 6.25
C SER A 3 -23.86 -10.77 5.78
N GLY A 4 -23.35 -10.96 4.57
CA GLY A 4 -22.39 -10.03 4.01
C GLY A 4 -22.24 -10.16 2.51
N SER A 5 -23.22 -9.66 1.77
CA SER A 5 -23.19 -9.73 0.32
C SER A 5 -21.80 -9.41 -0.23
N SER A 6 -21.11 -10.45 -0.69
CA SER A 6 -19.77 -10.29 -1.23
C SER A 6 -19.60 -11.09 -2.53
N GLY A 7 -19.38 -10.37 -3.62
CA GLY A 7 -19.20 -11.02 -4.91
C GLY A 7 -17.91 -10.63 -5.59
N MET A 8 -18.01 -10.05 -6.78
CA MET A 8 -16.85 -9.63 -7.54
C MET A 8 -16.37 -8.26 -7.09
N SER A 9 -17.31 -7.32 -6.99
CA SER A 9 -16.98 -5.96 -6.57
C SER A 9 -18.18 -5.31 -5.86
N GLY A 10 -17.97 -4.09 -5.37
CA GLY A 10 -19.04 -3.39 -4.68
C GLY A 10 -18.54 -2.14 -3.98
N GLY A 11 -18.81 -2.04 -2.69
CA GLY A 11 -18.38 -0.89 -1.92
C GLY A 11 -17.28 -1.21 -0.93
N LEU A 12 -16.04 -1.05 -1.36
CA LEU A 12 -14.89 -1.34 -0.51
C LEU A 12 -14.66 -0.22 0.50
N ALA A 13 -14.26 -0.59 1.71
CA ALA A 13 -14.01 0.39 2.76
C ALA A 13 -12.64 0.17 3.40
N PRO A 14 -11.97 1.27 3.74
CA PRO A 14 -10.63 1.23 4.36
C PRO A 14 -10.68 0.70 5.79
N SER A 15 -9.51 0.63 6.42
CA SER A 15 -9.42 0.13 7.79
C SER A 15 -8.01 0.34 8.35
N LYS A 16 -7.86 0.13 9.65
CA LYS A 16 -6.57 0.29 10.31
C LYS A 16 -5.53 -0.64 9.69
N SER A 17 -5.93 -1.88 9.43
CA SER A 17 -5.02 -2.86 8.84
C SER A 17 -4.39 -2.32 7.55
N THR A 18 -5.24 -1.90 6.62
CA THR A 18 -4.76 -1.37 5.35
C THR A 18 -3.53 -0.49 5.55
N VAL A 19 -2.58 -0.61 4.63
CA VAL A 19 -1.36 0.18 4.69
C VAL A 19 -1.17 1.04 3.45
N TYR A 20 -1.28 2.35 3.63
CA TYR A 20 -1.13 3.28 2.51
C TYR A 20 0.31 3.32 2.02
N VAL A 21 0.57 2.63 0.92
CA VAL A 21 1.92 2.59 0.35
C VAL A 21 1.95 3.27 -1.01
N SER A 22 2.98 4.08 -1.24
CA SER A 22 3.14 4.80 -2.49
C SER A 22 4.56 4.64 -3.03
N ASN A 23 4.77 5.14 -4.25
CA ASN A 23 6.08 5.06 -4.89
C ASN A 23 6.47 3.61 -5.14
N LEU A 24 5.46 2.74 -5.28
CA LEU A 24 5.71 1.32 -5.52
C LEU A 24 5.89 1.05 -7.01
N PRO A 25 6.79 0.10 -7.32
CA PRO A 25 7.08 -0.28 -8.71
C PRO A 25 5.93 -1.01 -9.37
N PHE A 26 4.95 -0.26 -9.85
CA PHE A 26 3.78 -0.83 -10.50
C PHE A 26 4.17 -2.04 -11.36
N SER A 27 5.38 -1.99 -11.90
CA SER A 27 5.88 -3.08 -12.74
C SER A 27 5.44 -4.43 -12.20
N LEU A 28 5.50 -4.56 -10.88
CA LEU A 28 5.11 -5.81 -10.22
C LEU A 28 3.61 -6.06 -10.36
N THR A 29 3.16 -7.18 -9.81
CA THR A 29 1.74 -7.54 -9.87
C THR A 29 1.18 -7.79 -8.47
N ASN A 30 -0.13 -7.60 -8.33
CA ASN A 30 -0.79 -7.79 -7.04
C ASN A 30 -0.15 -8.96 -6.28
N ASN A 31 0.06 -10.07 -6.98
CA ASN A 31 0.66 -11.24 -6.37
C ASN A 31 2.01 -10.91 -5.74
N ASP A 32 2.86 -10.24 -6.51
CA ASP A 32 4.18 -9.86 -6.03
C ASP A 32 4.08 -9.09 -4.71
N LEU A 33 3.37 -7.97 -4.74
CA LEU A 33 3.20 -7.15 -3.54
C LEU A 33 2.80 -8.00 -2.34
N TYR A 34 1.74 -8.79 -2.51
CA TYR A 34 1.25 -9.65 -1.45
C TYR A 34 2.41 -10.27 -0.68
N ARG A 35 3.38 -10.81 -1.41
CA ARG A 35 4.55 -11.44 -0.79
C ARG A 35 5.49 -10.38 -0.23
N ILE A 36 5.82 -9.39 -1.06
CA ILE A 36 6.72 -8.32 -0.64
C ILE A 36 6.33 -7.77 0.72
N PHE A 37 5.03 -7.67 0.97
CA PHE A 37 4.52 -7.16 2.23
C PHE A 37 4.31 -8.30 3.23
N SER A 38 4.38 -9.53 2.73
CA SER A 38 4.18 -10.70 3.58
C SER A 38 5.30 -10.81 4.62
N LYS A 39 6.51 -10.42 4.22
CA LYS A 39 7.66 -10.48 5.12
C LYS A 39 7.37 -9.74 6.43
N TYR A 40 6.33 -8.92 6.41
CA TYR A 40 5.94 -8.16 7.60
C TYR A 40 4.73 -8.79 8.28
N GLY A 41 3.65 -8.96 7.52
CA GLY A 41 2.44 -9.55 8.07
C GLY A 41 1.60 -10.23 7.01
N LYS A 42 0.78 -11.19 7.43
CA LYS A 42 -0.09 -11.91 6.52
C LYS A 42 -0.99 -10.96 5.75
N VAL A 43 -1.12 -11.20 4.44
CA VAL A 43 -1.97 -10.35 3.60
C VAL A 43 -3.27 -11.07 3.25
N VAL A 44 -4.35 -10.30 3.20
CA VAL A 44 -5.66 -10.85 2.87
C VAL A 44 -6.12 -10.39 1.50
N LYS A 45 -5.99 -9.10 1.24
CA LYS A 45 -6.40 -8.54 -0.05
C LYS A 45 -5.46 -7.42 -0.47
N VAL A 46 -5.14 -7.37 -1.77
CA VAL A 46 -4.25 -6.35 -2.30
C VAL A 46 -5.02 -5.30 -3.09
N THR A 47 -5.05 -4.08 -2.56
CA THR A 47 -5.76 -2.98 -3.21
C THR A 47 -4.78 -2.03 -3.88
N ILE A 48 -5.15 -1.57 -5.07
CA ILE A 48 -4.30 -0.65 -5.83
C ILE A 48 -5.12 0.52 -6.38
N MET A 49 -4.52 1.71 -6.37
CA MET A 49 -5.19 2.90 -6.87
C MET A 49 -5.02 3.03 -8.38
N LYS A 50 -5.73 3.99 -8.97
CA LYS A 50 -5.66 4.21 -10.41
C LYS A 50 -5.85 5.69 -10.74
N ASP A 51 -5.17 6.15 -11.79
CA ASP A 51 -5.27 7.54 -12.22
C ASP A 51 -6.53 7.76 -13.05
N LYS A 52 -6.77 9.03 -13.42
CA LYS A 52 -7.93 9.37 -14.23
C LYS A 52 -7.57 9.41 -15.70
N ASP A 53 -6.60 10.25 -16.05
CA ASP A 53 -6.17 10.37 -17.44
C ASP A 53 -5.34 9.17 -17.86
N THR A 54 -4.11 9.08 -17.36
CA THR A 54 -3.23 7.97 -17.68
C THR A 54 -3.85 6.63 -17.28
N ARG A 55 -4.64 6.66 -16.22
CA ARG A 55 -5.30 5.45 -15.73
C ARG A 55 -4.26 4.42 -15.30
N LYS A 56 -3.26 4.87 -14.55
CA LYS A 56 -2.20 3.99 -14.06
C LYS A 56 -2.22 3.90 -12.55
N SER A 57 -1.55 2.88 -12.01
CA SER A 57 -1.49 2.68 -10.57
C SER A 57 -0.74 3.83 -9.89
N LYS A 58 0.18 4.44 -10.63
CA LYS A 58 0.96 5.55 -10.11
C LYS A 58 1.72 5.15 -8.84
N GLY A 59 1.99 3.86 -8.71
CA GLY A 59 2.70 3.36 -7.55
C GLY A 59 1.81 3.27 -6.32
N VAL A 60 0.92 4.23 -6.16
CA VAL A 60 0.01 4.26 -5.02
C VAL A 60 -0.80 2.96 -4.94
N ALA A 61 -0.58 2.20 -3.87
CA ALA A 61 -1.28 0.94 -3.67
C ALA A 61 -1.57 0.70 -2.20
N PHE A 62 -2.76 0.19 -1.91
CA PHE A 62 -3.16 -0.09 -0.53
C PHE A 62 -3.06 -1.57 -0.22
N ILE A 63 -2.32 -1.90 0.84
CA ILE A 63 -2.14 -3.29 1.25
C ILE A 63 -2.98 -3.61 2.48
N LEU A 64 -3.87 -4.58 2.36
CA LEU A 64 -4.73 -4.99 3.46
C LEU A 64 -4.11 -6.16 4.23
N PHE A 65 -3.93 -5.96 5.53
CA PHE A 65 -3.35 -7.00 6.38
C PHE A 65 -4.42 -7.68 7.23
N LEU A 66 -4.06 -8.81 7.83
CA LEU A 66 -4.99 -9.56 8.66
C LEU A 66 -5.01 -9.03 10.07
N ASP A 67 -3.87 -8.53 10.53
CA ASP A 67 -3.76 -7.98 11.88
C ASP A 67 -3.13 -6.57 11.84
N LYS A 68 -3.89 -5.59 12.28
CA LYS A 68 -3.41 -4.21 12.30
C LYS A 68 -2.02 -4.12 12.91
N ASP A 69 -1.83 -4.79 14.05
CA ASP A 69 -0.54 -4.79 14.72
C ASP A 69 0.59 -5.07 13.73
N SER A 70 0.43 -6.13 12.95
CA SER A 70 1.44 -6.52 11.97
C SER A 70 1.68 -5.39 10.97
N ALA A 71 0.60 -4.81 10.46
CA ALA A 71 0.69 -3.71 9.51
C ALA A 71 1.66 -2.64 9.98
N GLN A 72 1.39 -2.08 11.14
CA GLN A 72 2.24 -1.04 11.71
C GLN A 72 3.71 -1.32 11.42
N ASN A 73 4.21 -2.44 11.95
CA ASN A 73 5.61 -2.81 11.74
C ASN A 73 6.07 -2.44 10.33
N CYS A 74 5.37 -2.94 9.33
CA CYS A 74 5.70 -2.65 7.94
C CYS A 74 5.68 -1.15 7.68
N THR A 75 4.73 -0.46 8.29
CA THR A 75 4.60 0.99 8.12
C THR A 75 5.85 1.71 8.60
N ARG A 76 6.72 0.99 9.28
CA ARG A 76 7.96 1.57 9.80
C ARG A 76 9.18 0.97 9.08
N ALA A 77 9.00 -0.22 8.51
CA ALA A 77 10.08 -0.89 7.80
C ALA A 77 10.33 -0.25 6.45
N ILE A 78 9.27 -0.16 5.64
CA ILE A 78 9.37 0.43 4.31
C ILE A 78 9.35 1.95 4.38
N ASN A 79 8.62 2.48 5.36
CA ASN A 79 8.52 3.93 5.54
C ASN A 79 9.90 4.56 5.64
N ASN A 80 10.05 5.75 5.05
CA ASN A 80 11.32 6.46 5.07
C ASN A 80 12.43 5.61 4.46
N LYS A 81 12.08 4.84 3.44
CA LYS A 81 13.05 3.98 2.77
C LYS A 81 12.75 3.88 1.27
N GLN A 82 13.78 3.62 0.48
CA GLN A 82 13.62 3.50 -0.96
C GLN A 82 13.72 2.04 -1.41
N LEU A 83 12.78 1.62 -2.25
CA LEU A 83 12.76 0.25 -2.75
C LEU A 83 12.67 0.23 -4.27
N PHE A 84 13.55 -0.55 -4.89
CA PHE A 84 13.59 -0.66 -6.34
C PHE A 84 13.88 0.69 -6.99
N GLY A 85 14.56 1.57 -6.25
CA GLY A 85 14.89 2.88 -6.76
C GLY A 85 13.71 3.84 -6.69
N ARG A 86 13.15 4.00 -5.50
CA ARG A 86 12.02 4.89 -5.30
C ARG A 86 11.65 4.98 -3.82
N VAL A 87 11.75 6.19 -3.26
CA VAL A 87 11.42 6.42 -1.86
C VAL A 87 9.97 6.04 -1.57
N ILE A 88 9.78 4.81 -1.07
CA ILE A 88 8.45 4.34 -0.74
C ILE A 88 7.96 4.92 0.58
N LYS A 89 6.70 5.36 0.60
CA LYS A 89 6.12 5.94 1.80
C LYS A 89 4.97 5.07 2.32
N ALA A 90 4.96 4.83 3.63
CA ALA A 90 3.91 4.02 4.24
C ALA A 90 3.14 4.82 5.29
N SER A 91 1.84 4.56 5.38
CA SER A 91 1.00 5.25 6.35
C SER A 91 -0.36 4.55 6.49
N ILE A 92 -0.72 4.23 7.73
CA ILE A 92 -1.98 3.56 8.02
C ILE A 92 -3.13 4.24 7.28
N ALA A 93 -3.84 3.47 6.46
CA ALA A 93 -4.97 3.99 5.71
C ALA A 93 -6.29 3.54 6.32
N ILE A 94 -6.87 4.39 7.15
CA ILE A 94 -8.14 4.07 7.81
C ILE A 94 -9.33 4.54 6.96
N GLY A 1 5.32 21.28 -8.10
CA GLY A 1 5.00 20.94 -6.73
C GLY A 1 5.78 19.75 -6.23
N SER A 2 5.49 19.33 -5.00
CA SER A 2 6.19 18.19 -4.39
C SER A 2 5.54 16.87 -4.82
N SER A 3 5.19 16.78 -6.10
CA SER A 3 4.57 15.58 -6.64
C SER A 3 3.52 15.03 -5.67
N GLY A 4 2.75 15.93 -5.08
CA GLY A 4 1.72 15.52 -4.14
C GLY A 4 0.95 16.69 -3.57
N SER A 5 0.35 17.50 -4.45
CA SER A 5 -0.41 18.67 -4.04
C SER A 5 -1.88 18.31 -3.84
N SER A 6 -2.43 17.56 -4.80
CA SER A 6 -3.83 17.16 -4.74
C SER A 6 -3.96 15.71 -4.28
N GLY A 7 -4.53 15.52 -3.09
CA GLY A 7 -4.70 14.19 -2.55
C GLY A 7 -3.79 13.91 -1.37
N MET A 8 -3.87 14.78 -0.36
CA MET A 8 -3.05 14.63 0.84
C MET A 8 -3.32 13.29 1.51
N SER A 9 -4.59 12.95 1.65
CA SER A 9 -4.99 11.70 2.29
C SER A 9 -6.44 11.36 1.97
N GLY A 10 -6.75 10.07 1.96
CA GLY A 10 -8.10 9.63 1.66
C GLY A 10 -8.13 8.30 0.93
N GLY A 11 -8.94 8.22 -0.12
CA GLY A 11 -9.05 7.00 -0.89
C GLY A 11 -10.04 6.02 -0.29
N LEU A 12 -9.69 4.74 -0.33
CA LEU A 12 -10.56 3.70 0.22
C LEU A 12 -9.81 2.84 1.23
N ALA A 13 -10.56 2.07 2.02
CA ALA A 13 -9.96 1.20 3.02
C ALA A 13 -9.28 2.01 4.11
N PRO A 14 -10.04 2.93 4.73
CA PRO A 14 -9.52 3.79 5.79
C PRO A 14 -9.26 3.02 7.08
N SER A 15 -9.44 1.71 7.02
CA SER A 15 -9.21 0.86 8.18
C SER A 15 -7.72 0.76 8.52
N LYS A 16 -7.43 0.52 9.79
CA LYS A 16 -6.04 0.40 10.24
C LYS A 16 -5.31 -0.67 9.45
N SER A 17 -5.82 -1.89 9.50
CA SER A 17 -5.21 -3.01 8.78
C SER A 17 -4.55 -2.53 7.49
N THR A 18 -5.34 -1.85 6.65
CA THR A 18 -4.84 -1.33 5.38
C THR A 18 -3.60 -0.47 5.58
N VAL A 19 -2.67 -0.54 4.64
CA VAL A 19 -1.44 0.24 4.71
C VAL A 19 -1.25 1.08 3.45
N TYR A 20 -1.35 2.40 3.60
CA TYR A 20 -1.19 3.30 2.47
C TYR A 20 0.25 3.32 1.99
N VAL A 21 0.52 2.62 0.89
CA VAL A 21 1.86 2.55 0.31
C VAL A 21 1.93 3.30 -1.01
N SER A 22 2.91 4.18 -1.13
CA SER A 22 3.09 4.97 -2.35
C SER A 22 4.47 4.72 -2.95
N ASN A 23 4.65 5.17 -4.18
CA ASN A 23 5.93 5.00 -4.88
C ASN A 23 6.24 3.53 -5.09
N LEU A 24 5.22 2.77 -5.49
CA LEU A 24 5.40 1.33 -5.72
C LEU A 24 5.59 1.04 -7.21
N PRO A 25 6.50 0.10 -7.51
CA PRO A 25 6.79 -0.30 -8.90
C PRO A 25 5.63 -1.05 -9.55
N PHE A 26 4.63 -0.31 -10.00
CA PHE A 26 3.47 -0.91 -10.64
C PHE A 26 3.87 -2.07 -11.54
N SER A 27 5.10 -2.00 -12.07
CA SER A 27 5.62 -3.05 -12.95
C SER A 27 5.25 -4.42 -12.42
N LEU A 28 5.29 -4.59 -11.10
CA LEU A 28 4.96 -5.86 -10.47
C LEU A 28 3.46 -6.15 -10.57
N THR A 29 3.04 -7.24 -9.94
CA THR A 29 1.64 -7.63 -9.95
C THR A 29 1.12 -7.87 -8.54
N ASN A 30 -0.20 -7.75 -8.37
CA ASN A 30 -0.82 -7.95 -7.07
C ASN A 30 -0.08 -9.03 -6.28
N ASN A 31 0.23 -10.14 -6.95
CA ASN A 31 0.94 -11.24 -6.31
C ASN A 31 2.26 -10.77 -5.72
N ASP A 32 3.06 -10.11 -6.53
CA ASP A 32 4.36 -9.61 -6.09
C ASP A 32 4.23 -8.87 -4.76
N LEU A 33 3.51 -7.77 -4.77
CA LEU A 33 3.30 -6.98 -3.56
C LEU A 33 2.96 -7.87 -2.37
N TYR A 34 1.88 -8.63 -2.50
CA TYR A 34 1.45 -9.53 -1.44
C TYR A 34 2.65 -10.11 -0.70
N ARG A 35 3.60 -10.64 -1.45
CA ARG A 35 4.79 -11.24 -0.87
C ARG A 35 5.71 -10.16 -0.29
N ILE A 36 6.00 -9.14 -1.10
CA ILE A 36 6.86 -8.05 -0.66
C ILE A 36 6.44 -7.52 0.69
N PHE A 37 5.13 -7.58 0.97
CA PHE A 37 4.59 -7.10 2.24
C PHE A 37 4.42 -8.25 3.22
N SER A 38 4.54 -9.49 2.71
CA SER A 38 4.39 -10.67 3.54
C SER A 38 5.51 -10.76 4.57
N LYS A 39 6.73 -10.43 4.14
CA LYS A 39 7.89 -10.48 5.03
C LYS A 39 7.59 -9.78 6.35
N TYR A 40 6.57 -8.93 6.35
CA TYR A 40 6.18 -8.20 7.55
C TYR A 40 4.95 -8.83 8.20
N GLY A 41 3.87 -8.94 7.44
CA GLY A 41 2.65 -9.54 7.96
C GLY A 41 1.81 -10.17 6.87
N LYS A 42 1.26 -11.35 7.16
CA LYS A 42 0.43 -12.06 6.20
C LYS A 42 -0.57 -11.11 5.52
N VAL A 43 -0.67 -11.21 4.21
CA VAL A 43 -1.59 -10.37 3.45
C VAL A 43 -2.88 -11.10 3.11
N VAL A 44 -4.00 -10.41 3.25
CA VAL A 44 -5.31 -11.00 2.96
C VAL A 44 -5.81 -10.58 1.58
N LYS A 45 -5.70 -9.30 1.29
CA LYS A 45 -6.13 -8.76 0.01
C LYS A 45 -5.26 -7.58 -0.42
N VAL A 46 -4.98 -7.50 -1.72
CA VAL A 46 -4.16 -6.42 -2.26
C VAL A 46 -5.01 -5.39 -2.99
N THR A 47 -4.82 -4.12 -2.64
CA THR A 47 -5.58 -3.04 -3.26
C THR A 47 -4.65 -2.05 -3.96
N ILE A 48 -5.05 -1.61 -5.15
CA ILE A 48 -4.24 -0.66 -5.91
C ILE A 48 -5.11 0.47 -6.45
N MET A 49 -4.58 1.70 -6.38
CA MET A 49 -5.30 2.87 -6.85
C MET A 49 -5.21 2.97 -8.38
N LYS A 50 -6.11 3.76 -8.96
CA LYS A 50 -6.14 3.95 -10.40
C LYS A 50 -6.73 5.31 -10.77
N ASP A 51 -5.95 6.10 -11.49
CA ASP A 51 -6.40 7.43 -11.91
C ASP A 51 -7.65 7.34 -12.77
N LYS A 52 -8.14 8.49 -13.25
CA LYS A 52 -9.33 8.53 -14.08
C LYS A 52 -8.99 9.05 -15.47
N ASP A 53 -7.77 9.56 -15.63
CA ASP A 53 -7.32 10.08 -16.92
C ASP A 53 -6.33 9.13 -17.58
N THR A 54 -5.22 8.88 -16.89
CA THR A 54 -4.18 7.98 -17.41
C THR A 54 -4.49 6.53 -17.06
N ARG A 55 -5.36 6.33 -16.07
CA ARG A 55 -5.74 4.99 -15.64
C ARG A 55 -4.50 4.17 -15.26
N LYS A 56 -3.62 4.79 -14.48
CA LYS A 56 -2.40 4.12 -14.04
C LYS A 56 -2.34 4.03 -12.51
N SER A 57 -1.66 3.01 -12.01
CA SER A 57 -1.53 2.81 -10.57
C SER A 57 -0.81 4.00 -9.92
N LYS A 58 0.23 4.48 -10.58
CA LYS A 58 1.01 5.61 -10.07
C LYS A 58 1.68 5.25 -8.75
N GLY A 59 1.91 3.96 -8.53
CA GLY A 59 2.55 3.53 -7.31
C GLY A 59 1.58 3.45 -6.15
N VAL A 60 0.67 4.41 -6.07
CA VAL A 60 -0.32 4.44 -5.00
C VAL A 60 -1.06 3.13 -4.89
N ALA A 61 -0.79 2.38 -3.83
CA ALA A 61 -1.44 1.10 -3.60
C ALA A 61 -1.72 0.87 -2.11
N PHE A 62 -2.83 0.21 -1.82
CA PHE A 62 -3.21 -0.07 -0.45
C PHE A 62 -3.11 -1.57 -0.14
N ILE A 63 -2.30 -1.91 0.86
CA ILE A 63 -2.11 -3.30 1.25
C ILE A 63 -2.94 -3.64 2.49
N LEU A 64 -3.79 -4.66 2.35
CA LEU A 64 -4.64 -5.08 3.46
C LEU A 64 -3.99 -6.23 4.24
N PHE A 65 -3.73 -5.99 5.52
CA PHE A 65 -3.11 -7.01 6.36
C PHE A 65 -4.15 -7.71 7.23
N LEU A 66 -3.82 -8.91 7.68
CA LEU A 66 -4.74 -9.69 8.51
C LEU A 66 -5.03 -8.96 9.82
N ASP A 67 -3.97 -8.56 10.52
CA ASP A 67 -4.11 -7.85 11.78
C ASP A 67 -3.45 -6.47 11.71
N LYS A 68 -4.14 -5.47 12.24
CA LYS A 68 -3.63 -4.10 12.23
C LYS A 68 -2.26 -4.04 12.89
N ASP A 69 -2.02 -4.92 13.85
CA ASP A 69 -0.74 -4.96 14.55
C ASP A 69 0.42 -5.13 13.57
N SER A 70 0.43 -6.25 12.86
CA SER A 70 1.49 -6.53 11.89
C SER A 70 1.65 -5.37 10.92
N ALA A 71 0.52 -4.87 10.41
CA ALA A 71 0.54 -3.76 9.48
C ALA A 71 1.47 -2.64 9.95
N GLN A 72 1.16 -2.06 11.11
CA GLN A 72 1.97 -1.00 11.66
C GLN A 72 3.45 -1.27 11.45
N ASN A 73 3.90 -2.43 11.88
CA ASN A 73 5.31 -2.82 11.73
C ASN A 73 5.82 -2.43 10.35
N CYS A 74 5.15 -2.93 9.32
CA CYS A 74 5.55 -2.65 7.94
C CYS A 74 5.51 -1.14 7.66
N THR A 75 4.48 -0.47 8.17
CA THR A 75 4.33 0.97 7.98
C THR A 75 5.55 1.72 8.46
N ARG A 76 6.42 1.03 9.20
CA ARG A 76 7.64 1.64 9.73
C ARG A 76 8.87 1.04 9.06
N ALA A 77 8.78 -0.23 8.68
CA ALA A 77 9.89 -0.91 8.03
C ALA A 77 10.18 -0.31 6.66
N ILE A 78 9.13 -0.12 5.87
CA ILE A 78 9.28 0.45 4.53
C ILE A 78 9.24 1.97 4.58
N ASN A 79 8.53 2.51 5.56
CA ASN A 79 8.43 3.96 5.72
C ASN A 79 9.80 4.60 5.83
N ASN A 80 10.06 5.60 4.99
CA ASN A 80 11.34 6.29 4.99
C ASN A 80 12.47 5.37 4.54
N LYS A 81 12.23 4.64 3.45
CA LYS A 81 13.22 3.71 2.92
C LYS A 81 13.12 3.61 1.40
N GLN A 82 14.23 3.29 0.76
CA GLN A 82 14.27 3.17 -0.70
C GLN A 82 14.09 1.71 -1.11
N LEU A 83 13.02 1.44 -1.86
CA LEU A 83 12.75 0.09 -2.32
C LEU A 83 12.51 0.07 -3.83
N PHE A 84 13.18 -0.86 -4.52
CA PHE A 84 13.05 -0.98 -5.96
C PHE A 84 13.43 0.33 -6.66
N GLY A 85 14.40 1.03 -6.09
CA GLY A 85 14.84 2.29 -6.67
C GLY A 85 13.74 3.33 -6.68
N ARG A 86 13.12 3.55 -5.52
CA ARG A 86 12.04 4.52 -5.40
C ARG A 86 11.61 4.67 -3.94
N VAL A 87 11.78 5.87 -3.40
CA VAL A 87 11.40 6.14 -2.02
C VAL A 87 9.94 5.79 -1.76
N ILE A 88 9.72 4.67 -1.06
CA ILE A 88 8.37 4.22 -0.75
C ILE A 88 7.89 4.80 0.58
N LYS A 89 6.74 5.47 0.54
CA LYS A 89 6.17 6.07 1.74
C LYS A 89 4.98 5.26 2.24
N ALA A 90 5.00 4.90 3.51
CA ALA A 90 3.91 4.13 4.12
C ALA A 90 3.22 4.92 5.23
N SER A 91 1.91 4.75 5.34
CA SER A 91 1.14 5.45 6.37
C SER A 91 -0.19 4.74 6.63
N ILE A 92 -0.56 4.64 7.89
CA ILE A 92 -1.81 3.99 8.27
C ILE A 92 -3.01 4.80 7.81
N ALA A 93 -3.70 4.31 6.78
CA ALA A 93 -4.87 4.99 6.25
C ALA A 93 -6.00 5.03 7.28
N ILE A 94 -6.26 6.22 7.82
CA ILE A 94 -7.32 6.39 8.80
C ILE A 94 -8.12 7.66 8.55
N GLY A 1 9.33 15.50 5.69
CA GLY A 1 8.85 15.80 4.35
C GLY A 1 7.88 14.75 3.83
N SER A 2 6.59 15.07 3.88
CA SER A 2 5.56 14.15 3.43
C SER A 2 4.22 14.87 3.25
N SER A 3 3.74 14.91 2.01
CA SER A 3 2.48 15.58 1.71
C SER A 3 1.32 14.59 1.78
N GLY A 4 0.25 14.99 2.46
CA GLY A 4 -0.92 14.13 2.58
C GLY A 4 -1.65 14.35 3.90
N SER A 5 -2.78 15.04 3.83
CA SER A 5 -3.57 15.32 5.03
C SER A 5 -4.64 14.24 5.23
N SER A 6 -5.29 13.85 4.14
CA SER A 6 -6.34 12.84 4.20
C SER A 6 -6.46 12.11 2.86
N GLY A 7 -6.70 10.80 2.93
CA GLY A 7 -6.83 10.01 1.72
C GLY A 7 -8.25 10.03 1.18
N MET A 8 -8.37 10.15 -0.14
CA MET A 8 -9.67 10.19 -0.79
C MET A 8 -10.26 8.78 -0.91
N SER A 9 -11.31 8.51 -0.15
CA SER A 9 -11.95 7.20 -0.16
C SER A 9 -12.08 6.68 -1.59
N GLY A 10 -11.74 5.40 -1.77
CA GLY A 10 -11.82 4.80 -3.10
C GLY A 10 -12.20 3.33 -3.04
N GLY A 11 -13.45 3.03 -3.40
CA GLY A 11 -13.90 1.65 -3.38
C GLY A 11 -14.45 1.24 -2.03
N LEU A 12 -13.63 0.54 -1.26
CA LEU A 12 -14.03 0.09 0.08
C LEU A 12 -13.69 1.12 1.13
N ALA A 13 -13.95 0.78 2.40
CA ALA A 13 -13.66 1.68 3.50
C ALA A 13 -12.28 1.44 4.07
N PRO A 14 -11.49 2.51 4.22
CA PRO A 14 -10.12 2.43 4.75
C PRO A 14 -10.10 2.10 6.23
N SER A 15 -9.29 1.11 6.61
CA SER A 15 -9.19 0.69 7.99
C SER A 15 -7.72 0.55 8.41
N LYS A 16 -7.48 0.58 9.71
CA LYS A 16 -6.13 0.46 10.24
C LYS A 16 -5.37 -0.67 9.54
N SER A 17 -5.96 -1.85 9.50
CA SER A 17 -5.35 -2.99 8.87
C SER A 17 -4.66 -2.59 7.56
N THR A 18 -5.36 -1.78 6.77
CA THR A 18 -4.82 -1.31 5.49
C THR A 18 -3.56 -0.49 5.69
N VAL A 19 -2.73 -0.44 4.65
CA VAL A 19 -1.49 0.31 4.71
C VAL A 19 -1.32 1.19 3.48
N TYR A 20 -1.26 2.51 3.69
CA TYR A 20 -1.11 3.46 2.59
C TYR A 20 0.31 3.45 2.06
N VAL A 21 0.50 2.82 0.90
CA VAL A 21 1.82 2.73 0.29
C VAL A 21 1.85 3.48 -1.04
N SER A 22 2.98 4.12 -1.33
CA SER A 22 3.14 4.87 -2.58
C SER A 22 4.53 4.68 -3.16
N ASN A 23 4.73 5.17 -4.37
CA ASN A 23 6.02 5.05 -5.04
C ASN A 23 6.36 3.59 -5.31
N LEU A 24 5.33 2.76 -5.42
CA LEU A 24 5.51 1.34 -5.68
C LEU A 24 5.61 1.08 -7.18
N PRO A 25 6.49 0.13 -7.56
CA PRO A 25 6.70 -0.24 -8.96
C PRO A 25 5.50 -0.98 -9.55
N PHE A 26 4.56 -0.22 -10.11
CA PHE A 26 3.36 -0.81 -10.71
C PHE A 26 3.73 -1.98 -11.61
N SER A 27 4.93 -1.95 -12.15
CA SER A 27 5.41 -3.01 -13.04
C SER A 27 5.05 -4.38 -12.47
N LEU A 28 5.11 -4.51 -11.16
CA LEU A 28 4.80 -5.77 -10.49
C LEU A 28 3.30 -6.04 -10.52
N THR A 29 2.90 -7.19 -9.97
CA THR A 29 1.50 -7.56 -9.93
C THR A 29 1.04 -7.83 -8.50
N ASN A 30 -0.28 -7.76 -8.28
CA ASN A 30 -0.84 -8.01 -6.96
C ASN A 30 -0.04 -9.07 -6.20
N ASN A 31 0.22 -10.18 -6.88
CA ASN A 31 0.98 -11.27 -6.27
C ASN A 31 2.30 -10.77 -5.70
N ASP A 32 3.04 -10.01 -6.51
CA ASP A 32 4.32 -9.47 -6.08
C ASP A 32 4.18 -8.73 -4.75
N LEU A 33 3.45 -7.62 -4.78
CA LEU A 33 3.25 -6.81 -3.58
C LEU A 33 2.89 -7.69 -2.39
N TYR A 34 1.89 -8.56 -2.58
CA TYR A 34 1.45 -9.46 -1.52
C TYR A 34 2.64 -10.03 -0.76
N ARG A 35 3.60 -10.59 -1.51
CA ARG A 35 4.78 -11.18 -0.91
C ARG A 35 5.69 -10.10 -0.35
N ILE A 36 5.97 -9.08 -1.15
CA ILE A 36 6.83 -7.98 -0.74
C ILE A 36 6.42 -7.44 0.63
N PHE A 37 5.11 -7.47 0.90
CA PHE A 37 4.58 -6.98 2.17
C PHE A 37 4.39 -8.13 3.15
N SER A 38 4.57 -9.36 2.66
CA SER A 38 4.42 -10.54 3.49
C SER A 38 5.58 -10.69 4.46
N LYS A 39 6.72 -10.10 4.09
CA LYS A 39 7.92 -10.17 4.92
C LYS A 39 7.68 -9.49 6.27
N TYR A 40 6.68 -8.63 6.32
CA TYR A 40 6.35 -7.92 7.55
C TYR A 40 5.14 -8.55 8.24
N GLY A 41 4.23 -9.08 7.44
CA GLY A 41 3.04 -9.71 7.98
C GLY A 41 2.18 -10.37 6.91
N LYS A 42 1.45 -11.41 7.29
CA LYS A 42 0.59 -12.12 6.35
C LYS A 42 -0.39 -11.16 5.68
N VAL A 43 -0.53 -11.28 4.37
CA VAL A 43 -1.44 -10.42 3.60
C VAL A 43 -2.73 -11.16 3.26
N VAL A 44 -3.85 -10.46 3.38
CA VAL A 44 -5.15 -11.04 3.07
C VAL A 44 -5.69 -10.53 1.74
N LYS A 45 -5.49 -9.24 1.49
CA LYS A 45 -5.95 -8.62 0.25
C LYS A 45 -5.01 -7.51 -0.19
N VAL A 46 -4.95 -7.27 -1.50
CA VAL A 46 -4.08 -6.24 -2.04
C VAL A 46 -4.89 -5.20 -2.83
N THR A 47 -4.83 -3.96 -2.37
CA THR A 47 -5.56 -2.88 -3.02
C THR A 47 -4.61 -1.97 -3.79
N ILE A 48 -5.08 -1.44 -4.92
CA ILE A 48 -4.27 -0.56 -5.74
C ILE A 48 -5.10 0.62 -6.25
N MET A 49 -4.52 1.82 -6.17
CA MET A 49 -5.20 3.02 -6.62
C MET A 49 -5.17 3.12 -8.15
N LYS A 50 -6.01 3.99 -8.69
CA LYS A 50 -6.10 4.18 -10.14
C LYS A 50 -6.69 5.55 -10.46
N ASP A 51 -5.93 6.35 -11.21
CA ASP A 51 -6.39 7.68 -11.60
C ASP A 51 -7.62 7.59 -12.49
N LYS A 52 -8.26 8.73 -12.73
CA LYS A 52 -9.45 8.78 -13.56
C LYS A 52 -9.08 9.11 -15.01
N ASP A 53 -8.21 10.11 -15.18
CA ASP A 53 -7.77 10.51 -16.51
C ASP A 53 -6.74 9.54 -17.07
N THR A 54 -5.53 9.59 -16.52
CA THR A 54 -4.46 8.71 -16.97
C THR A 54 -4.82 7.24 -16.76
N ARG A 55 -5.56 6.97 -15.70
CA ARG A 55 -5.98 5.60 -15.40
C ARG A 55 -4.77 4.72 -15.06
N LYS A 56 -3.91 5.22 -14.18
CA LYS A 56 -2.71 4.49 -13.77
C LYS A 56 -2.63 4.39 -12.25
N SER A 57 -1.89 3.40 -11.77
CA SER A 57 -1.72 3.18 -10.34
C SER A 57 -0.85 4.28 -9.73
N LYS A 58 0.09 4.79 -10.51
CA LYS A 58 0.98 5.84 -10.05
C LYS A 58 1.74 5.40 -8.80
N GLY A 59 1.89 4.09 -8.63
CA GLY A 59 2.60 3.56 -7.48
C GLY A 59 1.73 3.52 -6.24
N VAL A 60 0.81 4.48 -6.14
CA VAL A 60 -0.09 4.55 -4.98
C VAL A 60 -0.93 3.29 -4.87
N ALA A 61 -0.63 2.48 -3.86
CA ALA A 61 -1.36 1.23 -3.62
C ALA A 61 -1.58 1.00 -2.14
N PHE A 62 -2.67 0.32 -1.80
CA PHE A 62 -3.00 0.03 -0.41
C PHE A 62 -2.93 -1.47 -0.14
N ILE A 63 -2.32 -1.84 0.97
CA ILE A 63 -2.19 -3.24 1.35
C ILE A 63 -2.96 -3.55 2.63
N LEU A 64 -3.71 -4.65 2.61
CA LEU A 64 -4.51 -5.05 3.76
C LEU A 64 -3.85 -6.22 4.48
N PHE A 65 -3.55 -6.03 5.77
CA PHE A 65 -2.93 -7.08 6.57
C PHE A 65 -3.95 -7.77 7.46
N LEU A 66 -3.76 -9.06 7.68
CA LEU A 66 -4.67 -9.84 8.52
C LEU A 66 -5.06 -9.05 9.77
N ASP A 67 -4.06 -8.65 10.55
CA ASP A 67 -4.31 -7.89 11.76
C ASP A 67 -3.50 -6.59 11.76
N LYS A 68 -4.17 -5.48 12.05
CA LYS A 68 -3.52 -4.18 12.09
C LYS A 68 -2.15 -4.27 12.75
N ASP A 69 -2.06 -5.09 13.80
CA ASP A 69 -0.81 -5.27 14.52
C ASP A 69 0.35 -5.48 13.55
N SER A 70 0.14 -6.35 12.57
CA SER A 70 1.17 -6.65 11.58
C SER A 70 1.40 -5.45 10.67
N ALA A 71 0.33 -4.79 10.26
CA ALA A 71 0.41 -3.63 9.39
C ALA A 71 1.38 -2.60 9.96
N GLN A 72 1.09 -2.11 11.16
CA GLN A 72 1.93 -1.12 11.81
C GLN A 72 3.41 -1.34 11.46
N ASN A 73 3.91 -2.52 11.81
CA ASN A 73 5.30 -2.86 11.54
C ASN A 73 5.71 -2.42 10.14
N CYS A 74 5.05 -2.98 9.12
CA CYS A 74 5.35 -2.65 7.74
C CYS A 74 5.26 -1.14 7.52
N THR A 75 4.28 -0.50 8.17
CA THR A 75 4.08 0.93 8.04
C THR A 75 5.30 1.70 8.53
N ARG A 76 6.22 1.00 9.17
CA ARG A 76 7.44 1.61 9.69
C ARG A 76 8.68 1.00 9.05
N ALA A 77 8.52 -0.19 8.49
CA ALA A 77 9.63 -0.89 7.83
C ALA A 77 9.95 -0.26 6.48
N ILE A 78 8.91 0.00 5.70
CA ILE A 78 9.08 0.59 4.37
C ILE A 78 8.97 2.11 4.44
N ASN A 79 8.27 2.60 5.46
CA ASN A 79 8.09 4.04 5.63
C ASN A 79 9.44 4.76 5.66
N ASN A 80 9.65 5.63 4.69
CA ASN A 80 10.90 6.39 4.60
C ASN A 80 12.07 5.46 4.27
N LYS A 81 11.87 4.58 3.31
CA LYS A 81 12.91 3.65 2.90
C LYS A 81 12.90 3.45 1.39
N GLN A 82 14.08 3.32 0.80
CA GLN A 82 14.21 3.12 -0.64
C GLN A 82 14.03 1.65 -1.00
N LEU A 83 13.02 1.36 -1.81
CA LEU A 83 12.73 -0.01 -2.23
C LEU A 83 12.74 -0.11 -3.75
N PHE A 84 13.30 -1.21 -4.26
CA PHE A 84 13.37 -1.44 -5.69
C PHE A 84 13.86 -0.19 -6.41
N GLY A 85 14.63 0.63 -5.71
CA GLY A 85 15.16 1.85 -6.30
C GLY A 85 14.10 2.93 -6.43
N ARG A 86 13.41 3.21 -5.32
CA ARG A 86 12.37 4.23 -5.32
C ARG A 86 11.87 4.49 -3.90
N VAL A 87 12.01 5.73 -3.45
CA VAL A 87 11.57 6.11 -2.11
C VAL A 87 10.10 5.80 -1.90
N ILE A 88 9.84 4.71 -1.18
CA ILE A 88 8.47 4.28 -0.90
C ILE A 88 7.96 4.88 0.41
N LYS A 89 6.73 5.38 0.40
CA LYS A 89 6.14 5.98 1.58
C LYS A 89 5.05 5.07 2.15
N ALA A 90 5.01 4.97 3.48
CA ALA A 90 4.01 4.15 4.16
C ALA A 90 3.29 4.93 5.25
N SER A 91 2.00 4.66 5.41
CA SER A 91 1.19 5.34 6.41
C SER A 91 -0.15 4.64 6.59
N ILE A 92 -0.58 4.51 7.85
CA ILE A 92 -1.86 3.87 8.15
C ILE A 92 -3.01 4.58 7.46
N ALA A 93 -3.83 3.81 6.74
CA ALA A 93 -4.97 4.37 6.04
C ALA A 93 -6.22 4.33 6.90
N ILE A 94 -6.73 5.50 7.26
CA ILE A 94 -7.93 5.60 8.09
C ILE A 94 -8.92 6.60 7.51
N GLY A 1 9.77 16.41 -14.61
CA GLY A 1 8.44 16.06 -15.07
C GLY A 1 7.35 16.49 -14.10
N SER A 2 6.18 15.89 -14.21
CA SER A 2 5.06 16.21 -13.34
C SER A 2 4.91 15.18 -12.24
N SER A 3 4.70 15.65 -11.02
CA SER A 3 4.54 14.77 -9.86
C SER A 3 3.14 14.17 -9.83
N GLY A 4 2.13 15.03 -9.73
CA GLY A 4 0.76 14.57 -9.69
C GLY A 4 -0.08 15.34 -8.70
N SER A 5 -1.33 14.94 -8.53
CA SER A 5 -2.24 15.60 -7.62
C SER A 5 -3.16 14.59 -6.93
N SER A 6 -3.08 14.53 -5.61
CA SER A 6 -3.90 13.60 -4.83
C SER A 6 -3.91 13.98 -3.36
N GLY A 7 -4.84 13.39 -2.61
CA GLY A 7 -4.93 13.69 -1.19
C GLY A 7 -6.07 12.94 -0.52
N MET A 8 -5.76 11.78 0.04
CA MET A 8 -6.76 10.96 0.72
C MET A 8 -8.11 11.07 0.01
N SER A 9 -8.09 11.00 -1.32
CA SER A 9 -9.31 11.10 -2.10
C SER A 9 -9.72 9.74 -2.65
N GLY A 10 -10.30 8.91 -1.79
CA GLY A 10 -10.73 7.59 -2.20
C GLY A 10 -10.72 6.59 -1.05
N GLY A 11 -11.65 6.76 -0.11
CA GLY A 11 -11.73 5.87 1.03
C GLY A 11 -13.09 5.24 1.18
N LEU A 12 -13.19 3.95 0.88
CA LEU A 12 -14.45 3.22 0.99
C LEU A 12 -14.51 2.40 2.28
N ALA A 13 -13.62 1.42 2.38
CA ALA A 13 -13.57 0.56 3.56
C ALA A 13 -12.18 0.58 4.19
N PRO A 14 -11.59 1.78 4.28
CA PRO A 14 -10.24 1.96 4.86
C PRO A 14 -10.23 1.72 6.37
N SER A 15 -9.16 1.10 6.85
CA SER A 15 -9.01 0.82 8.27
C SER A 15 -7.55 0.65 8.65
N LYS A 16 -7.28 0.61 9.95
CA LYS A 16 -5.92 0.46 10.45
C LYS A 16 -5.19 -0.65 9.71
N SER A 17 -5.80 -1.85 9.71
CA SER A 17 -5.20 -3.00 9.03
C SER A 17 -4.62 -2.60 7.68
N THR A 18 -5.30 -1.70 6.98
CA THR A 18 -4.86 -1.23 5.68
C THR A 18 -3.59 -0.38 5.80
N VAL A 19 -2.76 -0.42 4.78
CA VAL A 19 -1.53 0.35 4.76
C VAL A 19 -1.38 1.15 3.47
N TYR A 20 -1.27 2.46 3.60
CA TYR A 20 -1.13 3.34 2.44
C TYR A 20 0.30 3.31 1.91
N VAL A 21 0.53 2.51 0.87
CA VAL A 21 1.85 2.40 0.27
C VAL A 21 1.91 3.10 -1.08
N SER A 22 2.77 4.11 -1.18
CA SER A 22 2.91 4.88 -2.41
C SER A 22 4.32 4.70 -3.00
N ASN A 23 4.51 5.20 -4.21
CA ASN A 23 5.80 5.10 -4.88
C ASN A 23 6.17 3.64 -5.14
N LEU A 24 5.16 2.81 -5.35
CA LEU A 24 5.37 1.39 -5.61
C LEU A 24 5.61 1.14 -7.10
N PRO A 25 6.53 0.21 -7.40
CA PRO A 25 6.87 -0.14 -8.77
C PRO A 25 5.75 -0.91 -9.47
N PHE A 26 4.82 -0.17 -10.07
CA PHE A 26 3.69 -0.78 -10.76
C PHE A 26 4.15 -1.96 -11.63
N SER A 27 5.43 -1.95 -11.99
CA SER A 27 6.00 -3.00 -12.82
C SER A 27 5.63 -4.38 -12.28
N LEU A 28 5.46 -4.46 -10.96
CA LEU A 28 5.10 -5.72 -10.33
C LEU A 28 3.60 -5.97 -10.40
N THR A 29 3.14 -7.06 -9.80
CA THR A 29 1.73 -7.41 -9.80
C THR A 29 1.24 -7.73 -8.40
N ASN A 30 -0.08 -7.72 -8.23
CA ASN A 30 -0.68 -8.00 -6.93
C ASN A 30 0.09 -9.11 -6.20
N ASN A 31 0.37 -10.19 -6.92
CA ASN A 31 1.11 -11.32 -6.35
C ASN A 31 2.42 -10.85 -5.72
N ASP A 32 3.21 -10.13 -6.51
CA ASP A 32 4.50 -9.62 -6.03
C ASP A 32 4.34 -8.90 -4.70
N LEU A 33 3.56 -7.82 -4.70
CA LEU A 33 3.32 -7.05 -3.49
C LEU A 33 2.88 -7.95 -2.34
N TYR A 34 1.87 -8.76 -2.60
CA TYR A 34 1.34 -9.68 -1.58
C TYR A 34 2.48 -10.34 -0.81
N ARG A 35 3.57 -10.64 -1.52
CA ARG A 35 4.73 -11.28 -0.90
C ARG A 35 5.66 -10.24 -0.29
N ILE A 36 5.89 -9.15 -1.03
CA ILE A 36 6.76 -8.08 -0.55
C ILE A 36 6.30 -7.55 0.80
N PHE A 37 4.99 -7.58 1.02
CA PHE A 37 4.41 -7.10 2.27
C PHE A 37 4.12 -8.26 3.22
N SER A 38 4.31 -9.49 2.73
CA SER A 38 4.06 -10.68 3.53
C SER A 38 5.20 -10.90 4.53
N LYS A 39 6.35 -10.32 4.25
CA LYS A 39 7.51 -10.45 5.12
C LYS A 39 7.25 -9.77 6.47
N TYR A 40 6.33 -8.81 6.48
CA TYR A 40 6.00 -8.08 7.70
C TYR A 40 4.71 -8.63 8.32
N GLY A 41 3.68 -8.76 7.49
CA GLY A 41 2.41 -9.27 7.98
C GLY A 41 1.59 -9.93 6.89
N LYS A 42 0.89 -11.01 7.24
CA LYS A 42 0.07 -11.73 6.28
C LYS A 42 -0.88 -10.78 5.56
N VAL A 43 -0.95 -10.92 4.23
CA VAL A 43 -1.81 -10.08 3.42
C VAL A 43 -3.09 -10.82 3.03
N VAL A 44 -4.23 -10.15 3.18
CA VAL A 44 -5.51 -10.74 2.85
C VAL A 44 -6.02 -10.23 1.50
N LYS A 45 -5.82 -8.94 1.25
CA LYS A 45 -6.26 -8.33 0.01
C LYS A 45 -5.31 -7.22 -0.41
N VAL A 46 -4.90 -7.23 -1.67
CA VAL A 46 -3.99 -6.21 -2.20
C VAL A 46 -4.73 -5.19 -3.05
N THR A 47 -5.08 -4.06 -2.45
CA THR A 47 -5.79 -3.00 -3.15
C THR A 47 -4.82 -2.08 -3.89
N ILE A 48 -5.20 -1.68 -5.10
CA ILE A 48 -4.37 -0.79 -5.91
C ILE A 48 -5.19 0.34 -6.51
N MET A 49 -4.72 1.57 -6.31
CA MET A 49 -5.41 2.75 -6.83
C MET A 49 -5.19 2.88 -8.34
N LYS A 50 -6.01 3.71 -8.98
CA LYS A 50 -5.90 3.93 -10.42
C LYS A 50 -6.37 5.33 -10.79
N ASP A 51 -5.67 5.95 -11.74
CA ASP A 51 -6.02 7.30 -12.18
C ASP A 51 -7.30 7.28 -13.00
N LYS A 52 -7.82 8.46 -13.30
CA LYS A 52 -9.05 8.60 -14.07
C LYS A 52 -8.75 8.58 -15.56
N ASP A 53 -7.71 9.32 -15.97
CA ASP A 53 -7.33 9.39 -17.38
C ASP A 53 -6.32 8.29 -17.71
N THR A 54 -5.10 8.43 -17.19
CA THR A 54 -4.05 7.46 -17.44
C THR A 54 -4.51 6.05 -17.09
N ARG A 55 -5.32 5.94 -16.04
CA ARG A 55 -5.83 4.65 -15.60
C ARG A 55 -4.69 3.72 -15.21
N LYS A 56 -3.70 4.26 -14.52
CA LYS A 56 -2.54 3.47 -14.08
C LYS A 56 -2.47 3.42 -12.56
N SER A 57 -1.72 2.45 -12.05
CA SER A 57 -1.56 2.28 -10.60
C SER A 57 -1.04 3.57 -9.97
N LYS A 58 -0.20 4.29 -10.71
CA LYS A 58 0.38 5.54 -10.21
C LYS A 58 1.17 5.30 -8.92
N GLY A 59 1.64 4.08 -8.74
CA GLY A 59 2.41 3.75 -7.55
C GLY A 59 1.54 3.58 -6.33
N VAL A 60 0.50 4.41 -6.23
CA VAL A 60 -0.41 4.35 -5.10
C VAL A 60 -1.07 2.98 -4.98
N ALA A 61 -0.75 2.25 -3.92
CA ALA A 61 -1.31 0.93 -3.70
C ALA A 61 -1.64 0.72 -2.22
N PHE A 62 -2.85 0.24 -1.96
CA PHE A 62 -3.30 -0.01 -0.59
C PHE A 62 -3.16 -1.49 -0.24
N ILE A 63 -2.39 -1.77 0.81
CA ILE A 63 -2.17 -3.14 1.25
C ILE A 63 -2.99 -3.46 2.50
N LEU A 64 -3.78 -4.52 2.43
CA LEU A 64 -4.62 -4.93 3.56
C LEU A 64 -3.96 -6.07 4.33
N PHE A 65 -3.85 -5.89 5.64
CA PHE A 65 -3.25 -6.90 6.50
C PHE A 65 -4.30 -7.57 7.38
N LEU A 66 -4.02 -8.81 7.79
CA LEU A 66 -4.95 -9.56 8.63
C LEU A 66 -5.01 -8.97 10.04
N ASP A 67 -3.84 -8.61 10.56
CA ASP A 67 -3.76 -8.02 11.90
C ASP A 67 -3.13 -6.64 11.85
N LYS A 68 -3.70 -5.70 12.59
CA LYS A 68 -3.19 -4.33 12.63
C LYS A 68 -1.76 -4.30 13.17
N ASP A 69 -1.53 -5.01 14.28
CA ASP A 69 -0.21 -5.07 14.88
C ASP A 69 0.87 -5.33 13.83
N SER A 70 0.56 -6.21 12.88
CA SER A 70 1.51 -6.53 11.82
C SER A 70 1.64 -5.39 10.83
N ALA A 71 0.51 -4.74 10.53
CA ALA A 71 0.50 -3.62 9.59
C ALA A 71 1.49 -2.54 10.02
N GLN A 72 1.27 -1.99 11.21
CA GLN A 72 2.14 -0.94 11.74
C GLN A 72 3.61 -1.25 11.44
N ASN A 73 4.07 -2.40 11.94
CA ASN A 73 5.45 -2.82 11.73
C ASN A 73 5.90 -2.51 10.31
N CYS A 74 5.15 -3.00 9.33
CA CYS A 74 5.47 -2.78 7.93
C CYS A 74 5.44 -1.29 7.59
N THR A 75 4.52 -0.57 8.22
CA THR A 75 4.37 0.86 7.97
C THR A 75 5.57 1.63 8.54
N ARG A 76 6.45 0.91 9.24
CA ARG A 76 7.63 1.53 9.83
C ARG A 76 8.91 0.94 9.24
N ALA A 77 8.81 -0.31 8.77
CA ALA A 77 9.96 -0.99 8.20
C ALA A 77 10.31 -0.41 6.82
N ILE A 78 9.30 -0.27 5.97
CA ILE A 78 9.49 0.29 4.64
C ILE A 78 9.42 1.80 4.65
N ASN A 79 8.66 2.34 5.59
CA ASN A 79 8.49 3.79 5.71
C ASN A 79 9.85 4.49 5.73
N ASN A 80 9.95 5.60 5.00
CA ASN A 80 11.19 6.36 4.93
C ASN A 80 12.33 5.50 4.39
N LYS A 81 11.97 4.48 3.61
CA LYS A 81 12.95 3.57 3.03
C LYS A 81 12.83 3.53 1.51
N GLN A 82 13.96 3.38 0.84
CA GLN A 82 13.97 3.33 -0.63
C GLN A 82 13.91 1.88 -1.11
N LEU A 83 13.10 1.65 -2.14
CA LEU A 83 12.96 0.31 -2.71
C LEU A 83 12.88 0.37 -4.24
N PHE A 84 13.39 -0.67 -4.88
CA PHE A 84 13.38 -0.74 -6.34
C PHE A 84 13.80 0.59 -6.95
N GLY A 85 14.66 1.32 -6.24
CA GLY A 85 15.13 2.60 -6.73
C GLY A 85 14.04 3.66 -6.72
N ARG A 86 13.23 3.66 -5.67
CA ARG A 86 12.15 4.62 -5.53
C ARG A 86 11.67 4.72 -4.09
N VAL A 87 11.85 5.89 -3.49
CA VAL A 87 11.43 6.11 -2.11
C VAL A 87 9.96 5.75 -1.91
N ILE A 88 9.71 4.66 -1.20
CA ILE A 88 8.35 4.22 -0.93
C ILE A 88 7.84 4.76 0.39
N LYS A 89 6.66 5.37 0.36
CA LYS A 89 6.06 5.94 1.56
C LYS A 89 4.95 5.02 2.10
N ALA A 90 5.03 4.71 3.39
CA ALA A 90 4.04 3.85 4.02
C ALA A 90 3.36 4.57 5.18
N SER A 91 2.04 4.47 5.24
CA SER A 91 1.26 5.11 6.29
C SER A 91 -0.14 4.51 6.38
N ILE A 92 -0.52 4.07 7.58
CA ILE A 92 -1.83 3.49 7.79
C ILE A 92 -2.90 4.22 6.97
N ALA A 93 -3.92 3.48 6.55
CA ALA A 93 -5.01 4.06 5.78
C ALA A 93 -6.36 3.81 6.44
N ILE A 94 -6.49 4.23 7.69
CA ILE A 94 -7.73 4.05 8.44
C ILE A 94 -8.93 4.53 7.63
N GLY A 1 1.77 20.76 0.59
CA GLY A 1 2.31 20.12 -0.59
C GLY A 1 1.95 18.64 -0.67
N SER A 2 0.70 18.37 -1.01
CA SER A 2 0.22 16.98 -1.10
C SER A 2 0.46 16.23 0.21
N SER A 3 0.20 16.91 1.32
CA SER A 3 0.39 16.32 2.63
C SER A 3 -0.85 15.53 3.06
N GLY A 4 -2.00 16.20 3.01
CA GLY A 4 -3.25 15.56 3.39
C GLY A 4 -4.47 16.37 2.98
N SER A 5 -4.90 16.21 1.73
CA SER A 5 -6.05 16.93 1.23
C SER A 5 -7.28 16.03 1.18
N SER A 6 -8.37 16.51 1.79
CA SER A 6 -9.61 15.74 1.82
C SER A 6 -10.56 16.20 0.72
N GLY A 7 -10.02 16.42 -0.47
CA GLY A 7 -10.83 16.87 -1.59
C GLY A 7 -11.45 15.70 -2.34
N MET A 8 -11.81 15.94 -3.60
CA MET A 8 -12.42 14.90 -4.41
C MET A 8 -11.66 13.59 -4.30
N SER A 9 -10.37 13.62 -4.64
CA SER A 9 -9.54 12.42 -4.58
C SER A 9 -9.45 11.90 -3.14
N GLY A 10 -8.92 10.69 -2.99
CA GLY A 10 -8.79 10.10 -1.67
C GLY A 10 -9.23 8.65 -1.65
N GLY A 11 -8.34 7.76 -1.21
CA GLY A 11 -8.66 6.35 -1.14
C GLY A 11 -9.90 6.08 -0.31
N LEU A 12 -10.37 4.84 -0.35
CA LEU A 12 -11.56 4.45 0.40
C LEU A 12 -11.26 3.27 1.32
N ALA A 13 -12.08 3.11 2.36
CA ALA A 13 -11.90 2.02 3.31
C ALA A 13 -10.70 2.27 4.21
N PRO A 14 -10.67 3.45 4.85
CA PRO A 14 -9.58 3.83 5.75
C PRO A 14 -9.58 3.02 7.04
N SER A 15 -8.98 1.84 6.99
CA SER A 15 -8.91 0.97 8.15
C SER A 15 -7.48 0.78 8.61
N LYS A 16 -7.27 0.78 9.92
CA LYS A 16 -5.94 0.61 10.49
C LYS A 16 -5.17 -0.51 9.78
N SER A 17 -5.76 -1.71 9.78
CA SER A 17 -5.13 -2.85 9.14
C SER A 17 -4.49 -2.45 7.80
N THR A 18 -5.30 -1.85 6.93
CA THR A 18 -4.81 -1.42 5.62
C THR A 18 -3.57 -0.53 5.76
N VAL A 19 -2.69 -0.61 4.77
CA VAL A 19 -1.47 0.19 4.78
C VAL A 19 -1.35 1.03 3.52
N TYR A 20 -1.39 2.34 3.68
CA TYR A 20 -1.30 3.26 2.56
C TYR A 20 0.14 3.36 2.06
N VAL A 21 0.43 2.65 0.97
CA VAL A 21 1.77 2.66 0.40
C VAL A 21 1.81 3.44 -0.91
N SER A 22 2.91 4.14 -1.16
CA SER A 22 3.07 4.93 -2.38
C SER A 22 4.45 4.72 -2.98
N ASN A 23 4.61 5.15 -4.23
CA ASN A 23 5.88 5.02 -4.93
C ASN A 23 6.24 3.55 -5.12
N LEU A 24 5.23 2.73 -5.41
CA LEU A 24 5.44 1.30 -5.61
C LEU A 24 5.66 1.00 -7.10
N PRO A 25 6.54 0.02 -7.37
CA PRO A 25 6.87 -0.39 -8.74
C PRO A 25 5.71 -1.11 -9.41
N PHE A 26 4.73 -0.34 -9.90
CA PHE A 26 3.58 -0.92 -10.58
C PHE A 26 3.98 -2.09 -11.46
N SER A 27 5.21 -2.05 -11.96
CA SER A 27 5.72 -3.10 -12.83
C SER A 27 5.29 -4.47 -12.33
N LEU A 28 5.42 -4.69 -11.03
CA LEU A 28 5.05 -5.96 -10.42
C LEU A 28 3.55 -6.21 -10.55
N THR A 29 3.07 -7.28 -9.94
CA THR A 29 1.66 -7.63 -9.98
C THR A 29 1.11 -7.90 -8.59
N ASN A 30 -0.20 -7.76 -8.43
CA ASN A 30 -0.85 -7.99 -7.15
C ASN A 30 -0.16 -9.11 -6.38
N ASN A 31 0.14 -10.20 -7.09
CA ASN A 31 0.80 -11.35 -6.48
C ASN A 31 2.12 -10.94 -5.85
N ASP A 32 2.94 -10.20 -6.60
CA ASP A 32 4.23 -9.74 -6.11
C ASP A 32 4.08 -8.96 -4.81
N LEU A 33 3.35 -7.86 -4.88
CA LEU A 33 3.14 -7.02 -3.70
C LEU A 33 2.74 -7.87 -2.49
N TYR A 34 1.77 -8.75 -2.68
CA TYR A 34 1.31 -9.62 -1.61
C TYR A 34 2.48 -10.15 -0.79
N ARG A 35 3.44 -10.77 -1.47
CA ARG A 35 4.62 -11.32 -0.80
C ARG A 35 5.51 -10.20 -0.28
N ILE A 36 5.92 -9.30 -1.18
CA ILE A 36 6.79 -8.19 -0.80
C ILE A 36 6.40 -7.64 0.58
N PHE A 37 5.11 -7.48 0.80
CA PHE A 37 4.62 -6.97 2.08
C PHE A 37 4.53 -8.08 3.12
N SER A 38 4.28 -9.30 2.65
CA SER A 38 4.18 -10.45 3.54
C SER A 38 5.39 -10.54 4.46
N LYS A 39 6.56 -10.20 3.92
CA LYS A 39 7.79 -10.24 4.68
C LYS A 39 7.59 -9.67 6.09
N TYR A 40 6.65 -8.74 6.21
CA TYR A 40 6.35 -8.12 7.49
C TYR A 40 5.12 -8.74 8.13
N GLY A 41 3.99 -8.63 7.45
CA GLY A 41 2.75 -9.19 7.96
C GLY A 41 1.97 -9.94 6.91
N LYS A 42 1.33 -11.02 7.30
CA LYS A 42 0.54 -11.83 6.38
C LYS A 42 -0.49 -10.97 5.63
N VAL A 43 -0.54 -11.13 4.32
CA VAL A 43 -1.46 -10.36 3.49
C VAL A 43 -2.69 -11.19 3.14
N VAL A 44 -3.87 -10.58 3.24
CA VAL A 44 -5.11 -11.27 2.93
C VAL A 44 -5.70 -10.77 1.61
N LYS A 45 -5.60 -9.46 1.38
CA LYS A 45 -6.12 -8.85 0.16
C LYS A 45 -5.22 -7.71 -0.29
N VAL A 46 -5.20 -7.46 -1.60
CA VAL A 46 -4.39 -6.39 -2.16
C VAL A 46 -5.26 -5.34 -2.84
N THR A 47 -4.77 -4.10 -2.87
CA THR A 47 -5.50 -3.00 -3.49
C THR A 47 -4.56 -1.99 -4.12
N ILE A 48 -4.92 -1.50 -5.29
CA ILE A 48 -4.10 -0.52 -5.99
C ILE A 48 -4.95 0.65 -6.49
N MET A 49 -4.37 1.85 -6.44
CA MET A 49 -5.07 3.05 -6.89
C MET A 49 -4.98 3.21 -8.40
N LYS A 50 -5.74 4.14 -8.95
CA LYS A 50 -5.74 4.38 -10.39
C LYS A 50 -6.29 5.78 -10.71
N ASP A 51 -5.51 6.57 -11.42
CA ASP A 51 -5.91 7.91 -11.79
C ASP A 51 -7.06 7.88 -12.80
N LYS A 52 -7.55 9.06 -13.17
CA LYS A 52 -8.65 9.16 -14.12
C LYS A 52 -8.15 9.62 -15.49
N ASP A 53 -7.51 10.79 -15.52
CA ASP A 53 -6.98 11.34 -16.76
C ASP A 53 -5.92 10.41 -17.35
N THR A 54 -4.88 10.12 -16.55
CA THR A 54 -3.81 9.25 -17.00
C THR A 54 -4.21 7.79 -16.94
N ARG A 55 -4.91 7.42 -15.86
CA ARG A 55 -5.36 6.04 -15.69
C ARG A 55 -4.19 5.13 -15.34
N LYS A 56 -3.40 5.53 -14.35
CA LYS A 56 -2.25 4.75 -13.93
C LYS A 56 -2.22 4.60 -12.40
N SER A 57 -1.56 3.55 -11.93
CA SER A 57 -1.46 3.30 -10.50
C SER A 57 -0.66 4.39 -9.81
N LYS A 58 0.45 4.80 -10.42
CA LYS A 58 1.30 5.83 -9.87
C LYS A 58 1.96 5.37 -8.58
N GLY A 59 2.10 4.06 -8.43
CA GLY A 59 2.71 3.50 -7.24
C GLY A 59 1.76 3.45 -6.06
N VAL A 60 0.94 4.49 -5.93
CA VAL A 60 -0.04 4.56 -4.84
C VAL A 60 -0.92 3.32 -4.81
N ALA A 61 -0.78 2.53 -3.75
CA ALA A 61 -1.57 1.31 -3.59
C ALA A 61 -1.88 1.05 -2.13
N PHE A 62 -2.94 0.28 -1.89
CA PHE A 62 -3.35 -0.06 -0.53
C PHE A 62 -3.21 -1.55 -0.25
N ILE A 63 -2.56 -1.89 0.86
CA ILE A 63 -2.35 -3.27 1.23
C ILE A 63 -3.15 -3.63 2.47
N LEU A 64 -3.80 -4.80 2.44
CA LEU A 64 -4.60 -5.26 3.57
C LEU A 64 -3.88 -6.37 4.33
N PHE A 65 -3.76 -6.20 5.64
CA PHE A 65 -3.10 -7.19 6.48
C PHE A 65 -4.11 -7.92 7.36
N LEU A 66 -3.76 -9.14 7.75
CA LEU A 66 -4.64 -9.95 8.60
C LEU A 66 -5.00 -9.20 9.89
N ASP A 67 -3.97 -8.71 10.57
CA ASP A 67 -4.18 -7.97 11.81
C ASP A 67 -3.72 -6.52 11.67
N LYS A 68 -4.12 -5.68 12.62
CA LYS A 68 -3.74 -4.26 12.60
C LYS A 68 -2.31 -4.08 13.08
N ASP A 69 -1.90 -4.89 14.06
CA ASP A 69 -0.56 -4.81 14.61
C ASP A 69 0.49 -5.08 13.53
N SER A 70 0.31 -6.18 12.81
CA SER A 70 1.25 -6.55 11.75
C SER A 70 1.51 -5.38 10.82
N ALA A 71 0.44 -4.69 10.43
CA ALA A 71 0.56 -3.54 9.54
C ALA A 71 1.57 -2.53 10.07
N GLN A 72 1.30 -2.00 11.26
CA GLN A 72 2.19 -1.03 11.89
C GLN A 72 3.65 -1.32 11.53
N ASN A 73 4.12 -2.50 11.89
CA ASN A 73 5.49 -2.90 11.62
C ASN A 73 5.92 -2.43 10.23
N CYS A 74 5.29 -2.98 9.20
CA CYS A 74 5.62 -2.60 7.83
C CYS A 74 5.55 -1.09 7.64
N THR A 75 4.50 -0.48 8.17
CA THR A 75 4.32 0.97 8.06
C THR A 75 5.56 1.71 8.52
N ARG A 76 6.44 1.01 9.24
CA ARG A 76 7.67 1.62 9.74
C ARG A 76 8.88 1.00 9.05
N ALA A 77 8.75 -0.25 8.62
CA ALA A 77 9.84 -0.94 7.94
C ALA A 77 10.10 -0.35 6.56
N ILE A 78 9.04 -0.19 5.78
CA ILE A 78 9.16 0.37 4.44
C ILE A 78 9.15 1.89 4.48
N ASN A 79 8.45 2.44 5.47
CA ASN A 79 8.36 3.89 5.61
C ASN A 79 9.75 4.52 5.75
N ASN A 80 9.98 5.58 4.98
CA ASN A 80 11.27 6.27 5.01
C ASN A 80 12.40 5.34 4.56
N LYS A 81 12.13 4.57 3.52
CA LYS A 81 13.12 3.63 2.98
C LYS A 81 13.03 3.56 1.46
N GLN A 82 14.14 3.17 0.83
CA GLN A 82 14.19 3.06 -0.61
C GLN A 82 14.02 1.60 -1.05
N LEU A 83 12.96 1.35 -1.81
CA LEU A 83 12.68 0.00 -2.30
C LEU A 83 12.56 -0.02 -3.82
N PHE A 84 13.30 -0.93 -4.46
CA PHE A 84 13.27 -1.05 -5.91
C PHE A 84 13.65 0.27 -6.57
N GLY A 85 14.54 1.01 -5.93
CA GLY A 85 14.98 2.29 -6.47
C GLY A 85 13.86 3.31 -6.51
N ARG A 86 13.23 3.55 -5.36
CA ARG A 86 12.14 4.50 -5.27
C ARG A 86 11.69 4.69 -3.82
N VAL A 87 11.89 5.89 -3.30
CA VAL A 87 11.52 6.20 -1.93
C VAL A 87 10.03 5.94 -1.69
N ILE A 88 9.73 4.77 -1.14
CA ILE A 88 8.35 4.39 -0.87
C ILE A 88 7.83 5.08 0.39
N LYS A 89 6.60 5.59 0.31
CA LYS A 89 5.98 6.27 1.44
C LYS A 89 4.81 5.48 1.99
N ALA A 90 4.89 5.12 3.27
CA ALA A 90 3.83 4.35 3.91
C ALA A 90 3.14 5.17 5.00
N SER A 91 1.88 4.87 5.25
CA SER A 91 1.10 5.59 6.26
C SER A 91 -0.20 4.86 6.57
N ILE A 92 -0.53 4.74 7.85
CA ILE A 92 -1.75 4.07 8.27
C ILE A 92 -2.98 4.74 7.67
N ALA A 93 -3.59 4.09 6.70
CA ALA A 93 -4.78 4.61 6.05
C ALA A 93 -5.95 4.69 7.03
N ILE A 94 -6.16 5.88 7.59
CA ILE A 94 -7.25 6.08 8.54
C ILE A 94 -7.94 7.42 8.30
N GLY A 1 -21.40 -3.95 17.62
CA GLY A 1 -21.54 -2.53 17.37
C GLY A 1 -21.14 -2.14 15.96
N SER A 2 -19.87 -2.37 15.64
CA SER A 2 -19.35 -2.03 14.32
C SER A 2 -18.86 -3.28 13.59
N SER A 3 -18.10 -4.12 14.30
CA SER A 3 -17.56 -5.34 13.73
C SER A 3 -18.58 -6.48 13.84
N GLY A 4 -18.68 -7.27 12.78
CA GLY A 4 -19.62 -8.38 12.77
C GLY A 4 -19.00 -9.66 13.29
N SER A 5 -19.84 -10.53 13.86
CA SER A 5 -19.37 -11.80 14.40
C SER A 5 -19.14 -12.82 13.29
N SER A 6 -19.50 -12.46 12.08
CA SER A 6 -19.34 -13.34 10.92
C SER A 6 -19.32 -12.55 9.62
N GLY A 7 -18.36 -12.85 8.76
CA GLY A 7 -18.25 -12.15 7.49
C GLY A 7 -16.97 -11.37 7.36
N MET A 8 -16.13 -11.76 6.40
CA MET A 8 -14.85 -11.09 6.18
C MET A 8 -15.06 -9.75 5.48
N SER A 9 -15.80 -9.78 4.37
CA SER A 9 -16.07 -8.57 3.61
C SER A 9 -16.71 -7.50 4.49
N GLY A 10 -16.20 -6.27 4.39
CA GLY A 10 -16.72 -5.18 5.18
C GLY A 10 -17.44 -4.15 4.35
N GLY A 11 -16.73 -3.08 3.99
CA GLY A 11 -17.32 -2.02 3.19
C GLY A 11 -16.31 -1.34 2.29
N LEU A 12 -16.48 -0.04 2.10
CA LEU A 12 -15.57 0.74 1.25
C LEU A 12 -14.54 1.46 2.10
N ALA A 13 -15.01 2.24 3.07
CA ALA A 13 -14.12 2.99 3.95
C ALA A 13 -12.88 2.16 4.31
N PRO A 14 -11.70 2.79 4.20
CA PRO A 14 -10.43 2.13 4.50
C PRO A 14 -10.26 1.89 6.00
N SER A 15 -9.89 0.66 6.35
CA SER A 15 -9.69 0.29 7.75
C SER A 15 -8.26 0.55 8.18
N LYS A 16 -8.03 0.56 9.49
CA LYS A 16 -6.70 0.79 10.04
C LYS A 16 -5.70 -0.22 9.50
N SER A 17 -6.09 -1.49 9.53
CA SER A 17 -5.23 -2.57 9.06
C SER A 17 -4.53 -2.17 7.76
N THR A 18 -5.31 -1.69 6.80
CA THR A 18 -4.76 -1.27 5.52
C THR A 18 -3.47 -0.49 5.69
N VAL A 19 -2.64 -0.45 4.65
CA VAL A 19 -1.37 0.26 4.69
C VAL A 19 -1.16 1.07 3.42
N TYR A 20 -1.26 2.39 3.54
CA TYR A 20 -1.08 3.28 2.40
C TYR A 20 0.38 3.28 1.94
N VAL A 21 0.62 2.66 0.79
CA VAL A 21 1.98 2.60 0.23
C VAL A 21 2.04 3.26 -1.14
N SER A 22 2.86 4.30 -1.25
CA SER A 22 3.01 5.03 -2.51
C SER A 22 4.41 4.84 -3.07
N ASN A 23 4.63 5.33 -4.29
CA ASN A 23 5.92 5.21 -4.95
C ASN A 23 6.31 3.76 -5.15
N LEU A 24 5.31 2.91 -5.37
CA LEU A 24 5.55 1.49 -5.57
C LEU A 24 5.77 1.17 -7.04
N PRO A 25 6.68 0.22 -7.32
CA PRO A 25 7.00 -0.19 -8.69
C PRO A 25 5.87 -0.96 -9.34
N PHE A 26 4.88 -0.22 -9.84
CA PHE A 26 3.73 -0.83 -10.51
C PHE A 26 4.17 -2.01 -11.38
N SER A 27 5.40 -1.95 -11.87
CA SER A 27 5.94 -3.00 -12.72
C SER A 27 5.56 -4.38 -12.20
N LEU A 28 5.43 -4.49 -10.88
CA LEU A 28 5.07 -5.75 -10.25
C LEU A 28 3.57 -6.01 -10.36
N THR A 29 3.12 -7.13 -9.80
CA THR A 29 1.70 -7.49 -9.85
C THR A 29 1.18 -7.77 -8.45
N ASN A 30 -0.15 -7.70 -8.30
CA ASN A 30 -0.78 -7.95 -7.01
C ASN A 30 -0.08 -9.07 -6.26
N ASN A 31 0.24 -10.15 -6.96
CA ASN A 31 0.93 -11.29 -6.36
C ASN A 31 2.27 -10.87 -5.76
N ASP A 32 3.07 -10.16 -6.55
CA ASP A 32 4.37 -9.69 -6.09
C ASP A 32 4.25 -8.97 -4.75
N LEU A 33 3.43 -7.91 -4.73
CA LEU A 33 3.22 -7.13 -3.52
C LEU A 33 2.81 -8.03 -2.36
N TYR A 34 1.77 -8.82 -2.57
CA TYR A 34 1.28 -9.73 -1.53
C TYR A 34 2.43 -10.36 -0.77
N ARG A 35 3.48 -10.74 -1.49
CA ARG A 35 4.65 -11.35 -0.88
C ARG A 35 5.58 -10.30 -0.29
N ILE A 36 5.83 -9.25 -1.06
CA ILE A 36 6.70 -8.16 -0.61
C ILE A 36 6.22 -7.58 0.71
N PHE A 37 4.92 -7.66 0.96
CA PHE A 37 4.34 -7.16 2.19
C PHE A 37 4.11 -8.28 3.20
N SER A 38 4.31 -9.52 2.74
CA SER A 38 4.12 -10.67 3.60
C SER A 38 5.30 -10.85 4.56
N LYS A 39 6.45 -10.34 4.15
CA LYS A 39 7.65 -10.43 4.98
C LYS A 39 7.44 -9.77 6.33
N TYR A 40 6.40 -8.94 6.42
CA TYR A 40 6.08 -8.26 7.66
C TYR A 40 4.86 -8.88 8.34
N GLY A 41 3.86 -9.22 7.54
CA GLY A 41 2.65 -9.82 8.07
C GLY A 41 1.78 -10.42 6.99
N LYS A 42 1.06 -11.48 7.33
CA LYS A 42 0.18 -12.15 6.37
C LYS A 42 -0.77 -11.15 5.72
N VAL A 43 -0.85 -11.20 4.40
CA VAL A 43 -1.72 -10.30 3.65
C VAL A 43 -3.02 -10.99 3.25
N VAL A 44 -4.12 -10.25 3.26
CA VAL A 44 -5.42 -10.80 2.90
C VAL A 44 -5.85 -10.32 1.51
N LYS A 45 -5.69 -9.02 1.27
CA LYS A 45 -6.06 -8.43 -0.01
C LYS A 45 -5.06 -7.35 -0.42
N VAL A 46 -4.87 -7.20 -1.72
CA VAL A 46 -3.95 -6.20 -2.25
C VAL A 46 -4.67 -5.16 -3.09
N THR A 47 -5.13 -4.09 -2.43
CA THR A 47 -5.85 -3.03 -3.11
C THR A 47 -4.88 -2.08 -3.82
N ILE A 48 -5.27 -1.62 -5.00
CA ILE A 48 -4.44 -0.71 -5.78
C ILE A 48 -5.27 0.40 -6.39
N MET A 49 -4.77 1.63 -6.30
CA MET A 49 -5.47 2.79 -6.84
C MET A 49 -5.31 2.85 -8.36
N LYS A 50 -6.26 3.50 -9.02
CA LYS A 50 -6.22 3.63 -10.47
C LYS A 50 -6.78 4.99 -10.91
N ASP A 51 -6.02 5.69 -11.75
CA ASP A 51 -6.44 7.00 -12.24
C ASP A 51 -7.62 6.87 -13.20
N LYS A 52 -8.07 8.00 -13.73
CA LYS A 52 -9.19 8.01 -14.66
C LYS A 52 -8.69 8.15 -16.10
N ASP A 53 -7.80 9.12 -16.33
CA ASP A 53 -7.25 9.35 -17.65
C ASP A 53 -6.16 8.34 -17.97
N THR A 54 -5.07 8.39 -17.22
CA THR A 54 -3.95 7.46 -17.43
C THR A 54 -4.37 6.02 -17.18
N ARG A 55 -5.27 5.83 -16.21
CA ARG A 55 -5.76 4.50 -15.88
C ARG A 55 -4.61 3.59 -15.47
N LYS A 56 -3.73 4.09 -14.60
CA LYS A 56 -2.59 3.32 -14.13
C LYS A 56 -2.55 3.29 -12.60
N SER A 57 -1.72 2.41 -12.06
CA SER A 57 -1.59 2.28 -10.61
C SER A 57 -0.96 3.53 -10.00
N LYS A 58 0.10 4.01 -10.64
CA LYS A 58 0.80 5.20 -10.16
C LYS A 58 1.50 4.93 -8.83
N GLY A 59 1.81 3.66 -8.58
CA GLY A 59 2.47 3.29 -7.35
C GLY A 59 1.51 3.24 -6.17
N VAL A 60 0.59 4.19 -6.12
CA VAL A 60 -0.39 4.26 -5.03
C VAL A 60 -1.13 2.93 -4.90
N ALA A 61 -0.76 2.16 -3.88
CA ALA A 61 -1.39 0.87 -3.63
C ALA A 61 -1.70 0.69 -2.15
N PHE A 62 -2.89 0.18 -1.86
CA PHE A 62 -3.31 -0.05 -0.48
C PHE A 62 -3.22 -1.52 -0.11
N ILE A 63 -2.33 -1.85 0.82
CA ILE A 63 -2.15 -3.22 1.26
C ILE A 63 -2.96 -3.51 2.51
N LEU A 64 -3.81 -4.54 2.44
CA LEU A 64 -4.64 -4.92 3.57
C LEU A 64 -4.01 -6.07 4.36
N PHE A 65 -3.76 -5.83 5.64
CA PHE A 65 -3.15 -6.85 6.50
C PHE A 65 -4.21 -7.51 7.37
N LEU A 66 -3.93 -8.74 7.79
CA LEU A 66 -4.85 -9.49 8.64
C LEU A 66 -5.05 -8.80 9.98
N ASP A 67 -3.94 -8.51 10.67
CA ASP A 67 -3.99 -7.85 11.96
C ASP A 67 -3.35 -6.47 11.88
N LYS A 68 -3.82 -5.56 12.73
CA LYS A 68 -3.29 -4.20 12.76
C LYS A 68 -1.83 -4.19 13.21
N ASP A 69 -1.55 -4.91 14.29
CA ASP A 69 -0.19 -5.00 14.81
C ASP A 69 0.80 -5.38 13.71
N SER A 70 0.37 -6.28 12.84
CA SER A 70 1.22 -6.74 11.75
C SER A 70 1.47 -5.63 10.74
N ALA A 71 0.42 -4.84 10.46
CA ALA A 71 0.53 -3.75 9.52
C ALA A 71 1.51 -2.68 10.02
N GLN A 72 1.18 -2.06 11.15
CA GLN A 72 2.02 -1.03 11.73
C GLN A 72 3.50 -1.35 11.51
N ASN A 73 3.86 -2.60 11.71
CA ASN A 73 5.25 -3.04 11.54
C ASN A 73 5.77 -2.63 10.17
N CYS A 74 5.13 -3.15 9.12
CA CYS A 74 5.54 -2.84 7.75
C CYS A 74 5.47 -1.34 7.49
N THR A 75 4.41 -0.71 7.97
CA THR A 75 4.22 0.73 7.79
C THR A 75 5.35 1.52 8.42
N ARG A 76 6.18 0.82 9.20
CA ARG A 76 7.31 1.45 9.87
C ARG A 76 8.64 0.96 9.31
N ALA A 77 8.62 -0.26 8.76
CA ALA A 77 9.82 -0.85 8.18
C ALA A 77 10.19 -0.19 6.87
N ILE A 78 9.26 -0.24 5.90
CA ILE A 78 9.49 0.37 4.60
C ILE A 78 9.39 1.89 4.67
N ASN A 79 8.53 2.38 5.55
CA ASN A 79 8.34 3.82 5.71
C ASN A 79 9.69 4.54 5.71
N ASN A 80 9.80 5.56 4.86
CA ASN A 80 11.04 6.33 4.75
C ASN A 80 12.22 5.44 4.34
N LYS A 81 11.99 4.62 3.33
CA LYS A 81 13.02 3.72 2.82
C LYS A 81 13.01 3.67 1.30
N GLN A 82 14.17 3.37 0.72
CA GLN A 82 14.30 3.29 -0.73
C GLN A 82 14.17 1.85 -1.21
N LEU A 83 13.22 1.62 -2.11
CA LEU A 83 12.98 0.29 -2.66
C LEU A 83 12.88 0.33 -4.18
N PHE A 84 13.42 -0.70 -4.82
CA PHE A 84 13.39 -0.78 -6.28
C PHE A 84 13.82 0.54 -6.91
N GLY A 85 14.61 1.30 -6.17
CA GLY A 85 15.08 2.59 -6.66
C GLY A 85 13.99 3.64 -6.71
N ARG A 86 13.21 3.71 -5.63
CA ARG A 86 12.12 4.67 -5.55
C ARG A 86 11.63 4.81 -4.12
N VAL A 87 11.91 5.97 -3.51
CA VAL A 87 11.49 6.23 -2.13
C VAL A 87 10.02 5.89 -1.93
N ILE A 88 9.76 4.88 -1.11
CA ILE A 88 8.39 4.45 -0.83
C ILE A 88 7.88 5.06 0.47
N LYS A 89 6.68 5.60 0.44
CA LYS A 89 6.07 6.20 1.62
C LYS A 89 4.99 5.30 2.21
N ALA A 90 5.05 5.07 3.51
CA ALA A 90 4.07 4.23 4.19
C ALA A 90 3.30 5.02 5.23
N SER A 91 1.98 4.80 5.27
CA SER A 91 1.12 5.51 6.22
C SER A 91 -0.20 4.77 6.40
N ILE A 92 -0.56 4.51 7.65
CA ILE A 92 -1.79 3.82 7.97
C ILE A 92 -2.99 4.48 7.30
N ALA A 93 -3.63 3.75 6.39
CA ALA A 93 -4.79 4.26 5.68
C ALA A 93 -6.08 3.99 6.45
N ILE A 94 -6.70 5.07 6.95
CA ILE A 94 -7.94 4.95 7.71
C ILE A 94 -9.06 5.75 7.06
N GLY A 1 8.96 16.94 1.69
CA GLY A 1 7.55 17.26 1.52
C GLY A 1 6.68 16.61 2.59
N SER A 2 5.37 16.62 2.36
CA SER A 2 4.43 16.04 3.32
C SER A 2 3.25 15.40 2.59
N SER A 3 2.75 14.30 3.14
CA SER A 3 1.62 13.59 2.55
C SER A 3 0.39 14.48 2.48
N GLY A 4 -0.41 14.30 1.43
CA GLY A 4 -1.61 15.09 1.28
C GLY A 4 -2.83 14.46 1.92
N SER A 5 -3.68 15.28 2.52
CA SER A 5 -4.88 14.78 3.18
C SER A 5 -6.07 14.79 2.22
N SER A 6 -5.83 14.34 0.99
CA SER A 6 -6.88 14.30 -0.02
C SER A 6 -8.17 13.72 0.56
N GLY A 7 -8.06 12.56 1.20
CA GLY A 7 -9.22 11.92 1.78
C GLY A 7 -10.20 11.43 0.74
N MET A 8 -11.40 11.07 1.18
CA MET A 8 -12.44 10.58 0.28
C MET A 8 -13.76 10.43 1.00
N SER A 9 -14.85 10.48 0.24
CA SER A 9 -16.19 10.35 0.82
C SER A 9 -16.76 8.95 0.56
N GLY A 10 -16.87 8.59 -0.71
CA GLY A 10 -17.40 7.29 -1.06
C GLY A 10 -16.31 6.33 -1.52
N GLY A 11 -16.70 5.35 -2.32
CA GLY A 11 -15.74 4.37 -2.82
C GLY A 11 -15.21 3.47 -1.72
N LEU A 12 -14.12 2.77 -2.00
CA LEU A 12 -13.52 1.87 -1.03
C LEU A 12 -13.24 2.59 0.29
N ALA A 13 -13.49 1.91 1.40
CA ALA A 13 -13.25 2.49 2.71
C ALA A 13 -12.02 1.89 3.37
N PRO A 14 -11.06 2.75 3.72
CA PRO A 14 -9.80 2.34 4.36
C PRO A 14 -10.02 1.83 5.79
N SER A 15 -8.94 1.34 6.41
CA SER A 15 -9.02 0.84 7.77
C SER A 15 -7.65 0.85 8.43
N LYS A 16 -7.64 0.88 9.76
CA LYS A 16 -6.38 0.90 10.51
C LYS A 16 -5.45 -0.20 10.04
N SER A 17 -6.03 -1.30 9.56
CA SER A 17 -5.25 -2.43 9.09
C SER A 17 -4.52 -2.08 7.78
N THR A 18 -5.29 -1.61 6.81
CA THR A 18 -4.73 -1.24 5.51
C THR A 18 -3.47 -0.41 5.67
N VAL A 19 -2.62 -0.43 4.65
CA VAL A 19 -1.37 0.33 4.69
C VAL A 19 -1.17 1.12 3.40
N TYR A 20 -1.16 2.44 3.52
CA TYR A 20 -0.98 3.31 2.36
C TYR A 20 0.47 3.30 1.89
N VAL A 21 0.73 2.57 0.81
CA VAL A 21 2.08 2.48 0.26
C VAL A 21 2.13 3.04 -1.15
N SER A 22 2.86 4.14 -1.32
CA SER A 22 2.98 4.79 -2.62
C SER A 22 4.40 4.62 -3.17
N ASN A 23 4.64 5.20 -4.34
CA ASN A 23 5.95 5.13 -4.97
C ASN A 23 6.36 3.69 -5.20
N LEU A 24 5.37 2.81 -5.35
CA LEU A 24 5.62 1.40 -5.57
C LEU A 24 5.81 1.11 -7.07
N PRO A 25 6.70 0.16 -7.37
CA PRO A 25 7.00 -0.22 -8.76
C PRO A 25 5.84 -0.97 -9.41
N PHE A 26 4.89 -0.21 -9.94
CA PHE A 26 3.73 -0.80 -10.60
C PHE A 26 4.14 -1.99 -11.47
N SER A 27 5.37 -1.96 -11.96
CA SER A 27 5.89 -3.03 -12.80
C SER A 27 5.48 -4.39 -12.26
N LEU A 28 5.36 -4.49 -10.94
CA LEU A 28 4.97 -5.74 -10.30
C LEU A 28 3.47 -5.96 -10.38
N THR A 29 3.01 -7.11 -9.90
CA THR A 29 1.59 -7.44 -9.93
C THR A 29 1.06 -7.71 -8.52
N ASN A 30 -0.25 -7.72 -8.38
CA ASN A 30 -0.88 -7.99 -7.08
C ASN A 30 -0.14 -9.09 -6.33
N ASN A 31 0.09 -10.21 -7.01
CA ASN A 31 0.79 -11.33 -6.40
C ASN A 31 2.12 -10.89 -5.81
N ASP A 32 2.90 -10.17 -6.61
CA ASP A 32 4.20 -9.69 -6.16
C ASP A 32 4.09 -8.95 -4.83
N LEU A 33 3.37 -7.83 -4.84
CA LEU A 33 3.18 -7.02 -3.63
C LEU A 33 2.82 -7.91 -2.45
N TYR A 34 1.81 -8.75 -2.64
CA TYR A 34 1.37 -9.65 -1.58
C TYR A 34 2.56 -10.26 -0.83
N ARG A 35 3.46 -10.88 -1.58
CA ARG A 35 4.64 -11.50 -0.99
C ARG A 35 5.58 -10.44 -0.43
N ILE A 36 5.84 -9.40 -1.22
CA ILE A 36 6.73 -8.32 -0.82
C ILE A 36 6.34 -7.79 0.57
N PHE A 37 5.05 -7.72 0.83
CA PHE A 37 4.55 -7.24 2.11
C PHE A 37 4.32 -8.40 3.08
N SER A 38 4.45 -9.62 2.57
CA SER A 38 4.25 -10.81 3.39
C SER A 38 5.45 -11.07 4.29
N LYS A 39 6.52 -10.30 4.07
CA LYS A 39 7.72 -10.43 4.87
C LYS A 39 7.55 -9.81 6.25
N TYR A 40 6.59 -8.89 6.35
CA TYR A 40 6.32 -8.22 7.62
C TYR A 40 5.10 -8.82 8.30
N GLY A 41 4.05 -9.04 7.52
CA GLY A 41 2.82 -9.62 8.07
C GLY A 41 2.00 -10.32 7.01
N LYS A 42 1.10 -11.19 7.45
CA LYS A 42 0.24 -11.93 6.54
C LYS A 42 -0.73 -11.00 5.82
N VAL A 43 -0.82 -11.14 4.50
CA VAL A 43 -1.70 -10.31 3.70
C VAL A 43 -2.99 -11.05 3.35
N VAL A 44 -4.12 -10.36 3.50
CA VAL A 44 -5.41 -10.95 3.20
C VAL A 44 -5.94 -10.45 1.86
N LYS A 45 -5.67 -9.20 1.54
CA LYS A 45 -6.11 -8.61 0.28
C LYS A 45 -5.14 -7.52 -0.18
N VAL A 46 -5.05 -7.35 -1.50
CA VAL A 46 -4.15 -6.35 -2.08
C VAL A 46 -4.94 -5.33 -2.89
N THR A 47 -5.05 -4.10 -2.36
CA THR A 47 -5.76 -3.04 -3.04
C THR A 47 -4.81 -2.10 -3.76
N ILE A 48 -5.22 -1.61 -4.93
CA ILE A 48 -4.40 -0.69 -5.70
C ILE A 48 -5.22 0.47 -6.24
N MET A 49 -4.65 1.66 -6.21
CA MET A 49 -5.34 2.85 -6.70
C MET A 49 -5.09 3.05 -8.19
N LYS A 50 -5.78 4.03 -8.78
CA LYS A 50 -5.64 4.31 -10.19
C LYS A 50 -5.95 5.78 -10.49
N ASP A 51 -5.34 6.30 -11.54
CA ASP A 51 -5.55 7.69 -11.94
C ASP A 51 -6.87 7.85 -12.69
N LYS A 52 -7.35 9.09 -12.78
CA LYS A 52 -8.59 9.37 -13.47
C LYS A 52 -8.35 9.61 -14.97
N ASP A 53 -7.08 9.68 -15.34
CA ASP A 53 -6.71 9.91 -16.73
C ASP A 53 -5.92 8.72 -17.28
N THR A 54 -4.66 8.61 -16.86
CA THR A 54 -3.80 7.52 -17.31
C THR A 54 -4.34 6.16 -16.85
N ARG A 55 -5.10 6.17 -15.77
CA ARG A 55 -5.67 4.94 -15.23
C ARG A 55 -4.58 3.92 -14.91
N LYS A 56 -3.51 4.38 -14.27
CA LYS A 56 -2.40 3.52 -13.91
C LYS A 56 -2.20 3.49 -12.40
N SER A 57 -1.75 2.35 -11.87
CA SER A 57 -1.52 2.21 -10.45
C SER A 57 -0.93 3.49 -9.85
N LYS A 58 -0.04 4.12 -10.61
CA LYS A 58 0.59 5.35 -10.16
C LYS A 58 1.39 5.13 -8.88
N GLY A 59 1.82 3.89 -8.67
CA GLY A 59 2.59 3.56 -7.48
C GLY A 59 1.73 3.42 -6.24
N VAL A 60 0.72 4.29 -6.13
CA VAL A 60 -0.17 4.27 -4.99
C VAL A 60 -0.88 2.92 -4.87
N ALA A 61 -0.56 2.18 -3.82
CA ALA A 61 -1.17 0.87 -3.60
C ALA A 61 -1.51 0.67 -2.12
N PHE A 62 -2.69 0.12 -1.87
CA PHE A 62 -3.13 -0.12 -0.50
C PHE A 62 -3.04 -1.60 -0.15
N ILE A 63 -2.31 -1.91 0.92
CA ILE A 63 -2.14 -3.30 1.35
C ILE A 63 -2.93 -3.57 2.64
N LEU A 64 -3.63 -4.70 2.66
CA LEU A 64 -4.43 -5.07 3.82
C LEU A 64 -3.81 -6.28 4.53
N PHE A 65 -3.68 -6.17 5.85
CA PHE A 65 -3.11 -7.25 6.65
C PHE A 65 -4.16 -7.87 7.56
N LEU A 66 -4.00 -9.16 7.84
CA LEU A 66 -4.95 -9.88 8.70
C LEU A 66 -5.22 -9.09 9.97
N ASP A 67 -4.16 -8.56 10.58
CA ASP A 67 -4.30 -7.79 11.81
C ASP A 67 -3.52 -6.48 11.71
N LYS A 68 -4.11 -5.41 12.22
CA LYS A 68 -3.47 -4.10 12.20
C LYS A 68 -2.10 -4.15 12.85
N ASP A 69 -1.97 -4.95 13.90
CA ASP A 69 -0.71 -5.09 14.62
C ASP A 69 0.44 -5.37 13.65
N SER A 70 0.16 -6.15 12.62
CA SER A 70 1.16 -6.50 11.62
C SER A 70 1.37 -5.35 10.64
N ALA A 71 0.29 -4.65 10.32
CA ALA A 71 0.36 -3.53 9.39
C ALA A 71 1.32 -2.46 9.89
N GLN A 72 1.10 -2.00 11.12
CA GLN A 72 1.95 -0.97 11.71
C GLN A 72 3.41 -1.27 11.47
N ASN A 73 3.84 -2.48 11.83
CA ASN A 73 5.23 -2.90 11.64
C ASN A 73 5.73 -2.54 10.25
N CYS A 74 5.08 -3.10 9.23
CA CYS A 74 5.47 -2.84 7.85
C CYS A 74 5.46 -1.34 7.56
N THR A 75 4.45 -0.65 8.06
CA THR A 75 4.34 0.79 7.86
C THR A 75 5.52 1.53 8.46
N ARG A 76 6.33 0.81 9.24
CA ARG A 76 7.49 1.39 9.89
C ARG A 76 8.78 0.80 9.32
N ALA A 77 8.68 -0.40 8.77
CA ALA A 77 9.84 -1.08 8.20
C ALA A 77 10.24 -0.46 6.87
N ILE A 78 9.24 -0.21 6.02
CA ILE A 78 9.49 0.39 4.71
C ILE A 78 9.47 1.90 4.78
N ASN A 79 8.54 2.43 5.57
CA ASN A 79 8.40 3.88 5.73
C ASN A 79 9.77 4.56 5.71
N ASN A 80 9.90 5.62 4.92
CA ASN A 80 11.15 6.35 4.81
C ASN A 80 12.28 5.43 4.37
N LYS A 81 12.03 4.64 3.33
CA LYS A 81 13.03 3.72 2.81
C LYS A 81 13.05 3.73 1.29
N GLN A 82 14.20 3.43 0.71
CA GLN A 82 14.34 3.41 -0.74
C GLN A 82 14.27 1.99 -1.28
N LEU A 83 13.17 1.67 -1.96
CA LEU A 83 12.98 0.35 -2.52
C LEU A 83 12.84 0.40 -4.05
N PHE A 84 13.38 -0.61 -4.72
CA PHE A 84 13.32 -0.67 -6.18
C PHE A 84 13.70 0.67 -6.79
N GLY A 85 14.57 1.41 -6.10
CA GLY A 85 15.01 2.71 -6.59
C GLY A 85 13.88 3.72 -6.65
N ARG A 86 13.14 3.84 -5.55
CA ARG A 86 12.02 4.77 -5.50
C ARG A 86 11.52 4.92 -4.06
N VAL A 87 11.83 6.05 -3.44
CA VAL A 87 11.42 6.33 -2.07
C VAL A 87 9.96 5.95 -1.86
N ILE A 88 9.74 4.87 -1.11
CA ILE A 88 8.37 4.41 -0.83
C ILE A 88 7.86 4.99 0.47
N LYS A 89 6.65 5.55 0.43
CA LYS A 89 6.03 6.13 1.60
C LYS A 89 4.97 5.21 2.18
N ALA A 90 5.00 5.02 3.50
CA ALA A 90 4.03 4.17 4.17
C ALA A 90 3.27 4.94 5.24
N SER A 91 1.95 4.84 5.21
CA SER A 91 1.10 5.53 6.17
C SER A 91 -0.21 4.78 6.38
N ILE A 92 -0.63 4.68 7.65
CA ILE A 92 -1.87 3.99 7.98
C ILE A 92 -3.08 4.74 7.44
N ALA A 93 -3.68 4.20 6.38
CA ALA A 93 -4.85 4.81 5.76
C ALA A 93 -6.08 4.66 6.66
N ILE A 94 -6.51 5.77 7.26
CA ILE A 94 -7.67 5.76 8.13
C ILE A 94 -8.73 6.75 7.65
N GLY A 1 14.04 15.05 1.00
CA GLY A 1 13.67 14.94 2.40
C GLY A 1 12.28 14.36 2.60
N SER A 2 11.33 15.22 2.98
CA SER A 2 9.96 14.79 3.21
C SER A 2 8.97 15.75 2.57
N SER A 3 7.97 15.20 1.88
CA SER A 3 6.95 16.01 1.22
C SER A 3 5.56 15.55 1.60
N GLY A 4 5.03 16.12 2.69
CA GLY A 4 3.71 15.76 3.15
C GLY A 4 2.66 16.78 2.76
N SER A 5 2.57 17.06 1.47
CA SER A 5 1.60 18.04 0.96
C SER A 5 0.52 17.34 0.15
N SER A 6 0.04 16.21 0.65
CA SER A 6 -1.00 15.45 -0.03
C SER A 6 -2.08 16.38 -0.59
N GLY A 7 -2.42 16.18 -1.85
CA GLY A 7 -3.44 17.01 -2.47
C GLY A 7 -4.66 16.21 -2.88
N MET A 8 -4.58 15.53 -4.01
CA MET A 8 -5.70 14.73 -4.51
C MET A 8 -5.79 13.42 -3.75
N SER A 9 -6.99 13.11 -3.24
CA SER A 9 -7.21 11.89 -2.48
C SER A 9 -8.67 11.43 -2.61
N GLY A 10 -8.85 10.12 -2.76
CA GLY A 10 -10.19 9.57 -2.90
C GLY A 10 -10.19 8.07 -3.05
N GLY A 11 -9.70 7.37 -2.03
CA GLY A 11 -9.65 5.92 -2.07
C GLY A 11 -10.97 5.29 -1.69
N LEU A 12 -10.92 4.04 -1.22
CA LEU A 12 -12.12 3.33 -0.82
C LEU A 12 -11.79 2.20 0.15
N ALA A 13 -12.79 1.73 0.88
CA ALA A 13 -12.61 0.66 1.85
C ALA A 13 -11.49 0.99 2.83
N PRO A 14 -11.58 2.17 3.45
CA PRO A 14 -10.59 2.63 4.42
C PRO A 14 -10.63 1.83 5.73
N SER A 15 -9.61 1.01 5.94
CA SER A 15 -9.53 0.18 7.14
C SER A 15 -8.19 0.37 7.84
N LYS A 16 -8.19 0.19 9.16
CA LYS A 16 -6.98 0.34 9.95
C LYS A 16 -5.88 -0.59 9.45
N SER A 17 -6.21 -1.86 9.32
CA SER A 17 -5.25 -2.85 8.83
C SER A 17 -4.59 -2.39 7.54
N THR A 18 -5.41 -1.92 6.61
CA THR A 18 -4.91 -1.44 5.32
C THR A 18 -3.77 -0.44 5.50
N VAL A 19 -2.71 -0.63 4.73
CA VAL A 19 -1.55 0.26 4.82
C VAL A 19 -1.37 1.04 3.51
N TYR A 20 -1.43 2.36 3.61
CA TYR A 20 -1.28 3.22 2.44
C TYR A 20 0.18 3.28 1.99
N VAL A 21 0.50 2.53 0.95
CA VAL A 21 1.85 2.50 0.42
C VAL A 21 1.94 3.19 -0.93
N SER A 22 2.87 4.14 -1.05
CA SER A 22 3.05 4.87 -2.29
C SER A 22 4.45 4.66 -2.86
N ASN A 23 4.65 5.11 -4.09
CA ASN A 23 5.95 4.96 -4.75
C ASN A 23 6.30 3.49 -4.95
N LEU A 24 5.29 2.69 -5.27
CA LEU A 24 5.48 1.26 -5.49
C LEU A 24 5.74 0.97 -6.97
N PRO A 25 6.64 0.01 -7.23
CA PRO A 25 7.00 -0.39 -8.60
C PRO A 25 5.86 -1.12 -9.31
N PHE A 26 4.90 -0.35 -9.82
CA PHE A 26 3.75 -0.92 -10.52
C PHE A 26 4.19 -2.09 -11.40
N SER A 27 5.42 -2.02 -11.91
CA SER A 27 5.95 -3.07 -12.77
C SER A 27 5.53 -4.45 -12.27
N LEU A 28 5.56 -4.62 -10.95
CA LEU A 28 5.19 -5.89 -10.33
C LEU A 28 3.69 -6.14 -10.48
N THR A 29 3.22 -7.25 -9.91
CA THR A 29 1.81 -7.60 -9.96
C THR A 29 1.27 -7.94 -8.57
N ASN A 30 -0.05 -7.86 -8.43
CA ASN A 30 -0.69 -8.16 -7.15
C ASN A 30 0.06 -9.25 -6.40
N ASN A 31 0.32 -10.35 -7.10
CA ASN A 31 1.03 -11.48 -6.51
C ASN A 31 2.33 -11.02 -5.84
N ASP A 32 3.09 -10.20 -6.56
CA ASP A 32 4.35 -9.68 -6.04
C ASP A 32 4.14 -8.96 -4.71
N LEU A 33 3.49 -7.80 -4.78
CA LEU A 33 3.23 -7.01 -3.59
C LEU A 33 2.78 -7.90 -2.43
N TYR A 34 1.80 -8.76 -2.70
CA TYR A 34 1.28 -9.67 -1.68
C TYR A 34 2.41 -10.21 -0.80
N ARG A 35 3.43 -10.78 -1.45
CA ARG A 35 4.56 -11.33 -0.73
C ARG A 35 5.46 -10.23 -0.17
N ILE A 36 5.85 -9.30 -1.04
CA ILE A 36 6.70 -8.19 -0.65
C ILE A 36 6.28 -7.64 0.71
N PHE A 37 4.98 -7.60 0.95
CA PHE A 37 4.45 -7.10 2.21
C PHE A 37 4.26 -8.23 3.22
N SER A 38 4.12 -9.45 2.71
CA SER A 38 3.92 -10.62 3.56
C SER A 38 5.10 -10.81 4.51
N LYS A 39 6.30 -10.49 4.02
CA LYS A 39 7.51 -10.61 4.83
C LYS A 39 7.31 -10.01 6.21
N TYR A 40 6.36 -9.09 6.31
CA TYR A 40 6.07 -8.43 7.59
C TYR A 40 4.84 -9.05 8.25
N GLY A 41 3.70 -8.97 7.57
CA GLY A 41 2.48 -9.53 8.10
C GLY A 41 1.63 -10.23 7.05
N LYS A 42 0.94 -11.29 7.44
CA LYS A 42 0.10 -12.03 6.52
C LYS A 42 -0.85 -11.11 5.77
N VAL A 43 -0.84 -11.22 4.45
CA VAL A 43 -1.71 -10.39 3.61
C VAL A 43 -2.95 -11.16 3.17
N VAL A 44 -4.09 -10.48 3.18
CA VAL A 44 -5.35 -11.11 2.78
C VAL A 44 -5.81 -10.59 1.42
N LYS A 45 -5.69 -9.27 1.23
CA LYS A 45 -6.09 -8.64 -0.02
C LYS A 45 -5.12 -7.54 -0.42
N VAL A 46 -4.88 -7.42 -1.72
CA VAL A 46 -3.96 -6.41 -2.24
C VAL A 46 -4.69 -5.39 -3.10
N THR A 47 -4.93 -4.21 -2.54
CA THR A 47 -5.62 -3.15 -3.27
C THR A 47 -4.64 -2.18 -3.90
N ILE A 48 -4.98 -1.68 -5.09
CA ILE A 48 -4.12 -0.74 -5.80
C ILE A 48 -4.93 0.46 -6.30
N MET A 49 -4.34 1.65 -6.17
CA MET A 49 -5.00 2.88 -6.60
C MET A 49 -4.69 3.15 -8.07
N LYS A 50 -5.68 3.65 -8.81
CA LYS A 50 -5.51 3.97 -10.21
C LYS A 50 -6.12 5.32 -10.54
N ASP A 51 -5.50 6.03 -11.48
CA ASP A 51 -6.00 7.34 -11.90
C ASP A 51 -7.09 7.21 -12.95
N LYS A 52 -7.72 8.33 -13.27
CA LYS A 52 -8.79 8.34 -14.27
C LYS A 52 -8.28 8.82 -15.62
N ASP A 53 -7.46 9.87 -15.59
CA ASP A 53 -6.90 10.43 -16.81
C ASP A 53 -5.76 9.55 -17.33
N THR A 54 -4.74 9.36 -16.50
CA THR A 54 -3.58 8.55 -16.88
C THR A 54 -3.92 7.07 -16.85
N ARG A 55 -4.88 6.70 -15.99
CA ARG A 55 -5.30 5.31 -15.86
C ARG A 55 -4.11 4.41 -15.50
N LYS A 56 -3.33 4.87 -14.53
CA LYS A 56 -2.17 4.11 -14.08
C LYS A 56 -2.16 3.96 -12.56
N SER A 57 -1.33 3.05 -12.07
CA SER A 57 -1.23 2.82 -10.63
C SER A 57 -0.57 3.99 -9.92
N LYS A 58 0.46 4.54 -10.54
CA LYS A 58 1.18 5.68 -9.97
C LYS A 58 1.84 5.30 -8.65
N GLY A 59 2.11 4.01 -8.47
CA GLY A 59 2.73 3.55 -7.25
C GLY A 59 1.76 3.45 -6.09
N VAL A 60 0.84 4.42 -6.02
CA VAL A 60 -0.15 4.44 -4.96
C VAL A 60 -0.92 3.13 -4.89
N ALA A 61 -0.70 2.38 -3.81
CA ALA A 61 -1.37 1.09 -3.62
C ALA A 61 -1.72 0.87 -2.15
N PHE A 62 -2.81 0.16 -1.91
CA PHE A 62 -3.26 -0.13 -0.55
C PHE A 62 -3.09 -1.60 -0.22
N ILE A 63 -2.33 -1.89 0.84
CA ILE A 63 -2.09 -3.26 1.26
C ILE A 63 -3.00 -3.65 2.43
N LEU A 64 -3.84 -4.64 2.20
CA LEU A 64 -4.76 -5.11 3.24
C LEU A 64 -4.11 -6.17 4.10
N PHE A 65 -3.96 -5.89 5.39
CA PHE A 65 -3.36 -6.84 6.32
C PHE A 65 -4.42 -7.54 7.15
N LEU A 66 -4.03 -8.63 7.80
CA LEU A 66 -4.96 -9.39 8.63
C LEU A 66 -5.03 -8.81 10.04
N ASP A 67 -3.88 -8.41 10.57
CA ASP A 67 -3.82 -7.84 11.91
C ASP A 67 -3.17 -6.46 11.87
N LYS A 68 -3.85 -5.48 12.47
CA LYS A 68 -3.35 -4.11 12.51
C LYS A 68 -1.94 -4.06 13.07
N ASP A 69 -1.73 -4.74 14.19
CA ASP A 69 -0.43 -4.77 14.84
C ASP A 69 0.66 -5.09 13.82
N SER A 70 0.35 -5.96 12.87
CA SER A 70 1.30 -6.35 11.84
C SER A 70 1.55 -5.21 10.86
N ALA A 71 0.47 -4.61 10.37
CA ALA A 71 0.57 -3.50 9.43
C ALA A 71 1.50 -2.42 9.95
N GLN A 72 1.30 -2.01 11.19
CA GLN A 72 2.13 -0.98 11.81
C GLN A 72 3.60 -1.28 11.62
N ASN A 73 4.00 -2.51 11.92
CA ASN A 73 5.38 -2.94 11.79
C ASN A 73 5.91 -2.61 10.39
N CYS A 74 5.14 -2.96 9.37
CA CYS A 74 5.52 -2.71 7.99
C CYS A 74 5.53 -1.22 7.69
N THR A 75 4.53 -0.51 8.20
CA THR A 75 4.42 0.92 7.98
C THR A 75 5.66 1.65 8.46
N ARG A 76 6.51 0.94 9.20
CA ARG A 76 7.75 1.52 9.72
C ARG A 76 8.97 0.85 9.08
N ALA A 77 8.80 -0.39 8.65
CA ALA A 77 9.88 -1.13 8.03
C ALA A 77 10.20 -0.58 6.64
N ILE A 78 9.15 -0.34 5.86
CA ILE A 78 9.32 0.18 4.51
C ILE A 78 9.36 1.71 4.52
N ASN A 79 8.71 2.30 5.52
CA ASN A 79 8.67 3.76 5.64
C ASN A 79 10.08 4.34 5.65
N ASN A 80 10.21 5.52 5.04
CA ASN A 80 11.52 6.19 4.97
C ASN A 80 12.58 5.26 4.40
N LYS A 81 12.19 4.45 3.42
CA LYS A 81 13.11 3.52 2.78
C LYS A 81 12.76 3.33 1.31
N GLN A 82 13.70 3.66 0.43
CA GLN A 82 13.49 3.53 -1.01
C GLN A 82 13.60 2.07 -1.43
N LEU A 83 12.75 1.67 -2.37
CA LEU A 83 12.75 0.30 -2.87
C LEU A 83 12.61 0.27 -4.38
N PHE A 84 13.51 -0.47 -5.03
CA PHE A 84 13.48 -0.58 -6.50
C PHE A 84 13.71 0.79 -7.15
N GLY A 85 14.48 1.63 -6.47
CA GLY A 85 14.76 2.95 -7.00
C GLY A 85 13.57 3.89 -6.90
N ARG A 86 13.04 4.04 -5.69
CA ARG A 86 11.88 4.91 -5.47
C ARG A 86 11.55 4.99 -3.98
N VAL A 87 11.64 6.19 -3.43
CA VAL A 87 11.35 6.40 -2.01
C VAL A 87 9.92 5.99 -1.68
N ILE A 88 9.77 4.82 -1.08
CA ILE A 88 8.46 4.31 -0.70
C ILE A 88 8.00 4.90 0.62
N LYS A 89 6.79 5.46 0.61
CA LYS A 89 6.22 6.08 1.81
C LYS A 89 5.09 5.21 2.37
N ALA A 90 5.09 5.03 3.69
CA ALA A 90 4.07 4.24 4.36
C ALA A 90 3.29 5.08 5.36
N SER A 91 1.97 4.96 5.34
CA SER A 91 1.11 5.70 6.25
C SER A 91 -0.21 4.98 6.46
N ILE A 92 -0.60 4.83 7.73
CA ILE A 92 -1.85 4.16 8.06
C ILE A 92 -3.03 4.79 7.33
N ALA A 93 -3.97 3.95 6.90
CA ALA A 93 -5.15 4.43 6.20
C ALA A 93 -6.42 4.16 7.00
N ILE A 94 -6.84 5.15 7.77
CA ILE A 94 -8.05 5.02 8.59
C ILE A 94 -9.07 6.10 8.24
N GLY A 1 -7.07 25.38 4.13
CA GLY A 1 -6.29 24.26 3.62
C GLY A 1 -4.84 24.63 3.37
N SER A 2 -4.10 23.72 2.76
CA SER A 2 -2.69 23.95 2.46
C SER A 2 -2.47 24.15 0.98
N SER A 3 -1.24 24.49 0.60
CA SER A 3 -0.90 24.71 -0.80
C SER A 3 -1.49 23.62 -1.69
N GLY A 4 -2.60 23.94 -2.35
CA GLY A 4 -3.24 22.97 -3.22
C GLY A 4 -3.64 21.71 -2.49
N SER A 5 -3.99 20.68 -3.25
CA SER A 5 -4.40 19.41 -2.67
C SER A 5 -4.14 18.25 -3.63
N SER A 6 -4.31 17.03 -3.14
CA SER A 6 -4.10 15.84 -3.96
C SER A 6 -5.37 15.47 -4.72
N GLY A 7 -6.44 15.20 -3.98
CA GLY A 7 -7.69 14.83 -4.60
C GLY A 7 -8.88 14.98 -3.65
N MET A 8 -9.97 15.53 -4.17
CA MET A 8 -11.18 15.73 -3.37
C MET A 8 -11.71 14.39 -2.83
N SER A 9 -11.89 13.44 -3.74
CA SER A 9 -12.39 12.12 -3.37
C SER A 9 -11.67 11.02 -4.14
N GLY A 10 -11.53 9.86 -3.50
CA GLY A 10 -10.86 8.74 -4.14
C GLY A 10 -10.16 7.84 -3.14
N GLY A 11 -10.68 6.62 -2.98
CA GLY A 11 -10.09 5.68 -2.04
C GLY A 11 -11.13 5.00 -1.17
N LEU A 12 -11.13 3.68 -1.19
CA LEU A 12 -12.07 2.90 -0.40
C LEU A 12 -11.34 1.89 0.49
N ALA A 13 -11.99 1.49 1.59
CA ALA A 13 -11.42 0.53 2.51
C ALA A 13 -10.31 1.18 3.35
N PRO A 14 -10.64 2.29 4.01
CA PRO A 14 -9.69 3.02 4.85
C PRO A 14 -9.33 2.26 6.12
N SER A 15 -9.88 1.05 6.26
CA SER A 15 -9.62 0.22 7.42
C SER A 15 -8.18 0.40 7.90
N LYS A 16 -8.01 0.52 9.22
CA LYS A 16 -6.68 0.70 9.81
C LYS A 16 -5.70 -0.33 9.25
N SER A 17 -6.03 -1.61 9.41
CA SER A 17 -5.18 -2.69 8.93
C SER A 17 -4.47 -2.28 7.63
N THR A 18 -5.26 -1.87 6.64
CA THR A 18 -4.70 -1.46 5.35
C THR A 18 -3.50 -0.54 5.54
N VAL A 19 -2.51 -0.69 4.66
CA VAL A 19 -1.31 0.13 4.72
C VAL A 19 -1.18 1.02 3.50
N TYR A 20 -1.20 2.33 3.71
CA TYR A 20 -1.08 3.29 2.62
C TYR A 20 0.35 3.35 2.11
N VAL A 21 0.61 2.65 1.01
CA VAL A 21 1.94 2.63 0.41
C VAL A 21 1.94 3.32 -0.95
N SER A 22 2.88 4.25 -1.13
CA SER A 22 2.99 4.98 -2.39
C SER A 22 4.37 4.80 -3.01
N ASN A 23 4.52 5.23 -4.26
CA ASN A 23 5.79 5.13 -4.96
C ASN A 23 6.18 3.67 -5.15
N LEU A 24 5.19 2.82 -5.34
CA LEU A 24 5.43 1.40 -5.54
C LEU A 24 5.71 1.09 -7.01
N PRO A 25 6.62 0.13 -7.26
CA PRO A 25 6.99 -0.28 -8.62
C PRO A 25 5.85 -1.02 -9.33
N PHE A 26 4.89 -0.27 -9.84
CA PHE A 26 3.77 -0.86 -10.55
C PHE A 26 4.20 -2.08 -11.36
N SER A 27 5.43 -2.03 -11.87
CA SER A 27 5.96 -3.12 -12.67
C SER A 27 5.51 -4.47 -12.13
N LEU A 28 5.56 -4.63 -10.81
CA LEU A 28 5.15 -5.87 -10.16
C LEU A 28 3.66 -6.11 -10.36
N THR A 29 3.14 -7.16 -9.71
CA THR A 29 1.73 -7.50 -9.82
C THR A 29 1.15 -7.82 -8.44
N ASN A 30 -0.17 -7.75 -8.34
CA ASN A 30 -0.86 -8.02 -7.09
C ASN A 30 -0.13 -9.13 -6.30
N ASN A 31 0.10 -10.25 -6.97
CA ASN A 31 0.79 -11.38 -6.35
C ASN A 31 2.07 -10.93 -5.66
N ASP A 32 2.92 -10.24 -6.41
CA ASP A 32 4.18 -9.74 -5.88
C ASP A 32 3.97 -9.03 -4.55
N LEU A 33 3.29 -7.89 -4.59
CA LEU A 33 3.01 -7.11 -3.39
C LEU A 33 2.62 -8.02 -2.23
N TYR A 34 1.65 -8.89 -2.46
CA TYR A 34 1.18 -9.81 -1.44
C TYR A 34 2.35 -10.41 -0.67
N ARG A 35 3.32 -10.95 -1.40
CA ARG A 35 4.49 -11.56 -0.78
C ARG A 35 5.43 -10.48 -0.23
N ILE A 36 5.76 -9.52 -1.09
CA ILE A 36 6.66 -8.43 -0.69
C ILE A 36 6.30 -7.91 0.70
N PHE A 37 5.00 -7.75 0.97
CA PHE A 37 4.53 -7.27 2.25
C PHE A 37 4.40 -8.42 3.25
N SER A 38 4.40 -9.64 2.74
CA SER A 38 4.27 -10.82 3.59
C SER A 38 5.42 -10.90 4.59
N LYS A 39 6.62 -10.52 4.13
CA LYS A 39 7.79 -10.54 4.98
C LYS A 39 7.50 -9.91 6.34
N TYR A 40 6.47 -9.09 6.39
CA TYR A 40 6.08 -8.41 7.63
C TYR A 40 4.89 -9.12 8.28
N GLY A 41 3.78 -9.16 7.57
CA GLY A 41 2.58 -9.80 8.10
C GLY A 41 1.76 -10.47 7.00
N LYS A 42 0.97 -11.45 7.39
CA LYS A 42 0.12 -12.18 6.44
C LYS A 42 -0.84 -11.23 5.74
N VAL A 43 -0.90 -11.31 4.42
CA VAL A 43 -1.78 -10.46 3.63
C VAL A 43 -3.04 -11.21 3.23
N VAL A 44 -4.18 -10.52 3.26
CA VAL A 44 -5.45 -11.12 2.89
C VAL A 44 -5.88 -10.70 1.49
N LYS A 45 -5.80 -9.40 1.22
CA LYS A 45 -6.17 -8.86 -0.09
C LYS A 45 -5.31 -7.66 -0.45
N VAL A 46 -5.05 -7.50 -1.74
CA VAL A 46 -4.24 -6.38 -2.23
C VAL A 46 -5.12 -5.29 -2.84
N THR A 47 -4.63 -4.06 -2.82
CA THR A 47 -5.36 -2.93 -3.38
C THR A 47 -4.42 -1.95 -4.07
N ILE A 48 -4.83 -1.45 -5.23
CA ILE A 48 -4.03 -0.50 -5.97
C ILE A 48 -4.87 0.66 -6.48
N MET A 49 -4.32 1.87 -6.43
CA MET A 49 -5.01 3.06 -6.89
C MET A 49 -4.93 3.19 -8.41
N LYS A 50 -5.76 4.08 -8.96
CA LYS A 50 -5.77 4.30 -10.40
C LYS A 50 -6.29 5.70 -10.73
N ASP A 51 -5.72 6.31 -11.76
CA ASP A 51 -6.12 7.66 -12.17
C ASP A 51 -7.26 7.59 -13.19
N LYS A 52 -7.79 8.75 -13.54
CA LYS A 52 -8.88 8.83 -14.51
C LYS A 52 -8.36 9.17 -15.90
N ASP A 53 -7.42 10.10 -15.95
CA ASP A 53 -6.82 10.52 -17.22
C ASP A 53 -5.77 9.53 -17.69
N THR A 54 -4.71 9.38 -16.88
CA THR A 54 -3.63 8.47 -17.21
C THR A 54 -4.04 7.03 -16.99
N ARG A 55 -4.98 6.82 -16.06
CA ARG A 55 -5.46 5.47 -15.77
C ARG A 55 -4.31 4.56 -15.36
N LYS A 56 -3.37 5.10 -14.58
CA LYS A 56 -2.21 4.33 -14.12
C LYS A 56 -2.19 4.25 -12.60
N SER A 57 -1.48 3.26 -12.08
CA SER A 57 -1.38 3.06 -10.64
C SER A 57 -0.67 4.23 -9.97
N LYS A 58 0.39 4.72 -10.62
CA LYS A 58 1.17 5.84 -10.10
C LYS A 58 1.86 5.46 -8.79
N GLY A 59 2.11 4.16 -8.62
CA GLY A 59 2.77 3.69 -7.42
C GLY A 59 1.84 3.62 -6.23
N VAL A 60 0.95 4.60 -6.11
CA VAL A 60 -0.01 4.65 -5.02
C VAL A 60 -0.82 3.35 -4.94
N ALA A 61 -0.70 2.64 -3.83
CA ALA A 61 -1.43 1.39 -3.63
C ALA A 61 -1.68 1.13 -2.16
N PHE A 62 -2.66 0.27 -1.88
CA PHE A 62 -3.00 -0.06 -0.49
C PHE A 62 -2.91 -1.56 -0.26
N ILE A 63 -2.30 -1.95 0.85
CA ILE A 63 -2.15 -3.36 1.19
C ILE A 63 -2.98 -3.72 2.42
N LEU A 64 -3.84 -4.72 2.27
CA LEU A 64 -4.70 -5.16 3.37
C LEU A 64 -4.01 -6.25 4.18
N PHE A 65 -3.90 -6.04 5.48
CA PHE A 65 -3.27 -7.00 6.38
C PHE A 65 -4.30 -7.68 7.26
N LEU A 66 -3.97 -8.88 7.73
CA LEU A 66 -4.87 -9.64 8.59
C LEU A 66 -5.10 -8.92 9.92
N ASP A 67 -4.00 -8.58 10.59
CA ASP A 67 -4.07 -7.88 11.86
C ASP A 67 -3.34 -6.54 11.80
N LYS A 68 -4.02 -5.48 12.19
CA LYS A 68 -3.43 -4.13 12.17
C LYS A 68 -2.04 -4.15 12.79
N ASP A 69 -1.92 -4.79 13.95
CA ASP A 69 -0.64 -4.89 14.64
C ASP A 69 0.50 -5.14 13.66
N SER A 70 0.35 -6.18 12.86
CA SER A 70 1.36 -6.55 11.87
C SER A 70 1.60 -5.39 10.89
N ALA A 71 0.52 -4.78 10.43
CA ALA A 71 0.60 -3.67 9.50
C ALA A 71 1.58 -2.61 9.98
N GLN A 72 1.38 -2.14 11.21
CA GLN A 72 2.25 -1.13 11.80
C GLN A 72 3.70 -1.38 11.43
N ASN A 73 4.22 -2.53 11.87
CA ASN A 73 5.61 -2.90 11.59
C ASN A 73 6.02 -2.44 10.20
N CYS A 74 5.32 -2.95 9.19
CA CYS A 74 5.61 -2.59 7.80
C CYS A 74 5.55 -1.08 7.59
N THR A 75 4.50 -0.46 8.12
CA THR A 75 4.31 0.98 7.99
C THR A 75 5.55 1.73 8.48
N ARG A 76 6.41 1.03 9.20
CA ARG A 76 7.64 1.64 9.73
C ARG A 76 8.87 1.03 9.06
N ALA A 77 8.72 -0.18 8.55
CA ALA A 77 9.82 -0.87 7.89
C ALA A 77 10.11 -0.26 6.52
N ILE A 78 9.05 -0.08 5.72
CA ILE A 78 9.19 0.50 4.39
C ILE A 78 9.17 2.02 4.45
N ASN A 79 8.39 2.57 5.37
CA ASN A 79 8.28 4.02 5.53
C ASN A 79 9.66 4.66 5.58
N ASN A 80 9.83 5.73 4.82
CA ASN A 80 11.11 6.45 4.78
C ASN A 80 12.24 5.51 4.34
N LYS A 81 11.95 4.67 3.35
CA LYS A 81 12.94 3.73 2.84
C LYS A 81 12.88 3.65 1.32
N GLN A 82 14.03 3.42 0.70
CA GLN A 82 14.11 3.32 -0.75
C GLN A 82 13.99 1.87 -1.21
N LEU A 83 12.95 1.60 -2.00
CA LEU A 83 12.72 0.25 -2.51
C LEU A 83 12.56 0.26 -4.02
N PHE A 84 13.32 -0.61 -4.70
CA PHE A 84 13.26 -0.70 -6.15
C PHE A 84 13.60 0.64 -6.80
N GLY A 85 14.56 1.35 -6.22
CA GLY A 85 14.97 2.64 -6.74
C GLY A 85 13.82 3.62 -6.81
N ARG A 86 13.15 3.82 -5.68
CA ARG A 86 12.03 4.73 -5.60
C ARG A 86 11.53 4.89 -4.16
N VAL A 87 11.76 6.06 -3.58
CA VAL A 87 11.35 6.33 -2.21
C VAL A 87 9.87 5.97 -2.00
N ILE A 88 9.64 4.98 -1.14
CA ILE A 88 8.29 4.54 -0.85
C ILE A 88 7.76 5.16 0.45
N LYS A 89 6.53 5.66 0.41
CA LYS A 89 5.92 6.28 1.59
C LYS A 89 4.87 5.36 2.20
N ALA A 90 4.98 5.13 3.49
CA ALA A 90 4.04 4.27 4.20
C ALA A 90 3.32 5.03 5.30
N SER A 91 2.01 4.82 5.42
CA SER A 91 1.21 5.49 6.44
C SER A 91 -0.10 4.76 6.67
N ILE A 92 -0.43 4.53 7.94
CA ILE A 92 -1.67 3.83 8.29
C ILE A 92 -2.89 4.58 7.75
N ALA A 93 -3.52 3.99 6.73
CA ALA A 93 -4.70 4.59 6.12
C ALA A 93 -5.92 4.45 7.03
N ILE A 94 -6.53 5.57 7.37
CA ILE A 94 -7.71 5.58 8.23
C ILE A 94 -8.66 6.72 7.87
N GLY A 1 4.91 20.81 5.10
CA GLY A 1 4.81 20.17 3.80
C GLY A 1 3.42 20.30 3.21
N SER A 2 3.35 20.25 1.88
CA SER A 2 2.08 20.36 1.17
C SER A 2 1.33 19.03 1.19
N SER A 3 0.50 18.84 2.21
CA SER A 3 -0.27 17.61 2.33
C SER A 3 -1.37 17.54 1.28
N GLY A 4 -2.20 18.57 1.23
CA GLY A 4 -3.28 18.61 0.26
C GLY A 4 -4.18 17.39 0.34
N SER A 5 -5.36 17.56 0.93
CA SER A 5 -6.30 16.46 1.07
C SER A 5 -7.47 16.62 0.11
N SER A 6 -8.17 15.52 -0.16
CA SER A 6 -9.32 15.55 -1.07
C SER A 6 -10.59 15.15 -0.35
N GLY A 7 -10.57 13.97 0.28
CA GLY A 7 -11.75 13.50 1.00
C GLY A 7 -11.77 11.99 1.13
N MET A 8 -12.81 11.47 1.79
CA MET A 8 -12.95 10.03 1.99
C MET A 8 -13.09 9.32 0.64
N SER A 9 -12.73 8.03 0.63
CA SER A 9 -12.82 7.23 -0.60
C SER A 9 -14.06 6.34 -0.58
N GLY A 10 -15.20 6.91 -0.95
CA GLY A 10 -16.43 6.14 -0.96
C GLY A 10 -16.22 4.70 -1.39
N GLY A 11 -16.62 3.77 -0.54
CA GLY A 11 -16.46 2.36 -0.86
C GLY A 11 -16.23 1.51 0.38
N LEU A 12 -15.28 0.57 0.28
CA LEU A 12 -14.97 -0.30 1.39
C LEU A 12 -14.43 0.48 2.58
N ALA A 13 -15.08 0.34 3.74
CA ALA A 13 -14.67 1.04 4.94
C ALA A 13 -13.24 0.67 5.33
N PRO A 14 -12.32 1.62 5.17
CA PRO A 14 -10.90 1.43 5.50
C PRO A 14 -10.67 1.31 6.99
N SER A 15 -9.52 0.74 7.37
CA SER A 15 -9.17 0.56 8.78
C SER A 15 -7.66 0.64 8.97
N LYS A 16 -7.23 0.46 10.21
CA LYS A 16 -5.81 0.51 10.54
C LYS A 16 -5.04 -0.58 9.79
N SER A 17 -5.62 -1.77 9.71
CA SER A 17 -4.99 -2.88 9.03
C SER A 17 -4.43 -2.45 7.67
N THR A 18 -5.25 -1.72 6.92
CA THR A 18 -4.84 -1.25 5.60
C THR A 18 -3.61 -0.36 5.70
N VAL A 19 -2.63 -0.61 4.83
CA VAL A 19 -1.40 0.17 4.80
C VAL A 19 -1.30 1.02 3.54
N TYR A 20 -1.11 2.32 3.73
CA TYR A 20 -1.00 3.24 2.61
C TYR A 20 0.43 3.29 2.07
N VAL A 21 0.67 2.57 0.99
CA VAL A 21 2.00 2.53 0.37
C VAL A 21 1.99 3.16 -1.02
N SER A 22 2.87 4.13 -1.23
CA SER A 22 2.95 4.81 -2.52
C SER A 22 4.35 4.67 -3.11
N ASN A 23 4.53 5.22 -4.31
CA ASN A 23 5.81 5.14 -5.00
C ASN A 23 6.23 3.70 -5.22
N LEU A 24 5.25 2.81 -5.33
CA LEU A 24 5.52 1.39 -5.54
C LEU A 24 5.77 1.10 -7.01
N PRO A 25 6.68 0.17 -7.29
CA PRO A 25 7.03 -0.22 -8.66
C PRO A 25 5.89 -0.99 -9.35
N PHE A 26 4.95 -0.26 -9.92
CA PHE A 26 3.81 -0.87 -10.61
C PHE A 26 4.27 -2.05 -11.46
N SER A 27 5.52 -1.98 -11.92
CA SER A 27 6.07 -3.04 -12.77
C SER A 27 5.68 -4.42 -12.23
N LEU A 28 5.52 -4.50 -10.91
CA LEU A 28 5.15 -5.77 -10.28
C LEU A 28 3.65 -6.03 -10.40
N THR A 29 3.20 -7.12 -9.82
CA THR A 29 1.79 -7.48 -9.85
C THR A 29 1.25 -7.76 -8.46
N ASN A 30 -0.08 -7.72 -8.31
CA ASN A 30 -0.71 -7.96 -7.03
C ASN A 30 0.02 -9.05 -6.26
N ASN A 31 0.29 -10.18 -6.93
CA ASN A 31 0.99 -11.29 -6.31
C ASN A 31 2.29 -10.84 -5.67
N ASP A 32 3.12 -10.17 -6.47
CA ASP A 32 4.41 -9.68 -5.98
C ASP A 32 4.24 -8.91 -4.67
N LEU A 33 3.46 -7.83 -4.73
CA LEU A 33 3.22 -7.00 -3.54
C LEU A 33 2.81 -7.86 -2.36
N TYR A 34 1.82 -8.74 -2.58
CA TYR A 34 1.33 -9.61 -1.52
C TYR A 34 2.49 -10.19 -0.70
N ARG A 35 3.40 -10.88 -1.38
CA ARG A 35 4.55 -11.47 -0.73
C ARG A 35 5.50 -10.40 -0.19
N ILE A 36 5.82 -9.43 -1.04
CA ILE A 36 6.72 -8.34 -0.65
C ILE A 36 6.30 -7.74 0.68
N PHE A 37 5.00 -7.74 0.95
CA PHE A 37 4.48 -7.20 2.20
C PHE A 37 4.20 -8.32 3.20
N SER A 38 4.23 -9.56 2.72
CA SER A 38 3.99 -10.71 3.56
C SER A 38 5.14 -10.93 4.55
N LYS A 39 6.31 -10.44 4.18
CA LYS A 39 7.49 -10.57 5.03
C LYS A 39 7.26 -9.93 6.40
N TYR A 40 6.31 -9.00 6.46
CA TYR A 40 5.99 -8.31 7.70
C TYR A 40 4.75 -8.91 8.35
N GLY A 41 3.68 -9.04 7.57
CA GLY A 41 2.45 -9.59 8.08
C GLY A 41 1.62 -10.27 7.01
N LYS A 42 0.88 -11.30 7.39
CA LYS A 42 0.04 -12.04 6.46
C LYS A 42 -0.91 -11.09 5.72
N VAL A 43 -0.93 -11.19 4.39
CA VAL A 43 -1.80 -10.35 3.58
C VAL A 43 -3.05 -11.10 3.15
N VAL A 44 -4.19 -10.41 3.20
CA VAL A 44 -5.46 -11.01 2.82
C VAL A 44 -5.90 -10.54 1.44
N LYS A 45 -5.72 -9.25 1.18
CA LYS A 45 -6.10 -8.66 -0.10
C LYS A 45 -5.15 -7.55 -0.48
N VAL A 46 -4.94 -7.37 -1.79
CA VAL A 46 -4.05 -6.33 -2.29
C VAL A 46 -4.81 -5.30 -3.11
N THR A 47 -4.92 -4.09 -2.58
CA THR A 47 -5.64 -3.02 -3.26
C THR A 47 -4.66 -2.05 -3.93
N ILE A 48 -5.04 -1.55 -5.09
CA ILE A 48 -4.20 -0.61 -5.84
C ILE A 48 -5.02 0.56 -6.36
N MET A 49 -4.43 1.76 -6.30
CA MET A 49 -5.10 2.96 -6.76
C MET A 49 -5.02 3.08 -8.28
N LYS A 50 -5.98 3.80 -8.86
CA LYS A 50 -6.02 4.00 -10.31
C LYS A 50 -6.70 5.31 -10.66
N ASP A 51 -5.95 6.21 -11.29
CA ASP A 51 -6.48 7.50 -11.69
C ASP A 51 -7.69 7.34 -12.61
N LYS A 52 -8.23 8.46 -13.08
CA LYS A 52 -9.39 8.44 -13.96
C LYS A 52 -9.00 8.85 -15.38
N ASP A 53 -7.80 9.40 -15.51
CA ASP A 53 -7.30 9.84 -16.82
C ASP A 53 -6.27 8.85 -17.37
N THR A 54 -5.07 8.89 -16.80
CA THR A 54 -4.00 8.00 -17.23
C THR A 54 -4.34 6.55 -16.96
N ARG A 55 -5.21 6.33 -15.99
CA ARG A 55 -5.63 4.97 -15.64
C ARG A 55 -4.43 4.13 -15.21
N LYS A 56 -3.48 4.77 -14.55
CA LYS A 56 -2.28 4.08 -14.08
C LYS A 56 -2.26 3.98 -12.56
N SER A 57 -1.48 3.04 -12.05
CA SER A 57 -1.37 2.83 -10.60
C SER A 57 -0.68 4.01 -9.93
N LYS A 58 0.30 4.59 -10.63
CA LYS A 58 1.04 5.73 -10.10
C LYS A 58 1.76 5.36 -8.81
N GLY A 59 2.04 4.07 -8.64
CA GLY A 59 2.71 3.61 -7.44
C GLY A 59 1.78 3.50 -6.25
N VAL A 60 0.86 4.44 -6.13
CA VAL A 60 -0.09 4.45 -5.04
C VAL A 60 -0.86 3.14 -4.96
N ALA A 61 -0.64 2.39 -3.88
CA ALA A 61 -1.30 1.11 -3.68
C ALA A 61 -1.61 0.87 -2.21
N PHE A 62 -2.74 0.23 -1.95
CA PHE A 62 -3.15 -0.05 -0.57
C PHE A 62 -3.03 -1.55 -0.28
N ILE A 63 -2.32 -1.87 0.80
CA ILE A 63 -2.14 -3.26 1.20
C ILE A 63 -2.97 -3.60 2.43
N LEU A 64 -3.86 -4.58 2.29
CA LEU A 64 -4.72 -5.00 3.39
C LEU A 64 -4.05 -6.10 4.21
N PHE A 65 -3.90 -5.86 5.51
CA PHE A 65 -3.28 -6.83 6.39
C PHE A 65 -4.33 -7.53 7.26
N LEU A 66 -3.99 -8.71 7.76
CA LEU A 66 -4.90 -9.48 8.60
C LEU A 66 -5.06 -8.82 9.97
N ASP A 67 -3.94 -8.56 10.63
CA ASP A 67 -3.96 -7.93 11.94
C ASP A 67 -3.29 -6.55 11.90
N LYS A 68 -3.95 -5.56 12.49
CA LYS A 68 -3.42 -4.20 12.53
C LYS A 68 -2.01 -4.17 13.09
N ASP A 69 -1.79 -4.92 14.18
CA ASP A 69 -0.48 -4.98 14.80
C ASP A 69 0.61 -5.22 13.77
N SER A 70 0.33 -6.08 12.79
CA SER A 70 1.29 -6.39 11.74
C SER A 70 1.50 -5.21 10.82
N ALA A 71 0.39 -4.60 10.39
CA ALA A 71 0.46 -3.44 9.50
C ALA A 71 1.42 -2.39 10.04
N GLN A 72 1.24 -2.01 11.29
CA GLN A 72 2.09 -1.00 11.92
C GLN A 72 3.56 -1.28 11.61
N ASN A 73 4.08 -2.39 12.13
CA ASN A 73 5.47 -2.76 11.91
C ASN A 73 5.89 -2.47 10.48
N CYS A 74 5.16 -3.04 9.53
CA CYS A 74 5.46 -2.84 8.11
C CYS A 74 5.45 -1.37 7.75
N THR A 75 4.50 -0.63 8.34
CA THR A 75 4.37 0.80 8.08
C THR A 75 5.56 1.56 8.65
N ARG A 76 6.45 0.86 9.32
CA ARG A 76 7.64 1.47 9.92
C ARG A 76 8.91 0.89 9.32
N ALA A 77 8.81 -0.34 8.81
CA ALA A 77 9.96 -1.02 8.21
C ALA A 77 10.25 -0.48 6.81
N ILE A 78 9.19 -0.27 6.04
CA ILE A 78 9.33 0.24 4.68
C ILE A 78 9.18 1.75 4.64
N ASN A 79 8.44 2.29 5.61
CA ASN A 79 8.21 3.73 5.70
C ASN A 79 9.54 4.49 5.67
N ASN A 80 9.67 5.39 4.69
CA ASN A 80 10.89 6.18 4.56
C ASN A 80 12.07 5.31 4.17
N LYS A 81 11.91 4.56 3.08
CA LYS A 81 12.97 3.67 2.60
C LYS A 81 12.94 3.56 1.07
N GLN A 82 14.10 3.72 0.46
CA GLN A 82 14.21 3.63 -0.99
C GLN A 82 14.16 2.18 -1.46
N LEU A 83 13.09 1.83 -2.18
CA LEU A 83 12.91 0.48 -2.69
C LEU A 83 12.74 0.48 -4.20
N PHE A 84 13.31 -0.52 -4.85
CA PHE A 84 13.23 -0.64 -6.30
C PHE A 84 13.61 0.68 -6.98
N GLY A 85 14.42 1.48 -6.29
CA GLY A 85 14.85 2.76 -6.84
C GLY A 85 13.73 3.78 -6.86
N ARG A 86 12.98 3.86 -5.76
CA ARG A 86 11.87 4.80 -5.66
C ARG A 86 11.40 4.92 -4.21
N VAL A 87 11.70 6.05 -3.58
CA VAL A 87 11.30 6.28 -2.20
C VAL A 87 9.84 5.93 -1.98
N ILE A 88 9.61 4.84 -1.27
CA ILE A 88 8.25 4.39 -0.99
C ILE A 88 7.74 4.98 0.32
N LYS A 89 6.55 5.58 0.26
CA LYS A 89 5.94 6.19 1.44
C LYS A 89 4.90 5.26 2.06
N ALA A 90 5.11 4.91 3.32
CA ALA A 90 4.20 4.03 4.04
C ALA A 90 3.55 4.74 5.21
N SER A 91 2.24 4.57 5.36
CA SER A 91 1.50 5.21 6.44
C SER A 91 0.11 4.58 6.59
N ILE A 92 -0.29 4.36 7.84
CA ILE A 92 -1.59 3.76 8.12
C ILE A 92 -2.69 4.45 7.33
N ALA A 93 -3.62 3.64 6.82
CA ALA A 93 -4.74 4.18 6.04
C ALA A 93 -6.07 3.81 6.68
N ILE A 94 -6.30 4.30 7.88
CA ILE A 94 -7.54 4.02 8.61
C ILE A 94 -8.75 4.21 7.69
N GLY A 1 1.63 11.82 16.08
CA GLY A 1 1.90 12.53 14.85
C GLY A 1 1.20 13.88 14.78
N SER A 2 0.53 14.14 13.66
CA SER A 2 -0.18 15.39 13.47
C SER A 2 -1.67 15.14 13.21
N SER A 3 -2.44 16.22 13.19
CA SER A 3 -3.88 16.12 12.96
C SER A 3 -4.23 16.46 11.51
N GLY A 4 -4.38 15.43 10.69
CA GLY A 4 -4.70 15.64 9.29
C GLY A 4 -6.20 15.57 9.02
N SER A 5 -6.72 16.60 8.36
CA SER A 5 -8.15 16.66 8.05
C SER A 5 -8.58 15.42 7.27
N SER A 6 -9.88 15.35 6.96
CA SER A 6 -10.42 14.22 6.22
C SER A 6 -10.85 14.64 4.81
N GLY A 7 -10.07 14.25 3.82
CA GLY A 7 -10.39 14.60 2.44
C GLY A 7 -10.37 13.40 1.52
N MET A 8 -9.38 12.53 1.70
CA MET A 8 -9.25 11.33 0.87
C MET A 8 -9.28 10.08 1.73
N SER A 9 -10.31 9.26 1.54
CA SER A 9 -10.45 8.02 2.30
C SER A 9 -9.67 6.88 1.64
N GLY A 10 -9.84 6.74 0.33
CA GLY A 10 -9.15 5.70 -0.40
C GLY A 10 -10.08 4.59 -0.84
N GLY A 11 -9.60 3.36 -0.75
CA GLY A 11 -10.41 2.22 -1.16
C GLY A 11 -11.62 2.02 -0.26
N LEU A 12 -11.95 0.76 0.00
CA LEU A 12 -13.10 0.43 0.85
C LEU A 12 -12.64 -0.22 2.15
N ALA A 13 -13.37 0.03 3.23
CA ALA A 13 -13.04 -0.54 4.53
C ALA A 13 -11.68 -0.04 5.02
N PRO A 14 -11.51 1.29 5.01
CA PRO A 14 -10.26 1.93 5.45
C PRO A 14 -10.05 1.81 6.95
N SER A 15 -8.92 1.23 7.35
CA SER A 15 -8.60 1.06 8.76
C SER A 15 -7.13 0.76 8.95
N LYS A 16 -6.70 0.68 10.21
CA LYS A 16 -5.31 0.40 10.53
C LYS A 16 -4.77 -0.75 9.69
N SER A 17 -5.45 -1.89 9.73
CA SER A 17 -5.04 -3.06 8.98
C SER A 17 -4.43 -2.65 7.63
N THR A 18 -5.21 -1.91 6.84
CA THR A 18 -4.74 -1.46 5.53
C THR A 18 -3.52 -0.56 5.67
N VAL A 19 -2.52 -0.77 4.82
CA VAL A 19 -1.30 0.03 4.84
C VAL A 19 -1.19 0.89 3.59
N TYR A 20 -1.16 2.20 3.79
CA TYR A 20 -1.05 3.14 2.67
C TYR A 20 0.37 3.18 2.13
N VAL A 21 0.58 2.53 0.99
CA VAL A 21 1.90 2.49 0.36
C VAL A 21 1.89 3.25 -0.96
N SER A 22 2.92 4.07 -1.16
CA SER A 22 3.04 4.86 -2.39
C SER A 22 4.42 4.70 -3.00
N ASN A 23 4.56 5.14 -4.24
CA ASN A 23 5.84 5.05 -4.95
C ASN A 23 6.25 3.60 -5.15
N LEU A 24 5.27 2.74 -5.42
CA LEU A 24 5.53 1.32 -5.64
C LEU A 24 5.74 1.02 -7.12
N PRO A 25 6.65 0.09 -7.41
CA PRO A 25 6.97 -0.31 -8.79
C PRO A 25 5.83 -1.09 -9.44
N PHE A 26 4.84 -0.35 -9.94
CA PHE A 26 3.69 -0.96 -10.59
C PHE A 26 4.12 -2.14 -11.45
N SER A 27 5.33 -2.07 -11.99
CA SER A 27 5.86 -3.12 -12.85
C SER A 27 5.46 -4.49 -12.31
N LEU A 28 5.47 -4.63 -10.98
CA LEU A 28 5.11 -5.90 -10.34
C LEU A 28 3.64 -6.20 -10.53
N THR A 29 3.17 -7.29 -9.90
CA THR A 29 1.78 -7.68 -10.00
C THR A 29 1.19 -7.95 -8.62
N ASN A 30 -0.14 -7.91 -8.53
CA ASN A 30 -0.83 -8.14 -7.26
C ASN A 30 -0.08 -9.18 -6.43
N ASN A 31 0.21 -10.31 -7.05
CA ASN A 31 0.91 -11.39 -6.35
C ASN A 31 2.19 -10.87 -5.70
N ASP A 32 3.02 -10.21 -6.49
CA ASP A 32 4.28 -9.65 -5.99
C ASP A 32 4.08 -8.94 -4.66
N LEU A 33 3.38 -7.81 -4.70
CA LEU A 33 3.11 -7.03 -3.50
C LEU A 33 2.74 -7.95 -2.33
N TYR A 34 1.67 -8.72 -2.51
CA TYR A 34 1.21 -9.64 -1.47
C TYR A 34 2.38 -10.20 -0.69
N ARG A 35 3.36 -10.75 -1.41
CA ARG A 35 4.54 -11.34 -0.78
C ARG A 35 5.46 -10.23 -0.22
N ILE A 36 5.86 -9.32 -1.10
CA ILE A 36 6.73 -8.23 -0.70
C ILE A 36 6.31 -7.65 0.65
N PHE A 37 5.03 -7.75 0.96
CA PHE A 37 4.50 -7.24 2.22
C PHE A 37 4.35 -8.36 3.23
N SER A 38 4.20 -9.59 2.74
CA SER A 38 4.04 -10.75 3.61
C SER A 38 5.19 -10.83 4.61
N LYS A 39 6.40 -10.55 4.14
CA LYS A 39 7.58 -10.60 4.99
C LYS A 39 7.32 -9.94 6.33
N TYR A 40 6.36 -9.01 6.35
CA TYR A 40 6.01 -8.29 7.57
C TYR A 40 4.76 -8.88 8.20
N GLY A 41 3.64 -8.80 7.47
CA GLY A 41 2.38 -9.33 7.97
C GLY A 41 1.59 -10.05 6.90
N LYS A 42 0.91 -11.12 7.29
CA LYS A 42 0.11 -11.90 6.35
C LYS A 42 -0.87 -11.01 5.61
N VAL A 43 -0.93 -11.16 4.28
CA VAL A 43 -1.83 -10.37 3.46
C VAL A 43 -3.08 -11.17 3.10
N VAL A 44 -4.23 -10.51 3.16
CA VAL A 44 -5.50 -11.16 2.83
C VAL A 44 -6.03 -10.68 1.49
N LYS A 45 -5.99 -9.37 1.27
CA LYS A 45 -6.46 -8.77 0.02
C LYS A 45 -5.58 -7.59 -0.38
N VAL A 46 -5.22 -7.56 -1.67
CA VAL A 46 -4.38 -6.48 -2.19
C VAL A 46 -5.22 -5.40 -2.85
N THR A 47 -4.75 -4.16 -2.78
CA THR A 47 -5.46 -3.04 -3.38
C THR A 47 -4.50 -2.09 -4.08
N ILE A 48 -4.93 -1.57 -5.23
CA ILE A 48 -4.10 -0.64 -5.99
C ILE A 48 -4.93 0.52 -6.54
N MET A 49 -4.38 1.72 -6.45
CA MET A 49 -5.07 2.91 -6.94
C MET A 49 -5.01 3.00 -8.46
N LYS A 50 -5.76 3.94 -9.02
CA LYS A 50 -5.78 4.12 -10.47
C LYS A 50 -6.37 5.48 -10.84
N ASP A 51 -5.54 6.34 -11.43
CA ASP A 51 -5.98 7.68 -11.82
C ASP A 51 -7.23 7.61 -12.69
N LYS A 52 -7.79 8.77 -13.01
CA LYS A 52 -8.99 8.84 -13.83
C LYS A 52 -8.63 9.05 -15.30
N ASP A 53 -7.98 10.17 -15.59
CA ASP A 53 -7.57 10.51 -16.94
C ASP A 53 -6.57 9.49 -17.48
N THR A 54 -5.37 9.49 -16.92
CA THR A 54 -4.32 8.57 -17.34
C THR A 54 -4.71 7.13 -17.04
N ARG A 55 -5.34 6.92 -15.90
CA ARG A 55 -5.77 5.59 -15.50
C ARG A 55 -4.57 4.71 -15.15
N LYS A 56 -3.64 5.27 -14.38
CA LYS A 56 -2.44 4.55 -13.98
C LYS A 56 -2.37 4.44 -12.46
N SER A 57 -1.74 3.37 -11.98
CA SER A 57 -1.60 3.13 -10.55
C SER A 57 -0.77 4.23 -9.90
N LYS A 58 0.27 4.67 -10.61
CA LYS A 58 1.15 5.72 -10.10
C LYS A 58 1.87 5.26 -8.84
N GLY A 59 2.02 3.94 -8.69
CA GLY A 59 2.68 3.40 -7.52
C GLY A 59 1.79 3.34 -6.31
N VAL A 60 0.93 4.36 -6.16
CA VAL A 60 0.01 4.42 -5.03
C VAL A 60 -0.84 3.16 -4.94
N ALA A 61 -0.67 2.41 -3.86
CA ALA A 61 -1.42 1.17 -3.66
C ALA A 61 -1.70 0.95 -2.18
N PHE A 62 -2.71 0.13 -1.89
CA PHE A 62 -3.09 -0.18 -0.51
C PHE A 62 -3.02 -1.68 -0.24
N ILE A 63 -2.41 -2.05 0.87
CA ILE A 63 -2.28 -3.45 1.24
C ILE A 63 -3.10 -3.77 2.48
N LEU A 64 -3.99 -4.75 2.36
CA LEU A 64 -4.83 -5.16 3.48
C LEU A 64 -4.19 -6.29 4.26
N PHE A 65 -3.95 -6.06 5.54
CA PHE A 65 -3.34 -7.06 6.41
C PHE A 65 -4.39 -7.72 7.31
N LEU A 66 -4.09 -8.92 7.77
CA LEU A 66 -5.00 -9.66 8.64
C LEU A 66 -5.14 -8.96 10.00
N ASP A 67 -4.00 -8.55 10.56
CA ASP A 67 -4.00 -7.88 11.84
C ASP A 67 -3.42 -6.47 11.72
N LYS A 68 -4.00 -5.53 12.45
CA LYS A 68 -3.54 -4.14 12.43
C LYS A 68 -2.12 -4.03 12.94
N ASP A 69 -1.84 -4.70 14.06
CA ASP A 69 -0.51 -4.67 14.66
C ASP A 69 0.57 -4.95 13.61
N SER A 70 0.39 -6.06 12.90
CA SER A 70 1.36 -6.46 11.87
C SER A 70 1.64 -5.29 10.93
N ALA A 71 0.57 -4.66 10.43
CA ALA A 71 0.70 -3.54 9.52
C ALA A 71 1.70 -2.51 10.04
N GLN A 72 1.40 -1.95 11.21
CA GLN A 72 2.27 -0.95 11.82
C GLN A 72 3.74 -1.25 11.53
N ASN A 73 4.17 -2.47 11.87
CA ASN A 73 5.55 -2.88 11.64
C ASN A 73 6.01 -2.49 10.23
N CYS A 74 5.33 -3.02 9.22
CA CYS A 74 5.66 -2.73 7.84
C CYS A 74 5.57 -1.23 7.56
N THR A 75 4.54 -0.60 8.11
CA THR A 75 4.33 0.83 7.91
C THR A 75 5.53 1.63 8.39
N ARG A 76 6.43 0.97 9.11
CA ARG A 76 7.63 1.62 9.62
C ARG A 76 8.89 1.02 8.99
N ALA A 77 8.78 -0.21 8.52
CA ALA A 77 9.90 -0.89 7.90
C ALA A 77 10.18 -0.33 6.51
N ILE A 78 9.13 -0.16 5.71
CA ILE A 78 9.26 0.38 4.37
C ILE A 78 9.16 1.90 4.37
N ASN A 79 8.46 2.44 5.36
CA ASN A 79 8.29 3.89 5.48
C ASN A 79 9.64 4.58 5.63
N ASN A 80 9.82 5.69 4.92
CA ASN A 80 11.06 6.44 4.96
C ASN A 80 12.23 5.60 4.49
N LYS A 81 12.02 4.82 3.44
CA LYS A 81 13.06 3.97 2.87
C LYS A 81 12.98 3.95 1.35
N GLN A 82 14.06 3.49 0.72
CA GLN A 82 14.12 3.42 -0.74
C GLN A 82 14.02 1.98 -1.21
N LEU A 83 13.01 1.69 -2.01
CA LEU A 83 12.80 0.35 -2.54
C LEU A 83 12.69 0.38 -4.07
N PHE A 84 13.43 -0.52 -4.72
CA PHE A 84 13.41 -0.61 -6.17
C PHE A 84 13.76 0.74 -6.80
N GLY A 85 14.66 1.48 -6.14
CA GLY A 85 15.06 2.77 -6.64
C GLY A 85 13.92 3.77 -6.66
N ARG A 86 13.26 3.94 -5.52
CA ARG A 86 12.15 4.87 -5.41
C ARG A 86 11.67 4.98 -3.96
N VAL A 87 11.85 6.16 -3.37
CA VAL A 87 11.44 6.40 -2.00
C VAL A 87 9.97 6.04 -1.79
N ILE A 88 9.74 4.95 -1.05
CA ILE A 88 8.37 4.50 -0.79
C ILE A 88 7.84 5.12 0.50
N LYS A 89 6.62 5.65 0.43
CA LYS A 89 6.00 6.27 1.60
C LYS A 89 4.94 5.34 2.20
N ALA A 90 5.10 5.02 3.48
CA ALA A 90 4.16 4.15 4.17
C ALA A 90 3.47 4.89 5.32
N SER A 91 2.15 4.76 5.40
CA SER A 91 1.38 5.41 6.45
C SER A 91 0.11 4.63 6.76
N ILE A 92 -0.30 4.67 8.02
CA ILE A 92 -1.51 3.97 8.45
C ILE A 92 -2.76 4.62 7.88
N ALA A 93 -3.47 3.88 7.02
CA ALA A 93 -4.69 4.38 6.40
C ALA A 93 -5.91 4.05 7.25
N ILE A 94 -6.21 4.91 8.22
CA ILE A 94 -7.36 4.69 9.10
C ILE A 94 -8.61 5.32 8.51
#